data_8Z9Q
#
_entry.id   8Z9Q
#
_cell.length_a   1.00
_cell.length_b   1.00
_cell.length_c   1.00
_cell.angle_alpha   90.00
_cell.angle_beta   90.00
_cell.angle_gamma   90.00
#
_symmetry.space_group_name_H-M   'P 1'
#
loop_
_entity.id
_entity.type
_entity.pdbx_description
1 polymer 'Polymerase acidic protein'
2 polymer 'RNA-directed RNA polymerase catalytic subunit'
3 polymer 'Polymerase basic protein 2'
4 polymer "RNA (5'-D(*(ATP))-R(P*GP*CP*AP*AP*AP*AP*AP*CP*A)-3')"
#
loop_
_entity_poly.entity_id
_entity_poly.type
_entity_poly.pdbx_seq_one_letter_code
_entity_poly.pdbx_strand_id
1 'polypeptide(L)'
;MTDRPDHIDSRVWELSETQEDWITQVHGHVRRVVECWKYTICCLISNMHTHRGAPQYDVFKWQDRSTIEWICSKKKVQYP
ERDTPDLYDNERAVAYKVLLVSDLSDHSPTSGIYHDLAFNLEGEAEESCALVLRGSQLQDIKGFLCRALEWVVSNNLTQE
VVETISGEAKLQFSVGTTFRTLLKRDTDWDVIPTPRVEPNVPRIEGRRWTQMKKLPLLKEKEGPPSPWRALLLGADSEYI
VCPPGTDQEAISWIHSQSEIECIRESKSTPASVITCLTSSLQSFAEGNPVRSRIHEDIIAFGINKKQEKKQSASSSASGE
WKRAEYQVEEMSLPPWVEEEMVLLRSDQEDNWIELEKNAIYTEVDGVAEGLVDKYIEIVGRTKVASVIEKWQIAATRTFS
QLHTDRSRITACPIITRDPSGNCQFWGMVLLGPHHVKRDTDNAPLLIAEIMGEDTEEKYPKHSVFSLKVEEKQFLLSLKI
TSFSRNKLYTFSNIRRVLIQPASIYSQVVLSRAAENNSLNLEVNPEIQLYLEGAQRGMTLYQWVRMILCLEFLMAIYNNP
QMEGFLANMRRLHMSRHAMMERRQVFLPFGSRPEDKVNECIINNPIVAYLAKGWNSMPNVYY
;
A
2 'polypeptide(L)'
;MNLFTPLSEINPTTTQELLYAYTGPAPVAYGTRTRAVLENIIRPYQYFYKEPNVQRALDIKTGCKEPEDINVEGPSSGFH
TASVLKLADNFFRKYRPAMEKLKYWILVKLPKLKYAELSKGRQTYSFIHKRNLPAPIALEETVEFLEQNLRRKIGPTLLS
YCQAIADVMELDETTYEGARDPRPWDIQLEEIDSDEEDPLFRQVGREETYTIKFSREELWDQMRTLNTMWKHLERGRLNR
RTIATPSMLIRGFVKIVEDAAKEILENVPTSGVPVGGEEKLAKLASKQTFHTAVTGELSGDQEKFNECLDPDAMRLMWTV
FLRKLGCPDWIMELFNIPFMVFKSKLADMGEGLVYTKGKLTDRKPLGEMPSEFDDLVRNVVGNSISCRLGMFMGMYNLTS
TLLALISIEREELTGSHVESSDDFIHFFNCKTHEEMFKQAETLRLTLKLVGINMSPSKCILISPAGIGEFNSKFHHRDFV
GNVATELPALVPNGTNPMTDLAMGLNVIKHSVNTGQMNLCTGALAMRIFNHAYKYAYMALGVTRRTRFMEENAITPLLTN
QGASPVHSFSTMHLDEVALRRHLGLLDEETLRRILNPNNPVTQKGDPSMFFRIENKMPQIMEDYSVPSCFKYTLSRNRTI
QDKPHKALLNKEERYQRVTSIINKLFPEVLIQEASAPGTVRESLKRRLELVVERSDLDEERKKRILSRIF
;
B
3 'polypeptide(L)'
;MDREEPAESECTLRALVEEYNGACKEAPKEMSKQFTDYNTFKRYTTSKKDHAPQMRLVYSVRKPWPISMTPSKEIPLVFN
GTKLKDTILDLGESKRTRANIVVPDYWSKYGSQTSLEVVNAILYAEDLKVQRFFSTEWGEIRYGRMLPFRKPVQACPTIE
EVNPASIPHTLLQVFCPQYTTLDSKRKAHMGAVEKLKRVMEPICKVQTQESAVHIARSLIDSNKKWLPTVVDHTPRTAEM
AHFLCSKYHYVHTNTQDLSDTRSIDNLCGELVKRSLKCRCPKETLVANLDKITIQGRPMREVLADHDGELPYLGICRVAM
GLSTHHTMKIRSTKFSILNSDHPRIEVKKVFSLSPDVQVTIPYRRFKGKAKVYFQNDQIQGYFSCTDRQIDEIKISAPKN
APLLEPLLDICYYGSFIEPGFEQTFGFYPAGKREFVDSFFMHHSKDHKAFLIHMGLDKDLSLPLSPELNWKEPALSKVCR
VTELDSTVQPYTSATREFVLGETLNVYTQHENGLELLICPTEIRSTRGPLPPGTNLSGSEFIDIYQDPFSRAKSLLKSTI
LHAERCKEFVGNMLEEYQDPAETTVQSLVPINTWGKSAKRKLQEEITSDPDWHQCPRKRAKMSYLAIIAGSIQDRDKKQT
NVPRAFMLRGSQIEYDMKATRGLVVDTTNRIIVGGETVLREGKGGPEGYVQTGVFEEQPRCYLVDTPDHGLSMGLSRFCV
HSQGRYFQYEKKISIWEETDNIKATIDSQRDLKRRRDIEEMVSKRARIVLEVLFQGPGHHHHHHHHSADYKDDDDKGGWS
HPQFEKGGGSGGGGSGGSAWSHPQFEK
;
C
4 'polyribonucleotide' (ATP)GCAAAAACA D
#
loop_
_chem_comp.id
_chem_comp.type
_chem_comp.name
_chem_comp.formula
A RNA linking ADENOSINE-5'-MONOPHOSPHATE 'C10 H14 N5 O7 P'
ATP non-polymer ADENOSINE-5'-TRIPHOSPHATE 'C10 H16 N5 O13 P3'
C RNA linking CYTIDINE-5'-MONOPHOSPHATE 'C9 H14 N3 O8 P'
G RNA linking GUANOSINE-5'-MONOPHOSPHATE 'C10 H14 N5 O8 P'
#
# COMPACT_ATOMS: atom_id res chain seq x y z
N THR A 2 21.69 -31.95 -18.79
CA THR A 2 23.11 -31.70 -19.07
C THR A 2 23.28 -30.94 -20.37
N ASP A 3 24.29 -31.32 -21.15
CA ASP A 3 24.60 -30.66 -22.40
C ASP A 3 23.78 -31.27 -23.54
N ARG A 4 23.94 -30.72 -24.74
CA ARG A 4 23.19 -31.19 -25.89
C ARG A 4 23.71 -32.56 -26.35
N PRO A 5 22.84 -33.52 -26.61
CA PRO A 5 23.30 -34.80 -27.17
C PRO A 5 23.87 -34.60 -28.57
N ASP A 6 24.79 -35.51 -28.94
CA ASP A 6 25.49 -35.38 -30.21
C ASP A 6 24.54 -35.46 -31.40
N HIS A 7 23.59 -36.40 -31.36
CA HIS A 7 22.70 -36.61 -32.50
C HIS A 7 21.75 -35.43 -32.70
N ILE A 8 21.30 -34.81 -31.62
CA ILE A 8 20.42 -33.66 -31.71
C ILE A 8 21.23 -32.43 -32.10
N ASP A 9 20.83 -31.77 -33.17
CA ASP A 9 21.55 -30.58 -33.61
C ASP A 9 21.20 -29.38 -32.74
N SER A 10 21.95 -28.30 -32.93
CA SER A 10 21.82 -27.14 -32.05
C SER A 10 20.43 -26.51 -32.15
N ARG A 11 19.99 -26.20 -33.38
CA ARG A 11 18.77 -25.41 -33.55
C ARG A 11 17.60 -25.98 -32.76
N VAL A 12 17.42 -27.30 -32.81
CA VAL A 12 16.37 -27.94 -32.03
C VAL A 12 16.64 -27.76 -30.54
N TRP A 13 17.92 -27.80 -30.13
CA TRP A 13 18.24 -27.67 -28.71
C TRP A 13 17.86 -26.30 -28.18
N GLU A 14 18.30 -25.22 -28.82
CA GLU A 14 17.89 -23.90 -28.35
C GLU A 14 16.44 -23.58 -28.67
N LEU A 15 15.78 -24.35 -29.54
CA LEU A 15 14.34 -24.19 -29.68
C LEU A 15 13.60 -24.83 -28.51
N SER A 16 14.10 -25.97 -28.02
CA SER A 16 13.49 -26.68 -26.92
C SER A 16 13.92 -26.16 -25.55
N GLU A 17 14.91 -25.26 -25.50
CA GLU A 17 15.37 -24.72 -24.22
C GLU A 17 14.23 -24.14 -23.39
N THR A 18 13.23 -23.54 -24.04
CA THR A 18 12.21 -22.79 -23.34
C THR A 18 10.82 -23.42 -23.42
N GLN A 19 10.57 -24.29 -24.41
CA GLN A 19 9.22 -24.80 -24.67
C GLN A 19 8.56 -25.37 -23.42
N GLU A 20 9.34 -26.05 -22.58
CA GLU A 20 8.80 -26.61 -21.34
C GLU A 20 9.78 -26.38 -20.20
N ASP A 21 9.27 -26.42 -18.99
CA ASP A 21 10.09 -26.26 -17.78
C ASP A 21 10.69 -27.62 -17.44
N TRP A 22 11.82 -27.92 -18.08
CA TRP A 22 12.44 -29.23 -17.92
C TRP A 22 13.02 -29.42 -16.51
N ILE A 23 13.53 -28.36 -15.90
CA ILE A 23 14.24 -28.51 -14.64
C ILE A 23 13.30 -28.94 -13.52
N THR A 24 12.02 -28.62 -13.61
CA THR A 24 11.05 -28.97 -12.59
C THR A 24 10.40 -30.33 -12.86
N GLN A 25 10.83 -31.04 -13.89
CA GLN A 25 10.29 -32.35 -14.21
C GLN A 25 11.22 -33.44 -13.68
N VAL A 26 10.63 -34.61 -13.44
CA VAL A 26 11.39 -35.71 -12.81
C VAL A 26 12.56 -36.13 -13.70
N HIS A 27 12.33 -36.23 -15.00
CA HIS A 27 13.35 -36.63 -15.97
C HIS A 27 13.45 -35.57 -17.07
N GLY A 28 13.58 -34.31 -16.65
CA GLY A 28 13.45 -33.21 -17.59
C GLY A 28 14.45 -33.26 -18.73
N HIS A 29 15.68 -33.69 -18.46
CA HIS A 29 16.66 -33.81 -19.53
C HIS A 29 16.25 -34.87 -20.55
N VAL A 30 15.83 -36.04 -20.06
CA VAL A 30 15.41 -37.11 -20.96
C VAL A 30 14.12 -36.73 -21.69
N ARG A 31 13.20 -36.06 -20.99
CA ARG A 31 11.98 -35.59 -21.62
C ARG A 31 12.30 -34.59 -22.74
N ARG A 32 13.23 -33.67 -22.49
CA ARG A 32 13.63 -32.72 -23.51
C ARG A 32 14.26 -33.42 -24.69
N VAL A 33 15.08 -34.45 -24.43
CA VAL A 33 15.69 -35.21 -25.51
C VAL A 33 14.62 -35.90 -26.35
N VAL A 34 13.60 -36.46 -25.70
CA VAL A 34 12.53 -37.14 -26.43
C VAL A 34 11.75 -36.15 -27.29
N GLU A 35 11.42 -34.97 -26.74
CA GLU A 35 10.72 -33.98 -27.54
C GLU A 35 11.58 -33.47 -28.69
N CYS A 36 12.89 -33.38 -28.49
CA CYS A 36 13.79 -33.03 -29.58
C CYS A 36 13.78 -34.11 -30.66
N TRP A 37 13.71 -35.38 -30.24
CA TRP A 37 13.55 -36.46 -31.20
C TRP A 37 12.28 -36.27 -32.02
N LYS A 38 11.17 -35.95 -31.35
CA LYS A 38 9.91 -35.77 -32.05
C LYS A 38 9.99 -34.62 -33.04
N TYR A 39 10.59 -33.50 -32.64
CA TYR A 39 10.73 -32.37 -33.54
C TYR A 39 11.65 -32.70 -34.73
N THR A 40 12.72 -33.45 -34.48
CA THR A 40 13.61 -33.85 -35.57
C THR A 40 12.88 -34.76 -36.54
N ILE A 41 12.06 -35.67 -36.04
CA ILE A 41 11.26 -36.52 -36.92
C ILE A 41 10.29 -35.68 -37.74
N CYS A 42 9.68 -34.67 -37.09
CA CYS A 42 8.78 -33.77 -37.82
C CYS A 42 9.51 -33.05 -38.94
N CYS A 43 10.73 -32.57 -38.67
CA CYS A 43 11.51 -31.88 -39.69
C CYS A 43 11.91 -32.83 -40.82
N LEU A 44 12.28 -34.06 -40.49
CA LEU A 44 12.68 -35.02 -41.50
C LEU A 44 11.50 -35.40 -42.40
N ILE A 45 10.31 -35.52 -41.81
CA ILE A 45 9.12 -35.85 -42.61
C ILE A 45 8.85 -34.75 -43.63
N SER A 46 8.94 -33.49 -43.19
CA SER A 46 8.67 -32.37 -44.10
C SER A 46 9.78 -32.21 -45.12
N ASN A 47 10.99 -31.91 -44.66
CA ASN A 47 12.16 -31.71 -45.52
C ASN A 47 11.85 -30.74 -46.66
N MET A 48 12.35 -31.06 -47.86
CA MET A 48 12.14 -30.24 -49.04
C MET A 48 11.11 -30.95 -49.94
N HIS A 49 9.84 -30.70 -49.66
CA HIS A 49 8.75 -31.26 -50.46
C HIS A 49 7.70 -30.18 -50.71
N THR A 50 7.05 -30.28 -51.87
CA THR A 50 6.04 -29.31 -52.28
C THR A 50 4.84 -30.04 -52.85
N HIS A 51 3.69 -29.37 -52.80
CA HIS A 51 2.44 -29.93 -53.29
C HIS A 51 1.92 -29.18 -54.53
N ARG A 52 1.72 -27.87 -54.42
CA ARG A 52 1.28 -27.03 -55.53
C ARG A 52 2.10 -25.74 -55.56
N GLY A 53 3.41 -25.87 -55.41
CA GLY A 53 4.30 -24.74 -55.30
C GLY A 53 4.56 -24.28 -53.89
N ALA A 54 3.80 -24.78 -52.91
CA ALA A 54 3.97 -24.50 -51.50
C ALA A 54 4.46 -25.76 -50.78
N PRO A 55 5.13 -25.61 -49.64
CA PRO A 55 5.60 -26.79 -48.91
C PRO A 55 4.44 -27.71 -48.54
N GLN A 56 4.69 -29.02 -48.65
CA GLN A 56 3.64 -30.01 -48.45
C GLN A 56 3.25 -30.14 -46.99
N TYR A 57 4.18 -29.94 -46.07
CA TYR A 57 3.94 -30.12 -44.65
C TYR A 57 4.15 -28.82 -43.90
N ASP A 58 3.38 -28.66 -42.82
CA ASP A 58 3.51 -27.52 -41.91
C ASP A 58 3.88 -28.05 -40.54
N VAL A 59 5.04 -27.65 -40.03
CA VAL A 59 5.57 -28.15 -38.76
C VAL A 59 5.02 -27.24 -37.67
N PHE A 60 3.83 -27.59 -37.16
CA PHE A 60 3.20 -26.79 -36.11
C PHE A 60 3.92 -26.89 -34.78
N LYS A 61 4.68 -27.95 -34.56
CA LYS A 61 5.30 -28.18 -33.26
C LYS A 61 6.35 -27.11 -32.97
N TRP A 62 6.30 -26.55 -31.76
CA TRP A 62 7.26 -25.55 -31.31
C TRP A 62 7.27 -24.32 -32.22
N GLN A 63 6.08 -23.95 -32.72
CA GLN A 63 5.92 -22.83 -33.61
C GLN A 63 5.01 -21.81 -32.93
N ASP A 64 5.16 -20.54 -33.32
CA ASP A 64 4.40 -19.46 -32.72
C ASP A 64 2.91 -19.76 -32.84
N ARG A 65 2.20 -19.61 -31.72
CA ARG A 65 0.79 -19.98 -31.70
C ARG A 65 -0.05 -19.07 -32.60
N SER A 66 0.30 -17.79 -32.67
CA SER A 66 -0.41 -16.89 -33.57
C SER A 66 -0.24 -17.32 -35.02
N THR A 67 0.97 -17.76 -35.39
CA THR A 67 1.20 -18.29 -36.73
C THR A 67 0.37 -19.54 -36.96
N ILE A 68 0.29 -20.43 -35.96
CA ILE A 68 -0.52 -21.63 -36.10
C ILE A 68 -1.97 -21.27 -36.33
N GLU A 69 -2.48 -20.28 -35.59
CA GLU A 69 -3.86 -19.86 -35.76
C GLU A 69 -4.10 -19.21 -37.11
N TRP A 70 -3.11 -18.48 -37.64
CA TRP A 70 -3.23 -17.93 -39.00
C TRP A 70 -3.32 -19.05 -40.02
N ILE A 71 -2.41 -20.02 -39.93
CA ILE A 71 -2.40 -21.13 -40.88
C ILE A 71 -3.68 -21.95 -40.77
N CYS A 72 -4.25 -22.06 -39.57
CA CYS A 72 -5.51 -22.76 -39.39
C CYS A 72 -6.70 -21.93 -39.85
N SER A 73 -6.61 -20.60 -39.78
CA SER A 73 -7.63 -19.76 -40.38
C SER A 73 -7.67 -19.97 -41.88
N LYS A 74 -6.50 -20.05 -42.52
CA LYS A 74 -6.47 -20.63 -43.85
C LYS A 74 -6.72 -22.14 -43.75
N LYS A 75 -7.11 -22.74 -44.87
CA LYS A 75 -7.29 -24.19 -44.96
C LYS A 75 -8.52 -24.64 -44.18
N LYS A 76 -9.15 -23.72 -43.46
CA LYS A 76 -10.40 -23.95 -42.71
C LYS A 76 -10.28 -25.13 -41.76
N VAL A 77 -9.38 -24.99 -40.78
CA VAL A 77 -9.22 -25.95 -39.70
C VAL A 77 -9.06 -25.20 -38.39
N GLN A 78 -9.24 -25.93 -37.29
CA GLN A 78 -9.10 -25.35 -35.96
C GLN A 78 -8.64 -26.43 -34.99
N TYR A 79 -7.56 -26.14 -34.26
CA TYR A 79 -6.96 -27.13 -33.38
C TYR A 79 -6.79 -26.53 -31.98
N PRO A 80 -7.26 -27.21 -30.93
CA PRO A 80 -7.02 -26.72 -29.56
C PRO A 80 -5.52 -26.72 -29.25
N GLU A 81 -5.13 -25.79 -28.37
CA GLU A 81 -3.71 -25.60 -28.11
C GLU A 81 -3.10 -26.75 -27.33
N ARG A 82 -3.90 -27.48 -26.55
CA ARG A 82 -3.38 -28.59 -25.76
C ARG A 82 -3.40 -29.92 -26.52
N ASP A 83 -4.00 -29.96 -27.70
CA ASP A 83 -3.98 -31.13 -28.57
C ASP A 83 -3.64 -30.73 -30.00
N THR A 84 -2.67 -29.85 -30.15
CA THR A 84 -2.31 -29.37 -31.48
C THR A 84 -1.45 -30.40 -32.21
N PRO A 85 -1.85 -30.83 -33.41
CA PRO A 85 -1.01 -31.75 -34.17
C PRO A 85 0.32 -31.10 -34.54
N ASP A 86 1.35 -31.95 -34.64
CA ASP A 86 2.68 -31.47 -34.99
C ASP A 86 2.80 -31.14 -36.46
N LEU A 87 2.09 -31.85 -37.33
CA LEU A 87 2.25 -31.72 -38.77
C LEU A 87 0.88 -31.67 -39.44
N TYR A 88 0.86 -31.08 -40.63
CA TYR A 88 -0.32 -31.05 -41.48
C TYR A 88 0.12 -31.35 -42.90
N ASP A 89 -0.59 -32.28 -43.56
CA ASP A 89 -0.26 -32.72 -44.90
C ASP A 89 -1.23 -32.11 -45.90
N ASN A 90 -0.71 -31.38 -46.89
CA ASN A 90 -1.56 -30.79 -47.92
C ASN A 90 -2.01 -31.82 -48.95
N GLU A 91 -1.21 -32.88 -49.16
CA GLU A 91 -1.60 -33.91 -50.13
C GLU A 91 -2.88 -34.60 -49.70
N ARG A 92 -3.02 -34.93 -48.41
CA ARG A 92 -4.16 -35.67 -47.92
C ARG A 92 -5.11 -34.81 -47.09
N ALA A 93 -4.80 -33.54 -46.88
CA ALA A 93 -5.64 -32.62 -46.12
C ALA A 93 -5.93 -33.16 -44.71
N VAL A 94 -4.93 -33.76 -44.10
CA VAL A 94 -5.04 -34.30 -42.75
C VAL A 94 -3.82 -33.88 -41.93
N ALA A 95 -3.95 -34.00 -40.62
CA ALA A 95 -2.91 -33.60 -39.68
C ALA A 95 -2.34 -34.83 -38.98
N TYR A 96 -1.04 -34.82 -38.73
CA TYR A 96 -0.34 -35.93 -38.13
C TYR A 96 0.33 -35.52 -36.82
N LYS A 97 0.50 -36.49 -35.93
CA LYS A 97 1.18 -36.31 -34.66
C LYS A 97 2.30 -37.34 -34.56
N VAL A 98 3.53 -36.88 -34.37
CA VAL A 98 4.67 -37.78 -34.24
C VAL A 98 4.68 -38.34 -32.82
N LEU A 99 4.57 -39.67 -32.71
CA LEU A 99 4.50 -40.34 -31.42
C LEU A 99 5.53 -41.45 -31.37
N LEU A 100 6.09 -41.65 -30.18
CA LEU A 100 7.01 -42.74 -29.91
C LEU A 100 6.36 -43.70 -28.93
N VAL A 101 6.48 -45.00 -29.21
CA VAL A 101 5.85 -46.04 -28.40
C VAL A 101 6.91 -47.08 -28.06
N SER A 102 6.51 -48.06 -27.24
CA SER A 102 7.37 -49.18 -26.91
C SER A 102 7.25 -50.31 -27.93
N ASP A 103 6.01 -50.67 -28.28
CA ASP A 103 5.75 -51.67 -29.31
C ASP A 103 4.68 -51.17 -30.26
N LEU A 104 4.80 -51.56 -31.53
CA LEU A 104 3.84 -51.13 -32.53
C LEU A 104 2.56 -51.96 -32.51
N SER A 105 2.57 -53.12 -31.86
CA SER A 105 1.36 -53.94 -31.78
C SER A 105 0.28 -53.26 -30.96
N ASP A 106 0.64 -52.67 -29.83
CA ASP A 106 -0.33 -52.02 -28.94
C ASP A 106 -0.41 -50.53 -29.27
N HIS A 107 -1.03 -50.26 -30.42
CA HIS A 107 -1.26 -48.89 -30.87
C HIS A 107 -2.70 -48.73 -31.33
N SER A 108 -3.32 -47.64 -30.91
CA SER A 108 -4.68 -47.30 -31.29
C SER A 108 -4.73 -45.81 -31.60
N PRO A 109 -5.68 -45.38 -32.43
CA PRO A 109 -5.82 -43.94 -32.73
C PRO A 109 -6.09 -43.16 -31.45
N THR A 110 -5.24 -42.17 -31.18
CA THR A 110 -5.37 -41.37 -29.97
C THR A 110 -6.67 -40.58 -29.98
N SER A 111 -7.00 -39.96 -31.10
CA SER A 111 -8.24 -39.19 -31.23
C SER A 111 -8.58 -39.05 -32.70
N GLY A 112 -9.84 -38.66 -32.95
CA GLY A 112 -10.30 -38.47 -34.32
C GLY A 112 -9.90 -37.16 -34.96
N ILE A 113 -9.40 -36.20 -34.17
CA ILE A 113 -8.98 -34.93 -34.72
C ILE A 113 -7.78 -35.11 -35.64
N TYR A 114 -6.83 -35.95 -35.24
CA TYR A 114 -5.57 -36.12 -35.94
C TYR A 114 -5.17 -37.59 -35.96
N HIS A 115 -4.36 -37.94 -36.95
CA HIS A 115 -3.83 -39.28 -37.08
C HIS A 115 -2.48 -39.41 -36.38
N ASP A 116 -2.11 -40.65 -36.06
CA ASP A 116 -0.93 -40.93 -35.24
C ASP A 116 0.19 -41.51 -36.09
N LEU A 117 1.40 -41.01 -35.87
CA LEU A 117 2.62 -41.57 -36.46
C LEU A 117 3.41 -42.20 -35.32
N ALA A 118 3.56 -43.52 -35.36
CA ALA A 118 4.13 -44.27 -34.25
C ALA A 118 5.48 -44.85 -34.62
N PHE A 119 6.38 -44.90 -33.64
CA PHE A 119 7.69 -45.53 -33.78
C PHE A 119 8.04 -46.18 -32.46
N ASN A 120 8.68 -47.34 -32.51
CA ASN A 120 8.98 -48.13 -31.33
C ASN A 120 10.43 -47.98 -30.85
N LEU A 121 11.14 -46.97 -31.34
CA LEU A 121 12.47 -46.52 -30.90
C LEU A 121 13.64 -47.34 -31.46
N GLU A 122 13.43 -48.34 -32.30
CA GLU A 122 14.54 -48.97 -33.02
C GLU A 122 14.41 -48.77 -34.53
N GLY A 123 13.57 -47.84 -34.97
CA GLY A 123 13.57 -47.44 -36.36
C GLY A 123 12.31 -47.74 -37.15
N GLU A 124 11.74 -48.93 -36.95
CA GLU A 124 10.59 -49.32 -37.74
C GLU A 124 9.35 -48.55 -37.31
N ALA A 125 8.40 -48.44 -38.23
CA ALA A 125 7.21 -47.62 -38.06
C ALA A 125 5.95 -48.45 -38.20
N GLU A 126 4.83 -47.86 -37.80
CA GLU A 126 3.53 -48.48 -37.96
C GLU A 126 3.21 -48.62 -39.45
N GLU A 127 2.38 -49.62 -39.77
CA GLU A 127 2.00 -49.83 -41.17
C GLU A 127 1.31 -48.61 -41.75
N SER A 128 0.54 -47.88 -40.94
CA SER A 128 -0.07 -46.65 -41.41
C SER A 128 0.99 -45.62 -41.81
N CYS A 129 2.07 -45.53 -41.04
CA CYS A 129 3.16 -44.63 -41.40
C CYS A 129 3.77 -45.01 -42.73
N ALA A 130 3.96 -46.31 -42.97
CA ALA A 130 4.49 -46.76 -44.26
C ALA A 130 3.53 -46.42 -45.39
N LEU A 131 2.22 -46.60 -45.17
CA LEU A 131 1.24 -46.24 -46.19
C LEU A 131 1.16 -44.74 -46.42
N VAL A 132 1.59 -43.94 -45.45
CA VAL A 132 1.54 -42.48 -45.56
C VAL A 132 2.90 -41.89 -45.98
N LEU A 133 3.95 -42.23 -45.24
CA LEU A 133 5.25 -41.62 -45.48
C LEU A 133 5.96 -42.28 -46.65
N ARG A 134 6.88 -41.53 -47.25
CA ARG A 134 7.68 -42.00 -48.36
C ARG A 134 8.77 -42.95 -47.85
N GLY A 135 9.40 -43.66 -48.79
CA GLY A 135 10.49 -44.54 -48.43
C GLY A 135 11.70 -43.79 -47.90
N SER A 136 12.04 -42.66 -48.54
CA SER A 136 13.18 -41.87 -48.08
C SER A 136 12.93 -41.30 -46.69
N GLN A 137 11.72 -40.82 -46.43
CA GLN A 137 11.39 -40.30 -45.11
C GLN A 137 11.50 -41.39 -44.04
N LEU A 138 11.00 -42.59 -44.35
CA LEU A 138 11.10 -43.70 -43.41
C LEU A 138 12.56 -44.08 -43.18
N GLN A 139 13.37 -44.05 -44.23
CA GLN A 139 14.79 -44.37 -44.08
C GLN A 139 15.49 -43.33 -43.21
N ASP A 140 15.14 -42.05 -43.38
CA ASP A 140 15.73 -41.01 -42.53
C ASP A 140 15.30 -41.18 -41.07
N ILE A 141 14.04 -41.52 -40.84
CA ILE A 141 13.58 -41.74 -39.47
C ILE A 141 14.31 -42.94 -38.86
N LYS A 142 14.50 -43.99 -39.66
CA LYS A 142 15.33 -45.13 -39.22
C LYS A 142 16.73 -44.67 -38.83
N GLY A 143 17.37 -43.90 -39.70
CA GLY A 143 18.74 -43.47 -39.48
C GLY A 143 18.89 -42.44 -38.39
N PHE A 144 17.80 -41.85 -37.92
CA PHE A 144 17.86 -40.99 -36.73
C PHE A 144 17.58 -41.76 -35.45
N LEU A 145 16.50 -42.56 -35.43
CA LEU A 145 16.17 -43.33 -34.25
C LEU A 145 17.29 -44.31 -33.90
N CYS A 146 17.85 -44.98 -34.90
CA CYS A 146 19.18 -45.54 -34.75
C CYS A 146 20.17 -44.40 -34.86
N ARG A 147 21.22 -44.46 -34.05
CA ARG A 147 22.22 -43.47 -33.62
C ARG A 147 21.63 -42.45 -32.66
N ALA A 148 20.32 -42.47 -32.39
CA ALA A 148 19.84 -41.94 -31.12
C ALA A 148 19.77 -43.03 -30.05
N LEU A 149 19.43 -44.25 -30.45
CA LEU A 149 19.39 -45.37 -29.52
C LEU A 149 20.79 -45.69 -28.99
N GLU A 150 21.83 -45.47 -29.79
CA GLU A 150 23.18 -45.71 -29.30
C GLU A 150 23.54 -44.71 -28.21
N TRP A 151 23.09 -43.45 -28.34
CA TRP A 151 23.30 -42.49 -27.28
C TRP A 151 22.49 -42.85 -26.04
N VAL A 152 21.29 -43.38 -26.23
CA VAL A 152 20.48 -43.83 -25.09
C VAL A 152 21.19 -44.94 -24.33
N VAL A 153 21.70 -45.93 -25.07
CA VAL A 153 22.33 -47.10 -24.43
C VAL A 153 23.66 -46.71 -23.80
N SER A 154 24.44 -45.88 -24.48
CA SER A 154 25.78 -45.53 -23.99
C SER A 154 25.71 -44.82 -22.65
N ASN A 155 24.76 -43.90 -22.49
CA ASN A 155 24.59 -43.18 -21.24
C ASN A 155 23.70 -43.92 -20.25
N ASN A 156 23.19 -45.10 -20.63
CA ASN A 156 22.38 -45.95 -19.76
C ASN A 156 21.15 -45.19 -19.26
N LEU A 157 20.29 -44.80 -20.20
CA LEU A 157 19.05 -44.11 -19.90
C LEU A 157 17.85 -44.84 -20.47
N THR A 158 17.96 -46.16 -20.63
CA THR A 158 16.87 -46.93 -21.24
C THR A 158 15.60 -46.86 -20.39
N GLN A 159 15.74 -47.08 -19.08
CA GLN A 159 14.58 -47.05 -18.20
C GLN A 159 13.97 -45.66 -18.13
N GLU A 160 14.82 -44.63 -18.08
CA GLU A 160 14.32 -43.25 -18.07
C GLU A 160 13.56 -42.93 -19.35
N VAL A 161 14.10 -43.35 -20.49
CA VAL A 161 13.42 -43.12 -21.77
C VAL A 161 12.07 -43.84 -21.79
N VAL A 162 12.05 -45.09 -21.33
CA VAL A 162 10.80 -45.86 -21.31
C VAL A 162 9.77 -45.18 -20.42
N GLU A 163 10.20 -44.69 -19.25
CA GLU A 163 9.28 -43.99 -18.37
C GLU A 163 8.78 -42.70 -19.01
N THR A 164 9.66 -41.98 -19.71
CA THR A 164 9.25 -40.74 -20.37
C THR A 164 8.21 -41.01 -21.46
N ILE A 165 8.41 -42.08 -22.24
CA ILE A 165 7.46 -42.42 -23.30
C ILE A 165 6.10 -42.78 -22.72
N SER A 166 6.08 -43.55 -21.64
CA SER A 166 4.83 -44.08 -21.11
C SER A 166 3.94 -42.96 -20.57
N GLY A 167 4.41 -42.24 -19.56
CA GLY A 167 3.59 -41.25 -18.88
C GLY A 167 3.93 -39.83 -19.29
N GLU A 168 3.15 -38.90 -18.73
CA GLU A 168 3.33 -37.47 -18.97
C GLU A 168 4.34 -36.90 -17.97
N ALA A 169 4.56 -35.59 -18.05
CA ALA A 169 5.53 -34.93 -17.19
C ALA A 169 5.04 -34.92 -15.74
N LYS A 170 5.97 -35.13 -14.82
CA LYS A 170 5.69 -35.14 -13.40
C LYS A 170 6.50 -34.04 -12.73
N LEU A 171 5.84 -33.24 -11.89
CA LEU A 171 6.48 -32.13 -11.21
C LEU A 171 7.33 -32.61 -10.05
N GLN A 172 8.42 -31.89 -9.77
CA GLN A 172 9.31 -32.22 -8.67
C GLN A 172 10.11 -30.99 -8.28
N PHE A 173 10.73 -31.07 -7.11
CA PHE A 173 11.64 -30.05 -6.63
C PHE A 173 12.71 -30.74 -5.80
N SER A 174 13.97 -30.44 -6.07
CA SER A 174 15.09 -31.19 -5.50
C SER A 174 15.99 -30.29 -4.67
N VAL A 175 16.37 -30.77 -3.50
CA VAL A 175 17.36 -30.13 -2.64
C VAL A 175 18.52 -31.12 -2.48
N GLY A 176 19.72 -30.68 -2.87
CA GLY A 176 20.87 -31.54 -2.82
C GLY A 176 21.55 -31.54 -1.45
N THR A 177 22.73 -32.16 -1.41
CA THR A 177 23.38 -32.42 -0.13
C THR A 177 23.95 -31.15 0.50
N THR A 178 24.62 -30.31 -0.30
CA THR A 178 25.36 -29.20 0.29
C THR A 178 24.41 -28.11 0.81
N PHE A 179 23.39 -27.76 0.02
CA PHE A 179 22.39 -26.82 0.50
C PHE A 179 21.65 -27.38 1.72
N ARG A 180 21.45 -28.70 1.76
CA ARG A 180 20.84 -29.33 2.91
C ARG A 180 21.72 -29.15 4.16
N THR A 181 23.03 -29.34 4.01
CA THR A 181 23.93 -29.14 5.14
C THR A 181 23.94 -27.69 5.59
N LEU A 182 23.91 -26.75 4.65
CA LEU A 182 23.82 -25.35 5.02
C LEU A 182 22.53 -25.06 5.77
N LEU A 183 21.42 -25.65 5.33
CA LEU A 183 20.14 -25.43 5.99
C LEU A 183 20.12 -26.00 7.40
N LYS A 184 20.73 -27.16 7.60
CA LYS A 184 20.74 -27.83 8.89
C LYS A 184 21.68 -27.20 9.91
N ARG A 185 22.30 -26.07 9.59
CA ARG A 185 23.33 -25.52 10.47
C ARG A 185 22.75 -25.00 11.77
N ASP A 186 21.62 -24.28 11.71
CA ASP A 186 21.10 -23.55 12.85
C ASP A 186 19.77 -24.10 13.34
N THR A 187 19.58 -25.42 13.24
CA THR A 187 18.38 -26.06 13.74
C THR A 187 18.73 -27.44 14.24
N ASP A 188 17.90 -27.95 15.14
CA ASP A 188 18.09 -29.27 15.72
C ASP A 188 17.37 -30.37 14.96
N TRP A 189 16.64 -30.02 13.91
CA TRP A 189 15.85 -30.98 13.15
C TRP A 189 16.35 -31.06 11.71
N ASP A 190 15.84 -32.04 10.99
CA ASP A 190 16.18 -32.24 9.59
C ASP A 190 15.44 -31.20 8.73
N VAL A 191 15.59 -31.33 7.41
CA VAL A 191 14.83 -30.45 6.51
C VAL A 191 13.34 -30.68 6.70
N ILE A 192 12.93 -31.94 6.78
CA ILE A 192 11.57 -32.30 7.17
C ILE A 192 11.62 -32.66 8.65
N PRO A 193 11.09 -31.82 9.54
CA PRO A 193 11.21 -32.10 10.99
C PRO A 193 10.37 -33.31 11.38
N THR A 194 11.02 -34.30 11.98
CA THR A 194 10.36 -35.49 12.50
C THR A 194 10.83 -35.73 13.94
N PRO A 195 10.40 -34.88 14.87
CA PRO A 195 10.76 -35.11 16.27
C PRO A 195 10.12 -36.36 16.82
N ARG A 196 10.85 -37.06 17.69
CA ARG A 196 10.40 -38.33 18.24
C ARG A 196 9.72 -38.13 19.60
N VAL A 197 8.66 -37.33 19.57
CA VAL A 197 7.86 -37.05 20.78
C VAL A 197 6.40 -37.32 20.46
N GLU A 198 5.70 -37.90 21.42
CA GLU A 198 4.28 -38.19 21.26
C GLU A 198 3.48 -36.89 21.39
N PRO A 199 2.62 -36.58 20.41
CA PRO A 199 1.81 -35.35 20.51
C PRO A 199 0.97 -35.34 21.78
N ASN A 200 0.93 -34.18 22.43
CA ASN A 200 0.21 -34.01 23.68
C ASN A 200 0.17 -32.53 24.04
N VAL A 201 -0.90 -32.12 24.71
CA VAL A 201 -1.04 -30.77 25.26
C VAL A 201 -0.88 -30.87 26.77
N PRO A 202 0.24 -30.43 27.33
CA PRO A 202 0.45 -30.56 28.78
C PRO A 202 -0.50 -29.66 29.56
N ARG A 203 -0.78 -30.08 30.79
CA ARG A 203 -1.54 -29.26 31.72
C ARG A 203 -0.58 -28.39 32.53
N ILE A 204 -0.70 -27.08 32.37
CA ILE A 204 0.20 -26.12 33.00
C ILE A 204 -0.61 -25.31 34.00
N GLU A 205 -0.10 -25.18 35.22
CA GLU A 205 -0.75 -24.36 36.22
C GLU A 205 -0.59 -22.89 35.88
N GLY A 206 -1.71 -22.16 35.89
CA GLY A 206 -1.72 -20.75 35.59
C GLY A 206 -2.10 -19.91 36.80
N ARG A 207 -2.04 -18.60 36.62
CA ARG A 207 -2.39 -17.66 37.67
C ARG A 207 -3.89 -17.37 37.63
N ARG A 208 -4.33 -16.52 38.55
CA ARG A 208 -5.75 -16.25 38.74
C ARG A 208 -6.12 -14.93 38.10
N TRP A 209 -7.31 -14.88 37.51
CA TRP A 209 -7.82 -13.64 36.92
C TRP A 209 -8.58 -12.84 37.97
N THR A 210 -8.19 -11.58 38.15
CA THR A 210 -8.80 -10.70 39.12
C THR A 210 -9.74 -9.72 38.42
N GLN A 211 -10.45 -8.95 39.24
CA GLN A 211 -11.41 -7.96 38.74
C GLN A 211 -10.89 -6.55 38.98
N MET A 212 -11.04 -5.70 37.98
CA MET A 212 -10.73 -4.28 38.13
C MET A 212 -11.97 -3.62 38.73
N LYS A 213 -12.06 -3.64 40.06
CA LYS A 213 -13.24 -3.13 40.74
C LYS A 213 -13.38 -1.63 40.55
N LYS A 214 -12.29 -0.90 40.63
CA LYS A 214 -12.29 0.55 40.44
C LYS A 214 -11.40 0.91 39.25
N LEU A 215 -11.75 2.00 38.58
CA LEU A 215 -11.01 2.43 37.41
C LEU A 215 -9.63 2.92 37.79
N PRO A 216 -8.64 2.75 36.91
CA PRO A 216 -7.29 3.20 37.23
C PRO A 216 -7.20 4.70 37.39
N LEU A 217 -6.25 5.13 38.20
CA LEU A 217 -5.98 6.55 38.46
C LEU A 217 -4.63 6.88 37.82
N LEU A 218 -4.66 7.74 36.81
CA LEU A 218 -3.44 8.07 36.09
C LEU A 218 -2.52 8.95 36.93
N LYS A 219 -1.23 8.88 36.64
CA LYS A 219 -0.21 9.58 37.41
C LYS A 219 -0.05 11.00 36.91
N GLU A 220 -0.13 11.96 37.82
CA GLU A 220 0.11 13.36 37.52
C GLU A 220 1.56 13.67 37.86
N LYS A 221 2.33 14.08 36.85
CA LYS A 221 3.76 14.28 37.04
C LYS A 221 4.04 15.55 37.84
N GLU A 222 5.24 15.62 38.39
CA GLU A 222 5.68 16.75 39.20
C GLU A 222 6.92 17.38 38.56
N GLY A 223 6.96 18.70 38.55
CA GLY A 223 8.05 19.44 37.97
C GLY A 223 7.62 20.81 37.52
N PRO A 224 8.48 21.50 36.79
CA PRO A 224 8.10 22.81 36.28
C PRO A 224 6.98 22.67 35.27
N PRO A 225 6.09 23.67 35.21
CA PRO A 225 4.98 23.60 34.24
C PRO A 225 5.48 23.66 32.81
N SER A 226 4.76 22.98 31.93
CA SER A 226 5.18 22.91 30.53
C SER A 226 4.98 24.25 29.85
N PRO A 227 6.00 24.80 29.21
CA PRO A 227 5.79 26.02 28.41
C PRO A 227 5.03 25.69 27.13
N TRP A 228 4.53 26.74 26.48
CA TRP A 228 3.86 26.57 25.21
C TRP A 228 4.90 26.21 24.15
N ARG A 229 4.73 25.05 23.52
CA ARG A 229 5.71 24.49 22.61
C ARG A 229 5.07 24.07 21.30
N ALA A 230 4.25 24.96 20.73
CA ALA A 230 3.66 24.76 19.42
C ALA A 230 4.29 25.70 18.41
N LEU A 231 3.98 25.45 17.13
CA LEU A 231 4.54 26.26 16.06
C LEU A 231 4.09 27.71 16.15
N LEU A 232 2.82 27.93 16.48
CA LEU A 232 2.23 29.27 16.51
C LEU A 232 1.62 29.53 17.89
N LEU A 233 0.98 30.70 18.02
CA LEU A 233 0.58 31.19 19.35
C LEU A 233 -0.66 30.48 19.90
N GLY A 234 -1.63 30.18 19.05
CA GLY A 234 -2.86 29.55 19.51
C GLY A 234 -3.90 30.56 19.92
N ALA A 235 -4.44 30.40 21.13
CA ALA A 235 -5.53 31.26 21.59
C ALA A 235 -5.08 32.69 21.83
N ASP A 236 -3.80 32.93 22.11
CA ASP A 236 -3.29 34.27 22.31
C ASP A 236 -3.01 35.00 21.00
N SER A 237 -3.54 34.51 19.89
CA SER A 237 -3.27 35.10 18.59
C SER A 237 -4.22 36.27 18.33
N GLU A 238 -3.66 37.36 17.82
CA GLU A 238 -4.40 38.55 17.47
C GLU A 238 -3.97 39.02 16.08
N TYR A 239 -4.77 39.89 15.50
CA TYR A 239 -4.47 40.47 14.20
C TYR A 239 -4.66 41.98 14.23
N ILE A 240 -3.94 42.68 13.37
CA ILE A 240 -4.06 44.11 13.19
C ILE A 240 -4.98 44.38 12.01
N VAL A 241 -6.03 45.16 12.24
CA VAL A 241 -6.93 45.54 11.15
C VAL A 241 -6.25 46.58 10.27
N CYS A 242 -6.24 46.33 8.98
CA CYS A 242 -5.57 47.18 8.00
C CYS A 242 -6.57 47.64 6.94
N PRO A 243 -6.30 48.78 6.29
CA PRO A 243 -7.20 49.24 5.23
C PRO A 243 -7.24 48.24 4.09
N PRO A 244 -8.35 48.17 3.37
CA PRO A 244 -8.48 47.18 2.29
C PRO A 244 -7.41 47.35 1.22
N GLY A 245 -6.96 46.23 0.68
CA GLY A 245 -5.93 46.25 -0.34
C GLY A 245 -5.30 44.88 -0.47
N THR A 246 -4.11 44.87 -1.08
CA THR A 246 -3.36 43.65 -1.27
C THR A 246 -2.47 43.39 -0.05
N ASP A 247 -1.77 42.25 -0.06
CA ASP A 247 -0.85 41.95 1.02
C ASP A 247 0.29 42.96 1.07
N GLN A 248 0.81 43.36 -0.09
CA GLN A 248 1.88 44.34 -0.14
C GLN A 248 1.43 45.67 0.45
N GLU A 249 0.20 46.10 0.14
CA GLU A 249 -0.31 47.35 0.68
C GLU A 249 -0.45 47.28 2.20
N ALA A 250 -0.95 46.16 2.72
CA ALA A 250 -1.07 46.01 4.17
C ALA A 250 0.28 46.01 4.85
N ILE A 251 1.26 45.31 4.28
CA ILE A 251 2.59 45.27 4.87
C ILE A 251 3.23 46.66 4.84
N SER A 252 3.05 47.40 3.75
CA SER A 252 3.57 48.76 3.68
C SER A 252 2.89 49.65 4.72
N TRP A 253 1.58 49.50 4.89
CA TRP A 253 0.86 50.28 5.89
C TRP A 253 1.38 49.99 7.29
N ILE A 254 1.61 48.71 7.60
CA ILE A 254 2.12 48.36 8.92
C ILE A 254 3.52 48.90 9.12
N HIS A 255 4.41 48.69 8.14
CA HIS A 255 5.80 49.09 8.30
C HIS A 255 5.98 50.60 8.36
N SER A 256 5.13 51.35 7.65
CA SER A 256 5.30 52.80 7.61
C SER A 256 4.87 53.47 8.91
N GLN A 257 3.92 52.89 9.63
CA GLN A 257 3.40 53.51 10.84
C GLN A 257 3.56 52.60 12.07
N SER A 258 4.72 51.99 12.25
CA SER A 258 4.97 51.11 13.37
C SER A 258 6.21 51.55 14.13
N GLU A 259 6.12 51.51 15.46
CA GLU A 259 7.25 51.70 16.34
C GLU A 259 7.41 50.47 17.21
N ILE A 260 8.61 49.89 17.21
CA ILE A 260 8.87 48.62 17.88
C ILE A 260 9.89 48.85 18.99
N GLU A 261 9.54 48.43 20.20
CA GLU A 261 10.45 48.46 21.33
C GLU A 261 10.32 47.15 22.10
N CYS A 262 11.45 46.63 22.57
CA CYS A 262 11.44 45.36 23.28
C CYS A 262 10.87 45.53 24.68
N ILE A 263 9.92 44.65 25.03
CA ILE A 263 9.33 44.65 26.36
C ILE A 263 10.00 43.57 27.20
N ARG A 264 9.91 42.32 26.75
CA ARG A 264 10.53 41.19 27.42
C ARG A 264 11.50 40.52 26.46
N GLU A 265 12.74 40.35 26.90
CA GLU A 265 13.78 39.73 26.11
C GLU A 265 14.05 38.32 26.63
N SER A 266 14.18 37.37 25.70
CA SER A 266 14.48 35.99 26.02
C SER A 266 15.86 35.64 25.50
N LYS A 267 16.60 34.82 26.26
CA LYS A 267 17.91 34.38 25.79
C LYS A 267 17.78 33.45 24.59
N SER A 268 16.69 32.69 24.51
CA SER A 268 16.48 31.81 23.36
C SER A 268 16.32 32.61 22.08
N THR A 269 15.56 33.70 22.14
CA THR A 269 15.33 34.59 20.99
C THR A 269 15.83 35.98 21.36
N PRO A 270 17.08 36.31 21.03
CA PRO A 270 17.61 37.63 21.39
C PRO A 270 16.84 38.74 20.71
N ALA A 271 16.80 39.91 21.38
CA ALA A 271 16.08 41.05 20.85
C ALA A 271 16.72 41.63 19.59
N SER A 272 17.93 41.21 19.25
CA SER A 272 18.61 41.71 18.06
C SER A 272 18.00 41.17 16.77
N VAL A 273 17.15 40.13 16.83
CA VAL A 273 16.56 39.57 15.62
C VAL A 273 15.37 40.37 15.14
N ILE A 274 14.98 41.44 15.84
CA ILE A 274 13.93 42.33 15.35
C ILE A 274 14.37 43.02 14.07
N THR A 275 15.69 43.18 13.88
CA THR A 275 16.20 43.78 12.66
C THR A 275 15.85 42.93 11.44
N CYS A 276 15.92 41.60 11.58
CA CYS A 276 15.54 40.73 10.48
C CYS A 276 14.09 40.92 10.09
N LEU A 277 13.19 40.99 11.07
CA LEU A 277 11.77 41.19 10.77
C LEU A 277 11.51 42.55 10.15
N THR A 278 12.17 43.60 10.65
CA THR A 278 11.99 44.92 10.07
C THR A 278 12.49 44.96 8.64
N SER A 279 13.65 44.34 8.37
CA SER A 279 14.17 44.28 7.02
C SER A 279 13.22 43.51 6.10
N SER A 280 12.66 42.41 6.58
CA SER A 280 11.71 41.65 5.78
C SER A 280 10.45 42.46 5.48
N LEU A 281 9.95 43.18 6.48
CA LEU A 281 8.78 44.04 6.25
C LEU A 281 9.08 45.12 5.21
N GLN A 282 10.24 45.76 5.33
CA GLN A 282 10.61 46.80 4.39
C GLN A 282 10.76 46.25 2.98
N SER A 283 11.38 45.08 2.84
CA SER A 283 11.56 44.47 1.52
C SER A 283 10.22 44.05 0.93
N PHE A 284 9.33 43.48 1.75
CA PHE A 284 8.04 43.03 1.24
C PHE A 284 7.17 44.21 0.85
N ALA A 285 7.26 45.32 1.59
CA ALA A 285 6.52 46.52 1.21
C ALA A 285 6.99 47.06 -0.14
N GLU A 286 8.25 46.82 -0.50
CA GLU A 286 8.80 47.28 -1.77
C GLU A 286 8.50 46.34 -2.92
N GLY A 287 7.87 45.21 -2.65
CA GLY A 287 7.56 44.24 -3.69
C GLY A 287 8.49 43.05 -3.77
N ASN A 288 9.44 42.92 -2.85
CA ASN A 288 10.40 41.82 -2.87
C ASN A 288 10.18 40.91 -1.66
N PRO A 289 9.48 39.79 -1.81
CA PRO A 289 9.31 38.86 -0.67
C PRO A 289 10.60 38.17 -0.25
N VAL A 290 11.65 38.23 -1.05
CA VAL A 290 12.92 37.59 -0.75
C VAL A 290 14.00 38.67 -0.71
N ARG A 291 14.79 38.67 0.37
CA ARG A 291 15.82 39.67 0.58
C ARG A 291 17.15 38.98 0.83
N SER A 292 18.21 39.78 0.84
CA SER A 292 19.56 39.27 1.06
C SER A 292 19.75 38.97 2.55
N ARG A 293 20.97 38.59 2.92
CA ARG A 293 21.29 38.19 4.29
C ARG A 293 21.93 39.36 5.03
N ILE A 294 21.45 39.61 6.25
CA ILE A 294 22.04 40.62 7.12
C ILE A 294 22.80 39.90 8.24
N HIS A 295 23.52 40.68 9.04
CA HIS A 295 24.36 40.09 10.08
C HIS A 295 23.52 39.37 11.14
N GLU A 296 22.37 39.93 11.50
CA GLU A 296 21.52 39.30 12.51
C GLU A 296 20.90 38.00 12.02
N ASP A 297 20.91 37.75 10.71
CA ASP A 297 20.36 36.52 10.17
C ASP A 297 21.15 35.29 10.60
N ILE A 298 22.42 35.46 11.00
CA ILE A 298 23.20 34.34 11.49
C ILE A 298 22.60 33.82 12.79
N ILE A 299 22.34 34.71 13.74
CA ILE A 299 21.74 34.30 15.01
C ILE A 299 20.29 33.90 14.81
N ALA A 300 19.55 34.66 13.99
CA ALA A 300 18.11 34.43 13.86
C ALA A 300 17.80 33.06 13.29
N PHE A 301 18.57 32.61 12.31
CA PHE A 301 18.28 31.37 11.60
C PHE A 301 19.30 30.27 11.90
N GLY A 302 20.20 30.49 12.85
CA GLY A 302 21.15 29.46 13.24
C GLY A 302 22.08 29.03 12.13
N ILE A 303 22.57 29.99 11.35
CA ILE A 303 23.48 29.68 10.25
C ILE A 303 24.86 29.34 10.82
N ASN A 304 25.43 28.23 10.35
CA ASN A 304 26.74 27.76 10.80
C ASN A 304 26.75 27.51 12.31
N LYS A 305 25.68 26.90 12.82
CA LYS A 305 25.59 26.57 14.23
C LYS A 305 26.13 25.18 14.54
N LYS A 306 25.83 24.20 13.68
CA LYS A 306 26.32 22.84 13.88
C LYS A 306 27.84 22.80 13.85
N GLN A 307 28.45 23.51 12.90
CA GLN A 307 29.90 23.48 12.75
C GLN A 307 30.62 24.30 13.81
N GLU A 308 29.89 25.04 14.64
CA GLU A 308 30.47 25.66 15.82
C GLU A 308 30.27 24.78 17.06
N LYS A 309 29.10 24.14 17.17
CA LYS A 309 28.86 23.25 18.29
C LYS A 309 29.78 22.05 18.25
N LYS A 310 30.11 21.55 17.04
CA LYS A 310 31.04 20.44 16.94
C LYS A 310 32.42 20.81 17.47
N GLN A 311 32.92 21.99 17.11
CA GLN A 311 34.22 22.42 17.64
C GLN A 311 34.15 22.67 19.13
N SER A 312 33.04 23.21 19.63
CA SER A 312 32.90 23.39 21.07
C SER A 312 32.96 22.05 21.79
N ALA A 313 32.27 21.05 21.27
CA ALA A 313 32.30 19.71 21.89
C ALA A 313 33.69 19.10 21.80
N SER A 314 34.37 19.27 20.66
CA SER A 314 35.72 18.74 20.51
C SER A 314 36.69 19.38 21.49
N SER A 315 36.57 20.69 21.70
CA SER A 315 37.41 21.35 22.69
C SER A 315 37.08 20.88 24.09
N SER A 316 35.78 20.69 24.39
CA SER A 316 35.36 20.21 25.71
C SER A 316 35.22 18.69 25.68
N ALA A 317 36.36 18.02 25.50
CA ALA A 317 36.44 16.57 25.44
C ALA A 317 37.21 16.07 26.65
N SER A 318 36.59 15.20 27.44
CA SER A 318 37.22 14.64 28.63
C SER A 318 36.51 13.35 28.99
N GLY A 319 37.17 12.56 29.83
CA GLY A 319 36.62 11.30 30.27
C GLY A 319 36.70 10.22 29.19
N GLU A 320 36.01 9.12 29.46
CA GLU A 320 35.94 8.01 28.53
C GLU A 320 34.55 7.95 27.89
N TRP A 321 34.48 7.30 26.74
CA TRP A 321 33.21 7.14 26.05
C TRP A 321 32.26 6.28 26.88
N LYS A 322 30.98 6.62 26.83
CA LYS A 322 29.94 5.85 27.49
C LYS A 322 28.69 5.86 26.63
N ARG A 323 27.85 4.85 26.83
CA ARG A 323 26.60 4.79 26.09
C ARG A 323 25.76 6.02 26.41
N ALA A 324 25.24 6.66 25.37
CA ALA A 324 24.49 7.90 25.54
C ALA A 324 23.11 7.57 26.09
N GLU A 325 22.88 7.86 27.37
CA GLU A 325 21.56 7.71 27.96
C GLU A 325 20.83 9.04 27.80
N TYR A 326 19.73 9.03 27.06
CA TYR A 326 18.92 10.22 26.92
C TYR A 326 17.91 10.30 28.05
N GLN A 327 17.38 11.51 28.25
CA GLN A 327 16.40 11.74 29.30
C GLN A 327 15.42 12.80 28.84
N VAL A 328 14.17 12.65 29.27
CA VAL A 328 13.10 13.60 28.97
C VAL A 328 12.69 14.25 30.29
N GLU A 329 12.74 15.57 30.33
CA GLU A 329 12.39 16.29 31.55
C GLU A 329 10.92 16.12 31.87
N GLU A 330 10.62 15.75 33.11
CA GLU A 330 9.25 15.58 33.54
C GLU A 330 8.66 16.94 33.90
N MET A 331 7.48 17.24 33.36
CA MET A 331 6.82 18.52 33.55
C MET A 331 5.37 18.31 33.95
N SER A 332 4.86 19.26 34.72
CA SER A 332 3.50 19.17 35.25
C SER A 332 2.52 19.93 34.38
N LEU A 333 1.24 19.75 34.66
CA LEU A 333 0.18 20.41 33.90
C LEU A 333 0.26 21.92 34.14
N PRO A 334 0.37 22.74 33.10
CA PRO A 334 0.47 24.18 33.30
C PRO A 334 -0.91 24.80 33.48
N PRO A 335 -1.00 25.93 34.18
CA PRO A 335 -2.30 26.59 34.34
C PRO A 335 -2.87 27.14 33.05
N TRP A 336 -2.05 27.31 32.01
CA TRP A 336 -2.52 28.00 30.81
C TRP A 336 -3.32 27.12 29.87
N VAL A 337 -3.42 25.81 30.12
CA VAL A 337 -4.19 24.96 29.23
C VAL A 337 -5.69 25.25 29.37
N GLU A 338 -6.16 25.39 30.61
CA GLU A 338 -7.56 25.74 30.82
C GLU A 338 -7.87 27.13 30.30
N GLU A 339 -6.94 28.07 30.47
CA GLU A 339 -7.12 29.41 29.91
C GLU A 339 -7.19 29.36 28.39
N GLU A 340 -6.33 28.56 27.77
CA GLU A 340 -6.36 28.40 26.32
C GLU A 340 -7.69 27.83 25.87
N MET A 341 -8.19 26.82 26.59
CA MET A 341 -9.47 26.22 26.21
C MET A 341 -10.63 27.21 26.37
N VAL A 342 -10.62 28.00 27.44
CA VAL A 342 -11.73 28.94 27.64
C VAL A 342 -11.64 30.10 26.67
N LEU A 343 -10.43 30.45 26.22
CA LEU A 343 -10.28 31.56 25.29
C LEU A 343 -10.51 31.13 23.85
N LEU A 344 -10.27 29.87 23.52
CA LEU A 344 -10.45 29.39 22.15
C LEU A 344 -11.92 29.28 21.76
N ARG A 345 -12.82 29.19 22.73
CA ARG A 345 -14.24 29.04 22.46
C ARG A 345 -14.98 30.36 22.41
N SER A 346 -14.30 31.48 22.66
CA SER A 346 -14.96 32.78 22.65
C SER A 346 -15.48 33.12 21.27
N ASP A 347 -16.62 33.81 21.22
CA ASP A 347 -17.27 34.13 19.96
C ASP A 347 -16.50 35.19 19.19
N GLN A 348 -16.69 35.19 17.88
CA GLN A 348 -16.08 36.15 16.98
C GLN A 348 -17.17 36.79 16.12
N GLU A 349 -16.84 37.93 15.52
CA GLU A 349 -17.82 38.64 14.70
C GLU A 349 -18.04 37.95 13.36
N ASP A 350 -16.96 37.50 12.71
CA ASP A 350 -17.04 36.91 11.38
C ASP A 350 -17.23 35.41 11.49
N ASN A 351 -17.17 34.71 10.36
CA ASN A 351 -17.38 33.27 10.31
C ASN A 351 -16.10 32.45 10.25
N TRP A 352 -15.07 32.94 9.56
CA TRP A 352 -13.73 32.38 9.55
C TRP A 352 -13.63 31.02 8.87
N ILE A 353 -14.76 30.44 8.43
CA ILE A 353 -14.76 29.16 7.73
C ILE A 353 -15.49 29.38 6.42
N GLU A 354 -14.74 29.59 5.35
CA GLU A 354 -15.29 29.84 4.02
C GLU A 354 -14.92 28.67 3.12
N LEU A 355 -15.84 27.71 3.01
CA LEU A 355 -15.68 26.55 2.14
C LEU A 355 -16.75 26.59 1.07
N GLU A 356 -16.34 26.48 -0.19
CA GLU A 356 -17.29 26.49 -1.30
C GLU A 356 -18.25 25.32 -1.17
N LYS A 357 -19.54 25.60 -1.33
CA LYS A 357 -20.56 24.58 -1.21
C LYS A 357 -20.48 23.61 -2.38
N ASN A 358 -20.78 22.35 -2.12
CA ASN A 358 -20.88 21.37 -3.19
C ASN A 358 -22.21 21.54 -3.93
N ALA A 359 -22.34 20.84 -5.05
CA ALA A 359 -23.59 20.87 -5.80
C ALA A 359 -24.69 20.16 -5.01
N ILE A 360 -25.93 20.40 -5.43
CA ILE A 360 -27.10 19.78 -4.82
C ILE A 360 -28.02 19.30 -5.93
N TYR A 361 -28.26 18.01 -6.01
CA TYR A 361 -29.14 17.43 -7.01
C TYR A 361 -30.30 16.64 -6.42
N THR A 362 -30.06 15.94 -5.32
CA THR A 362 -31.09 15.12 -4.66
C THR A 362 -31.37 15.68 -3.28
N GLU A 363 -32.35 15.05 -2.60
CA GLU A 363 -32.69 15.48 -1.25
C GLU A 363 -31.63 15.05 -0.24
N VAL A 364 -30.93 13.94 -0.52
CA VAL A 364 -29.82 13.53 0.33
C VAL A 364 -28.72 14.58 0.31
N ASP A 365 -28.42 15.12 -0.87
CA ASP A 365 -27.42 16.18 -0.99
C ASP A 365 -27.85 17.42 -0.23
N GLY A 366 -29.13 17.77 -0.31
CA GLY A 366 -29.63 18.89 0.47
C GLY A 366 -29.50 18.68 1.96
N VAL A 367 -29.80 17.47 2.43
CA VAL A 367 -29.66 17.16 3.85
C VAL A 367 -28.21 17.26 4.29
N ALA A 368 -27.30 16.68 3.51
CA ALA A 368 -25.88 16.71 3.85
C ALA A 368 -25.35 18.14 3.87
N GLU A 369 -25.73 18.94 2.88
CA GLU A 369 -25.24 20.31 2.84
C GLU A 369 -25.86 21.17 3.92
N GLY A 370 -27.11 20.90 4.30
CA GLY A 370 -27.68 21.58 5.45
C GLY A 370 -26.96 21.24 6.75
N LEU A 371 -26.60 19.97 6.92
CA LEU A 371 -25.83 19.57 8.09
C LEU A 371 -24.48 20.28 8.13
N VAL A 372 -23.79 20.31 6.99
CA VAL A 372 -22.48 20.96 6.94
C VAL A 372 -22.62 22.47 7.18
N ASP A 373 -23.65 23.08 6.60
CA ASP A 373 -23.87 24.51 6.81
C ASP A 373 -24.13 24.82 8.28
N LYS A 374 -24.95 24.02 8.94
CA LYS A 374 -25.25 24.27 10.35
C LYS A 374 -24.03 24.03 11.22
N TYR A 375 -23.22 23.01 10.90
CA TYR A 375 -21.99 22.80 11.66
C TYR A 375 -21.04 23.98 11.49
N ILE A 376 -20.92 24.51 10.27
CA ILE A 376 -20.07 25.66 10.04
C ILE A 376 -20.62 26.88 10.77
N GLU A 377 -21.95 27.01 10.84
CA GLU A 377 -22.53 28.10 11.61
C GLU A 377 -22.18 27.99 13.08
N ILE A 378 -22.24 26.80 13.64
CA ILE A 378 -22.05 26.66 15.08
C ILE A 378 -20.58 26.66 15.49
N VAL A 379 -19.65 26.29 14.62
CA VAL A 379 -18.23 26.28 14.97
C VAL A 379 -17.45 27.34 14.21
N GLY A 380 -18.12 28.24 13.50
CA GLY A 380 -17.43 29.21 12.69
C GLY A 380 -17.06 30.48 13.43
N ARG A 381 -18.04 31.12 14.06
CA ARG A 381 -17.81 32.38 14.77
C ARG A 381 -17.18 32.12 16.13
N THR A 382 -16.07 31.40 16.12
CA THR A 382 -15.30 31.06 17.31
C THR A 382 -13.84 31.39 17.07
N LYS A 383 -13.13 31.67 18.17
CA LYS A 383 -11.71 32.02 18.05
C LYS A 383 -10.89 30.86 17.53
N VAL A 384 -11.28 29.62 17.87
CA VAL A 384 -10.51 28.46 17.41
C VAL A 384 -10.57 28.36 15.88
N ALA A 385 -11.69 28.73 15.27
CA ALA A 385 -11.77 28.72 13.82
C ALA A 385 -10.82 29.74 13.19
N SER A 386 -10.72 30.93 13.79
CA SER A 386 -9.78 31.93 13.28
C SER A 386 -8.35 31.46 13.46
N VAL A 387 -8.04 30.80 14.58
CA VAL A 387 -6.69 30.29 14.78
C VAL A 387 -6.38 29.17 13.79
N ILE A 388 -7.37 28.33 13.48
CA ILE A 388 -7.19 27.30 12.46
C ILE A 388 -6.91 27.93 11.11
N GLU A 389 -7.63 28.99 10.78
CA GLU A 389 -7.38 29.70 9.52
C GLU A 389 -5.97 30.28 9.48
N LYS A 390 -5.53 30.89 10.59
CA LYS A 390 -4.19 31.43 10.64
C LYS A 390 -3.13 30.34 10.48
N TRP A 391 -3.32 29.21 11.18
CA TRP A 391 -2.39 28.10 11.07
C TRP A 391 -2.35 27.57 9.64
N GLN A 392 -3.51 27.41 9.01
CA GLN A 392 -3.58 26.93 7.64
C GLN A 392 -2.82 27.84 6.70
N ILE A 393 -3.10 29.15 6.77
CA ILE A 393 -2.45 30.09 5.86
C ILE A 393 -0.95 30.14 6.08
N ALA A 394 -0.53 30.22 7.35
CA ALA A 394 0.89 30.30 7.65
C ALA A 394 1.64 29.06 7.19
N ALA A 395 1.11 27.88 7.52
CA ALA A 395 1.77 26.64 7.13
C ALA A 395 1.79 26.48 5.62
N THR A 396 0.69 26.81 4.94
CA THR A 396 0.64 26.68 3.48
C THR A 396 1.65 27.61 2.83
N ARG A 397 1.72 28.85 3.28
CA ARG A 397 2.64 29.80 2.66
C ARG A 397 4.10 29.47 2.97
N THR A 398 4.38 28.93 4.16
CA THR A 398 5.74 28.50 4.46
C THR A 398 6.12 27.27 3.63
N PHE A 399 5.19 26.32 3.49
CA PHE A 399 5.46 25.11 2.72
C PHE A 399 5.68 25.42 1.25
N SER A 400 4.91 26.36 0.70
CA SER A 400 5.02 26.66 -0.72
C SER A 400 6.31 27.39 -1.08
N GLN A 401 7.09 27.84 -0.10
CA GLN A 401 8.28 28.63 -0.37
C GLN A 401 9.57 27.94 0.06
N LEU A 402 9.52 26.67 0.47
CA LEU A 402 10.72 25.96 0.89
C LEU A 402 11.14 24.87 -0.06
N HIS A 403 10.46 24.72 -1.20
CA HIS A 403 10.90 23.77 -2.22
C HIS A 403 12.03 24.33 -3.07
N THR A 404 12.28 25.64 -3.03
CA THR A 404 13.23 26.26 -3.93
C THR A 404 14.67 25.99 -3.52
N ASP A 405 14.91 25.72 -2.23
CA ASP A 405 16.25 25.49 -1.69
C ASP A 405 17.13 26.72 -1.92
N ARG A 406 16.74 27.83 -1.29
CA ARG A 406 17.38 29.11 -1.49
C ARG A 406 18.54 29.30 -0.53
N SER A 407 19.21 30.45 -0.65
CA SER A 407 20.21 30.90 0.31
C SER A 407 19.85 32.27 0.88
N ARG A 408 18.59 32.68 0.70
CA ARG A 408 18.13 33.99 1.12
C ARG A 408 16.87 33.83 1.98
N ILE A 409 16.40 34.94 2.53
CA ILE A 409 15.32 34.92 3.52
C ILE A 409 14.02 35.24 2.81
N THR A 410 13.04 34.33 2.94
CA THR A 410 11.72 34.52 2.36
C THR A 410 10.75 34.97 3.45
N ALA A 411 9.86 35.88 3.09
CA ALA A 411 8.86 36.42 4.00
C ALA A 411 7.47 35.96 3.56
N CYS A 412 6.71 35.39 4.50
CA CYS A 412 5.38 34.86 4.22
C CYS A 412 4.39 35.45 5.21
N PRO A 413 3.82 36.62 4.88
CA PRO A 413 2.87 37.26 5.80
C PRO A 413 1.61 36.42 5.99
N ILE A 414 1.03 36.53 7.18
CA ILE A 414 -0.21 35.84 7.50
C ILE A 414 -1.34 36.86 7.52
N ILE A 415 -2.05 37.01 6.40
CA ILE A 415 -3.06 38.03 6.23
C ILE A 415 -4.38 37.38 5.84
N THR A 416 -5.45 37.76 6.53
CA THR A 416 -6.80 37.34 6.22
C THR A 416 -7.64 38.55 5.83
N ARG A 417 -8.80 38.28 5.24
CA ARG A 417 -9.75 39.32 4.87
C ARG A 417 -11.07 39.09 5.58
N ASP A 418 -11.57 40.10 6.28
CA ASP A 418 -12.92 40.07 6.82
C ASP A 418 -13.93 40.34 5.71
N PRO A 419 -15.21 40.05 5.94
CA PRO A 419 -16.20 40.31 4.88
C PRO A 419 -16.52 41.79 4.75
N SER A 420 -15.49 42.62 4.75
CA SER A 420 -15.61 44.04 4.44
C SER A 420 -14.43 44.57 3.65
N GLY A 421 -13.47 43.72 3.27
CA GLY A 421 -12.30 44.12 2.52
C GLY A 421 -11.06 44.38 3.35
N ASN A 422 -11.22 44.60 4.65
CA ASN A 422 -10.08 44.95 5.49
C ASN A 422 -9.10 43.79 5.61
N CYS A 423 -7.82 44.13 5.76
CA CYS A 423 -6.75 43.14 5.88
C CYS A 423 -6.45 42.93 7.35
N GLN A 424 -6.32 41.66 7.74
CA GLN A 424 -6.05 41.27 9.12
C GLN A 424 -4.67 40.64 9.18
N PHE A 425 -3.73 41.34 9.82
CA PHE A 425 -2.33 40.92 9.87
C PHE A 425 -2.09 40.16 11.18
N TRP A 426 -2.09 38.83 11.09
CA TRP A 426 -1.75 38.02 12.26
C TRP A 426 -0.25 38.06 12.57
N GLY A 427 0.57 38.18 11.54
CA GLY A 427 2.01 38.15 11.73
C GLY A 427 2.69 37.68 10.45
N MET A 428 3.99 37.46 10.57
CA MET A 428 4.78 36.99 9.45
C MET A 428 5.73 35.90 9.90
N VAL A 429 5.98 34.94 9.02
CA VAL A 429 6.96 33.89 9.23
C VAL A 429 8.10 34.08 8.23
N LEU A 430 9.34 34.07 8.73
CA LEU A 430 10.52 34.23 7.90
C LEU A 430 11.22 32.88 7.75
N LEU A 431 11.54 32.52 6.51
CA LEU A 431 12.18 31.26 6.20
C LEU A 431 13.65 31.51 5.87
N GLY A 432 14.53 30.75 6.52
CA GLY A 432 15.96 30.91 6.32
C GLY A 432 16.44 30.19 5.07
N PRO A 433 17.75 29.95 5.00
CA PRO A 433 18.30 29.27 3.81
C PRO A 433 17.66 27.92 3.52
N HIS A 434 17.37 27.13 4.56
CA HIS A 434 16.64 25.86 4.46
C HIS A 434 17.17 24.99 3.32
N HIS A 435 18.46 24.64 3.42
CA HIS A 435 19.04 23.69 2.48
C HIS A 435 18.53 22.30 2.81
N VAL A 436 17.29 22.00 2.42
CA VAL A 436 16.58 20.82 2.87
C VAL A 436 16.82 19.67 1.91
N LYS A 437 17.32 18.55 2.44
CA LYS A 437 17.54 17.35 1.66
C LYS A 437 16.38 16.37 1.79
N ARG A 438 16.08 15.92 3.00
CA ARG A 438 15.01 14.98 3.27
C ARG A 438 13.76 15.70 3.76
N ASP A 439 12.63 14.98 3.70
CA ASP A 439 11.37 15.56 4.13
C ASP A 439 11.32 15.77 5.65
N THR A 440 12.19 15.12 6.41
CA THR A 440 12.25 15.30 7.85
C THR A 440 13.24 16.38 8.27
N ASP A 441 13.96 16.98 7.31
CA ASP A 441 14.91 18.03 7.63
C ASP A 441 14.19 19.28 8.13
N ASN A 442 14.84 20.03 9.00
CA ASN A 442 14.26 21.19 9.63
C ASN A 442 14.61 22.45 8.86
N ALA A 443 13.59 23.24 8.51
CA ALA A 443 13.80 24.53 7.87
C ALA A 443 13.84 25.62 8.93
N PRO A 444 14.89 26.43 8.99
CA PRO A 444 14.94 27.50 10.00
C PRO A 444 13.82 28.50 9.80
N LEU A 445 13.24 28.94 10.91
CA LEU A 445 12.13 29.88 10.88
C LEU A 445 12.33 30.96 11.92
N LEU A 446 11.77 32.13 11.65
CA LEU A 446 11.70 33.24 12.60
C LEU A 446 10.26 33.76 12.55
N ILE A 447 9.43 33.32 13.49
CA ILE A 447 8.00 33.57 13.43
C ILE A 447 7.67 34.80 14.27
N ALA A 448 6.98 35.76 13.66
CA ALA A 448 6.46 36.93 14.34
C ALA A 448 4.94 36.87 14.35
N GLU A 449 4.35 36.99 15.52
CA GLU A 449 2.90 36.94 15.66
C GLU A 449 2.44 38.06 16.58
N ILE A 450 1.22 38.55 16.31
CA ILE A 450 0.61 39.56 17.17
C ILE A 450 0.03 38.85 18.39
N MET A 451 0.39 39.32 19.58
CA MET A 451 0.16 38.59 20.82
C MET A 451 -0.90 39.30 21.64
N GLY A 452 -1.92 38.56 22.06
CA GLY A 452 -2.95 39.14 22.90
C GLY A 452 -2.46 39.51 24.29
N GLU A 453 -1.66 38.64 24.89
CA GLU A 453 -1.15 38.87 26.23
C GLU A 453 0.14 38.06 26.40
N ASP A 454 1.08 38.61 27.16
CA ASP A 454 2.39 38.01 27.35
C ASP A 454 2.46 37.34 28.71
N THR A 455 2.99 36.12 28.75
CA THR A 455 3.25 35.41 30.00
C THR A 455 4.62 34.76 29.89
N GLU A 456 5.57 35.23 30.71
CA GLU A 456 6.93 34.70 30.65
C GLU A 456 6.96 33.22 30.99
N GLU A 457 6.13 32.80 31.95
CA GLU A 457 6.05 31.39 32.30
C GLU A 457 5.53 30.56 31.13
N LYS A 458 4.54 31.08 30.40
CA LYS A 458 3.98 30.37 29.25
C LYS A 458 4.89 30.44 28.03
N TYR A 459 5.57 31.57 27.84
CA TYR A 459 6.40 31.81 26.66
C TYR A 459 7.80 32.21 27.09
N PRO A 460 8.60 31.28 27.59
CA PRO A 460 9.94 31.61 28.07
C PRO A 460 10.93 31.87 26.95
N LYS A 461 10.71 31.24 25.79
CA LYS A 461 11.61 31.37 24.66
C LYS A 461 11.18 32.42 23.65
N HIS A 462 10.10 33.16 23.93
CA HIS A 462 9.62 34.22 23.06
C HIS A 462 10.15 35.56 23.53
N SER A 463 10.54 36.40 22.58
CA SER A 463 10.86 37.79 22.85
C SER A 463 9.67 38.64 22.46
N VAL A 464 9.09 39.35 23.42
CA VAL A 464 7.86 40.12 23.21
C VAL A 464 8.23 41.58 23.03
N PHE A 465 7.73 42.18 21.96
CA PHE A 465 8.02 43.56 21.62
C PHE A 465 6.73 44.37 21.65
N SER A 466 6.88 45.68 21.87
CA SER A 466 5.75 46.60 21.85
C SER A 466 5.58 47.16 20.44
N LEU A 467 4.40 47.00 19.89
CA LEU A 467 4.10 47.46 18.54
C LEU A 467 2.95 48.47 18.59
N LYS A 468 3.16 49.63 18.01
CA LYS A 468 2.18 50.70 18.00
C LYS A 468 1.91 51.12 16.56
N VAL A 469 0.65 51.03 16.14
CA VAL A 469 0.22 51.50 14.83
C VAL A 469 -0.91 52.50 15.03
N GLU A 470 -0.81 53.64 14.34
CA GLU A 470 -1.73 54.76 14.54
C GLU A 470 -1.77 55.16 16.02
N GLU A 471 -2.82 54.76 16.72
CA GLU A 471 -2.96 55.03 18.14
C GLU A 471 -3.16 53.77 18.98
N LYS A 472 -3.27 52.60 18.34
CA LYS A 472 -3.49 51.35 19.06
C LYS A 472 -2.17 50.72 19.50
N GLN A 473 -2.25 49.89 20.53
CA GLN A 473 -1.09 49.19 21.08
C GLN A 473 -1.24 47.70 20.82
N PHE A 474 -0.15 47.09 20.35
CA PHE A 474 -0.15 45.66 20.07
C PHE A 474 1.13 45.04 20.62
N LEU A 475 1.06 43.75 20.91
CA LEU A 475 2.21 42.99 21.39
C LEU A 475 2.69 42.07 20.27
N LEU A 476 3.99 42.13 19.98
CA LEU A 476 4.61 41.33 18.93
C LEU A 476 5.62 40.38 19.56
N SER A 477 5.53 39.11 19.21
CA SER A 477 6.39 38.07 19.76
C SER A 477 7.24 37.46 18.66
N LEU A 478 8.55 37.36 18.92
CA LEU A 478 9.49 36.70 18.01
C LEU A 478 10.01 35.43 18.67
N LYS A 479 10.02 34.33 17.91
CA LYS A 479 10.61 33.09 18.38
C LYS A 479 11.47 32.49 17.28
N ILE A 480 12.68 32.09 17.64
CA ILE A 480 13.53 31.34 16.73
C ILE A 480 13.14 29.87 16.81
N THR A 481 12.81 29.28 15.66
CA THR A 481 12.32 27.91 15.66
C THR A 481 12.71 27.23 14.34
N SER A 482 12.70 25.91 14.38
CA SER A 482 12.91 25.07 13.21
C SER A 482 11.72 24.11 13.09
N PHE A 483 11.40 23.72 11.86
CA PHE A 483 10.18 22.97 11.64
C PHE A 483 10.29 22.24 10.30
N SER A 484 9.93 20.96 10.30
CA SER A 484 10.23 20.09 9.18
C SER A 484 9.25 20.28 8.03
N ARG A 485 9.62 19.73 6.87
CA ARG A 485 8.76 19.76 5.70
C ARG A 485 7.48 18.96 5.94
N ASN A 486 7.62 17.78 6.56
CA ASN A 486 6.45 16.94 6.84
C ASN A 486 5.45 17.66 7.72
N LYS A 487 5.94 18.28 8.80
CA LYS A 487 5.04 18.92 9.76
C LYS A 487 4.38 20.16 9.17
N LEU A 488 5.13 20.94 8.39
CA LEU A 488 4.54 22.10 7.72
C LEU A 488 3.48 21.68 6.71
N TYR A 489 3.75 20.62 5.94
CA TYR A 489 2.73 20.12 5.02
C TYR A 489 1.51 19.62 5.77
N THR A 490 1.72 18.93 6.90
CA THR A 490 0.60 18.43 7.68
C THR A 490 -0.26 19.56 8.23
N PHE A 491 0.38 20.61 8.75
CA PHE A 491 -0.37 21.72 9.32
C PHE A 491 -0.94 22.65 8.25
N SER A 492 -0.47 22.56 7.01
CA SER A 492 -1.14 23.25 5.92
C SER A 492 -2.51 22.66 5.64
N ASN A 493 -2.76 21.43 6.09
CA ASN A 493 -4.05 20.77 5.95
C ASN A 493 -4.75 20.69 7.31
N ILE A 494 -4.57 21.72 8.14
CA ILE A 494 -5.12 21.71 9.50
C ILE A 494 -6.64 21.71 9.49
N ARG A 495 -7.28 22.09 8.38
CA ARG A 495 -8.73 22.12 8.32
C ARG A 495 -9.36 20.75 8.48
N ARG A 496 -8.58 19.68 8.36
CA ARG A 496 -9.09 18.33 8.60
C ARG A 496 -9.43 18.08 10.06
N VAL A 497 -9.03 18.98 10.97
CA VAL A 497 -9.41 18.83 12.38
C VAL A 497 -10.90 19.07 12.57
N LEU A 498 -11.56 19.69 11.59
CA LEU A 498 -12.99 19.95 11.69
C LEU A 498 -13.83 18.69 11.57
N ILE A 499 -13.25 17.59 11.08
CA ILE A 499 -14.04 16.41 10.75
C ILE A 499 -14.59 15.73 11.99
N GLN A 500 -13.74 15.49 13.00
CA GLN A 500 -14.19 14.76 14.18
C GLN A 500 -15.27 15.49 14.96
N PRO A 501 -15.14 16.78 15.28
CA PRO A 501 -16.29 17.48 15.88
C PRO A 501 -17.52 17.46 15.00
N ALA A 502 -17.33 17.59 13.69
CA ALA A 502 -18.45 17.48 12.76
C ALA A 502 -19.05 16.08 12.81
N SER A 503 -18.20 15.06 12.96
CA SER A 503 -18.70 13.70 13.08
C SER A 503 -19.59 13.55 14.31
N ILE A 504 -19.13 14.08 15.45
CA ILE A 504 -19.92 13.98 16.68
C ILE A 504 -21.24 14.74 16.54
N TYR A 505 -21.18 15.96 16.00
CA TYR A 505 -22.38 16.75 15.84
C TYR A 505 -23.38 16.07 14.92
N SER A 506 -22.89 15.54 13.79
CA SER A 506 -23.76 14.86 12.84
C SER A 506 -24.36 13.60 13.45
N GLN A 507 -23.59 12.85 14.23
CA GLN A 507 -24.13 11.67 14.87
C GLN A 507 -25.24 12.03 15.85
N VAL A 508 -25.07 13.11 16.62
CA VAL A 508 -26.11 13.51 17.56
C VAL A 508 -27.37 13.93 16.81
N VAL A 509 -27.20 14.76 15.77
CA VAL A 509 -28.36 15.25 15.02
C VAL A 509 -29.09 14.10 14.33
N LEU A 510 -28.34 13.18 13.72
CA LEU A 510 -28.95 12.06 13.04
C LEU A 510 -29.59 11.07 14.02
N SER A 511 -29.03 10.95 15.22
CA SER A 511 -29.68 10.13 16.24
C SER A 511 -31.02 10.72 16.64
N ARG A 512 -31.08 12.04 16.82
CA ARG A 512 -32.36 12.68 17.10
C ARG A 512 -33.34 12.48 15.94
N ALA A 513 -32.84 12.63 14.70
CA ALA A 513 -33.69 12.44 13.54
C ALA A 513 -34.23 11.03 13.47
N ALA A 514 -33.40 10.03 13.79
CA ALA A 514 -33.86 8.65 13.82
C ALA A 514 -34.88 8.43 14.92
N GLU A 515 -34.68 9.06 16.08
CA GLU A 515 -35.63 8.91 17.18
C GLU A 515 -37.01 9.43 16.80
N ASN A 516 -37.06 10.63 16.23
CA ASN A 516 -38.35 11.23 15.90
C ASN A 516 -38.80 10.97 14.47
N ASN A 517 -37.98 10.27 13.67
CA ASN A 517 -38.26 9.99 12.26
C ASN A 517 -38.56 11.30 11.53
N SER A 518 -37.71 12.29 11.78
CA SER A 518 -37.84 13.60 11.13
C SER A 518 -36.56 14.41 11.31
N LEU A 519 -35.93 14.82 10.22
CA LEU A 519 -34.74 15.65 10.32
C LEU A 519 -35.10 17.02 10.86
N ASN A 520 -34.32 17.50 11.83
CA ASN A 520 -34.47 18.84 12.37
C ASN A 520 -33.06 19.37 12.62
N LEU A 521 -32.63 20.32 11.81
CA LEU A 521 -31.29 20.89 11.93
C LEU A 521 -31.19 21.92 13.04
N GLU A 522 -32.30 22.29 13.68
CA GLU A 522 -32.30 23.26 14.76
C GLU A 522 -32.15 22.63 16.14
N VAL A 523 -31.88 21.33 16.21
CA VAL A 523 -31.77 20.66 17.51
C VAL A 523 -30.51 21.13 18.21
N ASN A 524 -30.66 21.57 19.45
CA ASN A 524 -29.54 21.91 20.33
C ASN A 524 -29.76 21.24 21.66
N PRO A 525 -29.64 19.91 21.72
CA PRO A 525 -30.01 19.18 22.94
C PRO A 525 -29.08 19.44 24.10
N GLU A 526 -29.37 18.81 25.24
CA GLU A 526 -28.58 18.96 26.45
C GLU A 526 -27.71 17.73 26.61
N ILE A 527 -26.40 17.94 26.74
CA ILE A 527 -25.43 16.86 26.85
C ILE A 527 -24.91 16.82 28.28
N GLN A 528 -25.17 15.72 28.97
CA GLN A 528 -24.69 15.55 30.33
C GLN A 528 -23.22 15.15 30.32
N LEU A 529 -22.42 15.80 31.17
CA LEU A 529 -20.99 15.55 31.22
C LEU A 529 -20.51 15.71 32.65
N TYR A 530 -19.33 15.15 32.91
CA TYR A 530 -18.65 15.32 34.20
C TYR A 530 -17.84 16.61 34.14
N LEU A 531 -18.29 17.63 34.87
CA LEU A 531 -17.64 18.93 34.87
C LEU A 531 -17.33 19.36 36.29
N GLU A 532 -16.12 19.89 36.49
CA GLU A 532 -15.53 20.16 37.81
C GLU A 532 -15.89 19.06 38.81
N GLY A 533 -15.71 17.82 38.39
CA GLY A 533 -16.01 16.68 39.24
C GLY A 533 -17.47 16.57 39.63
N ALA A 534 -18.38 16.94 38.74
CA ALA A 534 -19.80 16.83 39.00
C ALA A 534 -20.53 16.66 37.68
N GLN A 535 -21.74 16.10 37.75
CA GLN A 535 -22.54 15.80 36.57
C GLN A 535 -23.52 16.95 36.34
N ARG A 536 -23.17 17.85 35.44
CA ARG A 536 -24.08 18.86 34.92
C ARG A 536 -24.16 18.68 33.41
N GLY A 537 -24.86 19.60 32.75
CA GLY A 537 -25.07 19.50 31.32
C GLY A 537 -24.74 20.79 30.59
N MET A 538 -24.45 20.64 29.30
CA MET A 538 -24.22 21.77 28.41
C MET A 538 -24.83 21.47 27.06
N THR A 539 -25.11 22.52 26.30
CA THR A 539 -25.79 22.37 25.02
C THR A 539 -24.87 21.71 24.00
N LEU A 540 -25.49 21.21 22.92
CA LEU A 540 -24.73 20.53 21.86
C LEU A 540 -23.74 21.48 21.19
N TYR A 541 -24.16 22.71 20.94
CA TYR A 541 -23.33 23.64 20.17
C TYR A 541 -22.02 23.94 20.88
N GLN A 542 -22.10 24.33 22.16
CA GLN A 542 -20.88 24.66 22.89
C GLN A 542 -20.08 23.41 23.24
N TRP A 543 -20.73 22.25 23.36
CA TRP A 543 -19.99 21.01 23.52
C TRP A 543 -19.15 20.71 22.27
N VAL A 544 -19.73 20.91 21.09
CA VAL A 544 -18.97 20.73 19.86
C VAL A 544 -17.86 21.77 19.76
N ARG A 545 -18.11 22.99 20.23
CA ARG A 545 -17.06 24.00 20.24
C ARG A 545 -15.88 23.58 21.10
N MET A 546 -16.17 23.06 22.31
CA MET A 546 -15.08 22.62 23.19
C MET A 546 -14.39 21.38 22.64
N ILE A 547 -15.13 20.49 21.98
CA ILE A 547 -14.51 19.34 21.33
C ILE A 547 -13.53 19.80 20.25
N LEU A 548 -13.94 20.80 19.46
CA LEU A 548 -13.06 21.33 18.42
C LEU A 548 -11.83 21.98 19.03
N CYS A 549 -12.00 22.68 20.15
CA CYS A 549 -10.86 23.28 20.83
C CYS A 549 -9.87 22.21 21.31
N LEU A 550 -10.39 21.16 21.95
CA LEU A 550 -9.53 20.05 22.38
C LEU A 550 -8.83 19.39 21.19
N GLU A 551 -9.57 19.14 20.11
CA GLU A 551 -8.96 18.46 18.97
C GLU A 551 -7.88 19.33 18.33
N PHE A 552 -8.10 20.64 18.25
CA PHE A 552 -7.05 21.52 17.73
C PHE A 552 -5.82 21.51 18.62
N LEU A 553 -6.03 21.55 19.94
CA LEU A 553 -4.89 21.54 20.86
C LEU A 553 -4.13 20.22 20.77
N MET A 554 -4.84 19.11 20.66
CA MET A 554 -4.20 17.81 20.50
C MET A 554 -3.44 17.73 19.18
N ALA A 555 -4.02 18.26 18.10
CA ALA A 555 -3.37 18.19 16.80
C ALA A 555 -2.09 19.01 16.78
N ILE A 556 -2.11 20.22 17.35
CA ILE A 556 -0.90 21.04 17.35
C ILE A 556 0.12 20.58 18.36
N TYR A 557 -0.26 19.69 19.28
CA TYR A 557 0.64 19.14 20.28
C TYR A 557 0.79 17.64 20.12
N ASN A 558 0.72 17.15 18.89
CA ASN A 558 0.88 15.73 18.62
C ASN A 558 2.35 15.35 18.59
N ASN A 559 2.66 14.24 19.26
CA ASN A 559 4.00 13.70 19.37
C ASN A 559 3.86 12.24 19.82
N PRO A 560 4.95 11.47 19.95
CA PRO A 560 4.79 10.07 20.38
C PRO A 560 4.06 9.92 21.71
N GLN A 561 4.27 10.84 22.64
CA GLN A 561 3.56 10.76 23.92
C GLN A 561 2.05 10.87 23.72
N MET A 562 1.61 11.81 22.88
CA MET A 562 0.18 11.99 22.64
C MET A 562 -0.44 10.74 22.03
N GLU A 563 0.21 10.17 21.01
CA GLU A 563 -0.38 9.01 20.34
C GLU A 563 -0.36 7.77 21.23
N GLY A 564 0.74 7.54 21.95
CA GLY A 564 0.75 6.45 22.90
C GLY A 564 -0.30 6.60 23.98
N PHE A 565 -0.45 7.81 24.50
CA PHE A 565 -1.45 8.07 25.52
C PHE A 565 -2.85 7.80 24.99
N LEU A 566 -3.15 8.25 23.78
CA LEU A 566 -4.49 8.03 23.24
C LEU A 566 -4.74 6.55 22.95
N ALA A 567 -3.76 5.87 22.36
CA ALA A 567 -3.92 4.45 22.05
C ALA A 567 -4.09 3.62 23.30
N ASN A 568 -3.49 4.03 24.41
CA ASN A 568 -3.63 3.28 25.65
C ASN A 568 -4.80 3.74 26.51
N MET A 569 -5.32 4.95 26.28
CA MET A 569 -6.55 5.39 26.93
C MET A 569 -7.80 4.90 26.21
N ARG A 570 -7.67 4.42 24.97
CA ARG A 570 -8.85 3.82 24.34
C ARG A 570 -9.37 2.64 25.13
N ARG A 571 -8.46 1.80 25.64
CA ARG A 571 -8.87 0.64 26.46
C ARG A 571 -9.54 1.09 27.75
N LEU A 572 -8.99 2.10 28.42
CA LEU A 572 -9.58 2.56 29.67
C LEU A 572 -10.91 3.27 29.43
N HIS A 573 -11.05 3.97 28.32
CA HIS A 573 -12.33 4.57 27.95
C HIS A 573 -13.38 3.50 27.70
N MET A 574 -12.99 2.42 27.02
CA MET A 574 -13.88 1.27 26.84
C MET A 574 -14.27 0.66 28.18
N SER A 575 -13.30 0.51 29.09
CA SER A 575 -13.59 -0.06 30.41
C SER A 575 -14.54 0.83 31.20
N ARG A 576 -14.34 2.14 31.15
CA ARG A 576 -15.24 3.07 31.84
C ARG A 576 -16.64 2.97 31.27
N HIS A 577 -16.77 2.91 29.95
CA HIS A 577 -18.10 2.78 29.36
C HIS A 577 -18.74 1.44 29.70
N ALA A 578 -17.93 0.38 29.84
CA ALA A 578 -18.46 -0.90 30.28
C ALA A 578 -18.96 -0.81 31.71
N MET A 579 -18.22 -0.12 32.58
CA MET A 579 -18.64 0.00 33.97
C MET A 579 -19.87 0.89 34.12
N MET A 580 -20.10 1.81 33.18
CA MET A 580 -21.35 2.56 33.20
C MET A 580 -22.55 1.64 32.98
N GLU A 581 -22.39 0.66 32.09
CA GLU A 581 -23.48 -0.25 31.75
C GLU A 581 -23.59 -1.42 32.73
N ARG A 582 -23.06 -1.26 33.94
CA ARG A 582 -23.15 -2.27 34.99
C ARG A 582 -22.54 -3.60 34.54
N ARG A 583 -21.43 -3.52 33.82
CA ARG A 583 -20.67 -4.69 33.40
C ARG A 583 -19.39 -4.78 34.22
N GLN A 584 -18.91 -6.00 34.40
CA GLN A 584 -17.70 -6.25 35.17
C GLN A 584 -16.51 -6.42 34.25
N VAL A 585 -15.36 -5.89 34.68
CA VAL A 585 -14.12 -5.93 33.91
C VAL A 585 -13.11 -6.76 34.66
N PHE A 586 -12.53 -7.76 33.99
CA PHE A 586 -11.58 -8.67 34.60
C PHE A 586 -10.24 -8.61 33.89
N LEU A 587 -9.18 -8.81 34.65
CA LEU A 587 -7.81 -8.62 34.18
C LEU A 587 -6.97 -9.85 34.48
N PRO A 588 -5.98 -10.14 33.63
CA PRO A 588 -5.09 -11.28 33.89
C PRO A 588 -4.10 -11.00 35.00
N PHE A 589 -3.19 -11.94 35.25
CA PHE A 589 -2.17 -11.74 36.25
C PHE A 589 -1.18 -10.67 35.80
N GLY A 590 -0.77 -9.81 36.74
CA GLY A 590 0.16 -8.76 36.41
C GLY A 590 -0.39 -7.70 35.50
N SER A 591 -1.71 -7.53 35.46
CA SER A 591 -2.36 -6.59 34.55
C SER A 591 -2.48 -5.24 35.23
N ARG A 592 -1.76 -4.25 34.72
CA ARG A 592 -1.83 -2.87 35.17
C ARG A 592 -2.03 -1.98 33.95
N PRO A 593 -3.27 -1.88 33.46
CA PRO A 593 -3.51 -1.10 32.23
C PRO A 593 -3.08 0.35 32.34
N GLU A 594 -3.12 0.92 33.56
CA GLU A 594 -2.70 2.30 33.74
C GLU A 594 -1.21 2.50 33.49
N ASP A 595 -0.41 1.44 33.58
CA ASP A 595 1.02 1.58 33.35
C ASP A 595 1.32 1.94 31.91
N LYS A 596 0.57 1.36 30.97
CA LYS A 596 0.75 1.69 29.56
C LYS A 596 0.52 3.18 29.31
N VAL A 597 -0.45 3.76 30.00
CA VAL A 597 -0.72 5.19 29.86
C VAL A 597 0.33 6.02 30.58
N ASN A 598 0.66 5.65 31.82
CA ASN A 598 1.60 6.43 32.61
C ASN A 598 2.98 6.46 31.97
N GLU A 599 3.31 5.45 31.17
CA GLU A 599 4.57 5.48 30.43
C GLU A 599 4.59 6.64 29.45
N CYS A 600 3.42 7.09 28.99
CA CYS A 600 3.32 8.12 27.96
C CYS A 600 3.13 9.53 28.52
N ILE A 601 2.86 9.67 29.82
CA ILE A 601 2.67 10.98 30.44
C ILE A 601 4.02 11.44 30.96
N ILE A 602 4.69 12.32 30.22
CA ILE A 602 5.98 12.82 30.65
C ILE A 602 5.98 14.35 30.77
N ASN A 603 5.83 15.04 29.63
CA ASN A 603 5.86 16.50 29.65
C ASN A 603 4.88 17.15 28.69
N ASN A 604 3.92 16.42 28.15
CA ASN A 604 3.00 16.99 27.17
C ASN A 604 1.88 17.74 27.88
N PRO A 605 1.71 19.04 27.63
CA PRO A 605 0.67 19.80 28.36
C PRO A 605 -0.74 19.26 28.18
N ILE A 606 -1.11 18.86 26.96
CA ILE A 606 -2.47 18.41 26.71
C ILE A 606 -2.64 16.95 27.11
N VAL A 607 -1.57 16.15 27.07
CA VAL A 607 -1.64 14.82 27.68
C VAL A 607 -1.91 14.96 29.17
N ALA A 608 -1.23 15.89 29.83
CA ALA A 608 -1.47 16.14 31.25
C ALA A 608 -2.88 16.67 31.49
N TYR A 609 -3.37 17.54 30.60
CA TYR A 609 -4.73 18.06 30.75
C TYR A 609 -5.77 16.95 30.62
N LEU A 610 -5.58 16.04 29.65
CA LEU A 610 -6.47 14.90 29.52
C LEU A 610 -6.37 13.98 30.72
N ALA A 611 -5.17 13.77 31.24
CA ALA A 611 -5.01 12.93 32.42
C ALA A 611 -5.73 13.53 33.62
N LYS A 612 -5.63 14.85 33.81
CA LYS A 612 -6.33 15.48 34.92
C LYS A 612 -7.84 15.42 34.70
N GLY A 613 -8.30 15.56 33.46
CA GLY A 613 -9.72 15.39 33.19
C GLY A 613 -10.21 14.00 33.50
N TRP A 614 -9.38 12.99 33.22
CA TRP A 614 -9.73 11.62 33.60
C TRP A 614 -9.75 11.45 35.11
N ASN A 615 -8.78 12.05 35.81
CA ASN A 615 -8.67 11.86 37.25
C ASN A 615 -9.81 12.51 38.00
N SER A 616 -10.36 13.62 37.47
CA SER A 616 -11.50 14.27 38.11
C SER A 616 -12.79 13.49 37.96
N MET A 617 -12.80 12.47 37.11
CA MET A 617 -14.00 11.68 36.87
C MET A 617 -14.15 10.59 37.94
N PRO A 618 -15.38 10.11 38.15
CA PRO A 618 -15.57 8.99 39.07
C PRO A 618 -14.80 7.76 38.62
N ASN A 619 -14.19 7.06 39.58
CA ASN A 619 -13.45 5.85 39.30
C ASN A 619 -14.23 4.57 39.63
N VAL A 620 -15.41 4.70 40.23
CA VAL A 620 -16.24 3.56 40.58
C VAL A 620 -17.68 3.87 40.19
N TYR A 621 -18.35 2.91 39.59
CA TYR A 621 -19.73 3.06 39.13
C TYR A 621 -20.61 2.03 39.81
N TYR A 622 -21.81 2.44 40.20
CA TYR A 622 -22.75 1.55 40.88
C TYR A 622 -23.94 1.23 39.98
N MET B 1 -10.60 15.17 29.12
CA MET B 1 -10.98 13.78 28.92
C MET B 1 -12.42 13.54 29.34
N ASN B 2 -12.87 14.27 30.36
CA ASN B 2 -14.28 14.22 30.74
C ASN B 2 -15.17 14.83 29.66
N LEU B 3 -14.60 15.72 28.84
CA LEU B 3 -15.35 16.32 27.74
C LEU B 3 -15.60 15.33 26.61
N PHE B 4 -14.82 14.25 26.55
CA PHE B 4 -14.96 13.21 25.54
C PHE B 4 -15.85 12.07 25.99
N THR B 5 -16.48 12.19 27.16
CA THR B 5 -17.23 11.10 27.78
C THR B 5 -18.64 11.56 28.12
N PRO B 6 -19.56 11.47 27.16
CA PRO B 6 -20.94 11.89 27.43
C PRO B 6 -21.67 10.93 28.34
N LEU B 7 -22.73 11.44 28.97
CA LEU B 7 -23.57 10.63 29.85
C LEU B 7 -25.02 10.62 29.42
N SER B 8 -25.35 11.15 28.24
CA SER B 8 -26.73 11.18 27.77
C SER B 8 -26.76 11.33 26.27
N GLU B 9 -27.73 10.66 25.63
CA GLU B 9 -28.07 10.85 24.23
C GLU B 9 -26.99 10.34 23.29
N ILE B 10 -25.85 9.96 23.85
CA ILE B 10 -24.71 9.47 23.08
C ILE B 10 -23.75 8.79 24.03
N ASN B 11 -23.13 7.70 23.61
CA ASN B 11 -22.33 6.89 24.51
C ASN B 11 -20.84 7.05 24.23
N PRO B 12 -19.99 6.75 25.22
CA PRO B 12 -18.54 6.93 25.04
C PRO B 12 -17.94 6.10 23.90
N THR B 13 -18.59 5.02 23.47
CA THR B 13 -18.04 4.23 22.38
C THR B 13 -17.97 5.02 21.08
N THR B 14 -19.04 5.76 20.76
CA THR B 14 -19.03 6.57 19.54
C THR B 14 -18.03 7.72 19.65
N THR B 15 -17.93 8.36 20.81
CA THR B 15 -16.99 9.46 21.00
C THR B 15 -15.56 8.99 21.15
N GLN B 16 -15.33 7.68 21.26
CA GLN B 16 -13.97 7.17 21.39
C GLN B 16 -13.17 7.33 20.10
N GLU B 17 -13.81 7.67 18.99
CA GLU B 17 -13.10 8.09 17.80
C GLU B 17 -12.42 9.44 17.97
N LEU B 18 -12.78 10.20 19.00
CA LEU B 18 -12.11 11.45 19.30
C LEU B 18 -10.73 11.25 19.94
N LEU B 19 -10.43 10.05 20.42
CA LEU B 19 -9.13 9.76 21.01
C LEU B 19 -8.13 9.39 19.92
N TYR B 20 -7.99 10.25 18.93
CA TYR B 20 -7.11 10.00 17.80
C TYR B 20 -6.37 11.28 17.44
N ALA B 21 -5.27 11.12 16.71
CA ALA B 21 -4.43 12.23 16.32
C ALA B 21 -4.38 12.36 14.81
N TYR B 22 -5.54 12.32 14.17
CA TYR B 22 -5.62 12.36 12.71
C TYR B 22 -4.89 13.57 12.15
N THR B 23 -5.19 14.76 12.69
CA THR B 23 -4.69 16.00 12.11
C THR B 23 -3.22 16.23 12.41
N GLY B 24 -2.74 15.77 13.56
CA GLY B 24 -1.36 15.99 13.94
C GLY B 24 -0.40 15.18 13.11
N PRO B 25 0.86 15.62 13.07
CA PRO B 25 1.86 14.87 12.30
C PRO B 25 2.15 13.51 12.92
N ALA B 26 2.45 12.55 12.05
CA ALA B 26 2.88 11.25 12.53
C ALA B 26 4.32 11.32 13.04
N PRO B 27 4.66 10.53 14.05
CA PRO B 27 6.02 10.57 14.58
C PRO B 27 7.05 10.11 13.57
N VAL B 28 8.25 10.69 13.68
CA VAL B 28 9.37 10.36 12.81
C VAL B 28 10.40 9.60 13.63
N ALA B 29 10.94 8.52 13.06
CA ALA B 29 12.02 7.78 13.67
C ALA B 29 13.34 8.37 13.19
N TYR B 30 14.10 8.95 14.11
CA TYR B 30 15.36 9.59 13.79
C TYR B 30 16.55 8.70 14.14
N GLY B 31 17.61 8.82 13.36
CA GLY B 31 18.90 8.27 13.72
C GLY B 31 18.98 6.75 13.68
N THR B 32 19.89 6.22 14.49
CA THR B 32 20.23 4.82 14.46
C THR B 32 19.07 3.94 14.91
N ARG B 33 18.89 2.83 14.20
CA ARG B 33 17.99 1.77 14.61
C ARG B 33 18.71 0.66 15.37
N THR B 34 20.01 0.84 15.63
CA THR B 34 20.81 -0.25 16.20
C THR B 34 20.31 -0.65 17.57
N ARG B 35 19.99 0.32 18.43
CA ARG B 35 19.51 -0.02 19.76
C ARG B 35 18.19 -0.78 19.70
N ALA B 36 17.25 -0.32 18.86
CA ALA B 36 15.97 -0.99 18.73
C ALA B 36 16.13 -2.39 18.16
N VAL B 37 16.98 -2.54 17.14
CA VAL B 37 17.22 -3.85 16.53
C VAL B 37 17.83 -4.81 17.55
N LEU B 38 18.82 -4.33 18.30
CA LEU B 38 19.48 -5.19 19.28
C LEU B 38 18.53 -5.55 20.42
N GLU B 39 17.66 -4.62 20.83
CA GLU B 39 16.67 -4.94 21.85
C GLU B 39 15.69 -5.99 21.35
N ASN B 40 15.22 -5.84 20.11
CA ASN B 40 14.33 -6.84 19.53
C ASN B 40 15.00 -8.20 19.45
N ILE B 41 16.30 -8.22 19.16
CA ILE B 41 17.03 -9.47 19.07
C ILE B 41 17.22 -10.10 20.45
N ILE B 42 17.47 -9.27 21.47
CA ILE B 42 17.80 -9.81 22.78
C ILE B 42 16.56 -10.19 23.59
N ARG B 43 15.38 -9.66 23.26
CA ARG B 43 14.19 -10.03 24.02
C ARG B 43 13.90 -11.54 24.01
N PRO B 44 13.95 -12.25 22.90
CA PRO B 44 13.73 -13.72 22.97
C PRO B 44 14.75 -14.44 23.83
N TYR B 45 15.99 -13.97 23.88
CA TYR B 45 17.01 -14.65 24.65
C TYR B 45 16.89 -14.40 26.15
N GLN B 46 16.13 -13.39 26.56
CA GLN B 46 15.86 -13.14 27.96
C GLN B 46 14.58 -13.81 28.45
N TYR B 47 13.70 -14.21 27.54
CA TYR B 47 12.42 -14.79 27.89
C TYR B 47 12.39 -16.30 27.77
N PHE B 48 13.50 -16.94 27.39
CA PHE B 48 13.50 -18.38 27.22
C PHE B 48 13.41 -19.11 28.55
N TYR B 49 14.02 -18.56 29.60
CA TYR B 49 13.96 -19.14 30.92
C TYR B 49 13.21 -18.20 31.87
N LYS B 50 12.59 -18.78 32.89
CA LYS B 50 11.90 -17.98 33.89
C LYS B 50 12.84 -16.96 34.52
N GLU B 51 13.98 -17.44 35.01
CA GLU B 51 15.05 -16.55 35.46
C GLU B 51 15.92 -16.20 34.27
N PRO B 52 16.08 -14.92 33.92
CA PRO B 52 16.81 -14.57 32.70
C PRO B 52 18.23 -15.11 32.70
N ASN B 53 18.60 -15.77 31.60
CA ASN B 53 19.95 -16.28 31.41
C ASN B 53 20.23 -16.22 29.91
N VAL B 54 20.83 -15.12 29.48
CA VAL B 54 21.07 -14.91 28.06
C VAL B 54 22.15 -15.85 27.55
N GLN B 55 23.20 -16.06 28.34
CA GLN B 55 24.32 -16.89 27.90
C GLN B 55 23.90 -18.33 27.64
N ARG B 56 23.04 -18.88 28.50
CA ARG B 56 22.56 -20.24 28.29
C ARG B 56 21.52 -20.32 27.18
N ALA B 57 20.86 -19.21 26.86
CA ALA B 57 19.89 -19.20 25.78
C ALA B 57 20.52 -18.92 24.42
N LEU B 58 21.78 -18.50 24.38
CA LEU B 58 22.43 -18.15 23.12
C LEU B 58 22.99 -19.36 22.37
N ASP B 59 23.04 -20.53 23.00
CA ASP B 59 23.46 -21.75 22.34
C ASP B 59 22.30 -22.71 22.10
N ILE B 60 21.08 -22.21 22.10
CA ILE B 60 19.89 -22.99 21.79
C ILE B 60 19.62 -22.86 20.29
N LYS B 61 19.55 -24.00 19.60
CA LYS B 61 19.24 -23.97 18.17
C LYS B 61 17.74 -23.94 17.94
N THR B 62 17.03 -24.95 18.40
CA THR B 62 15.58 -25.02 18.28
C THR B 62 14.97 -24.58 19.61
N GLY B 63 14.11 -23.56 19.56
CA GLY B 63 13.51 -23.04 20.76
C GLY B 63 12.46 -23.95 21.36
N CYS B 64 12.86 -25.19 21.66
CA CYS B 64 11.98 -26.15 22.31
C CYS B 64 12.27 -26.14 23.81
N LYS B 65 11.22 -26.22 24.61
CA LYS B 65 11.34 -26.12 26.06
C LYS B 65 10.31 -27.03 26.71
N GLU B 66 10.61 -27.42 27.94
CA GLU B 66 9.67 -28.22 28.72
C GLU B 66 8.50 -27.34 29.18
N PRO B 67 7.35 -27.94 29.48
CA PRO B 67 6.23 -27.15 30.02
C PRO B 67 6.57 -26.44 31.31
N GLU B 68 7.44 -27.03 32.15
CA GLU B 68 7.86 -26.36 33.37
C GLU B 68 8.77 -25.17 33.11
N ASP B 69 9.34 -25.07 31.90
CA ASP B 69 10.17 -23.93 31.56
C ASP B 69 9.32 -22.73 31.14
N ILE B 70 8.08 -22.97 30.72
CA ILE B 70 7.22 -21.89 30.25
C ILE B 70 6.93 -20.94 31.40
N ASN B 71 7.13 -19.65 31.16
CA ASN B 71 6.90 -18.61 32.16
C ASN B 71 5.46 -18.11 32.03
N VAL B 72 4.66 -18.32 33.09
CA VAL B 72 3.28 -17.88 33.08
C VAL B 72 3.11 -16.49 33.71
N GLU B 73 4.07 -16.03 34.51
CA GLU B 73 4.02 -14.71 35.11
C GLU B 73 4.77 -13.66 34.30
N GLY B 74 5.31 -14.03 33.15
CA GLY B 74 6.03 -13.11 32.31
C GLY B 74 6.13 -13.64 30.89
N PRO B 75 6.76 -12.88 30.01
CA PRO B 75 6.88 -13.32 28.61
C PRO B 75 7.74 -14.58 28.51
N SER B 76 7.38 -15.44 27.55
CA SER B 76 8.06 -16.72 27.35
C SER B 76 8.34 -16.90 25.87
N SER B 77 9.60 -17.12 25.52
CA SER B 77 10.00 -17.38 24.16
C SER B 77 10.23 -18.88 23.95
N GLY B 78 9.91 -19.35 22.76
CA GLY B 78 10.04 -20.75 22.43
C GLY B 78 8.69 -21.44 22.33
N PHE B 79 8.74 -22.75 22.16
CA PHE B 79 7.53 -23.54 21.98
C PHE B 79 7.73 -24.92 22.57
N HIS B 80 6.61 -25.62 22.79
CA HIS B 80 6.61 -27.00 23.24
C HIS B 80 6.26 -27.88 22.05
N THR B 81 7.16 -28.80 21.70
CA THR B 81 7.07 -29.51 20.44
C THR B 81 5.82 -30.39 20.38
N ALA B 82 5.58 -31.17 21.43
CA ALA B 82 4.39 -32.02 21.45
C ALA B 82 3.12 -31.19 21.39
N SER B 83 3.13 -30.03 22.07
CA SER B 83 2.01 -29.12 21.99
C SER B 83 1.77 -28.67 20.55
N VAL B 84 2.84 -28.31 19.84
CA VAL B 84 2.70 -27.86 18.46
C VAL B 84 2.14 -28.97 17.59
N LEU B 85 2.66 -30.20 17.75
CA LEU B 85 2.17 -31.32 16.95
C LEU B 85 0.68 -31.55 17.20
N LYS B 86 0.27 -31.63 18.47
CA LYS B 86 -1.13 -31.92 18.76
C LYS B 86 -2.04 -30.79 18.31
N LEU B 87 -1.62 -29.54 18.52
CA LEU B 87 -2.44 -28.40 18.12
C LEU B 87 -2.59 -28.32 16.62
N ALA B 88 -1.51 -28.58 15.86
CA ALA B 88 -1.61 -28.57 14.41
C ALA B 88 -2.49 -29.71 13.91
N ASP B 89 -2.40 -30.88 14.54
CA ASP B 89 -3.29 -31.98 14.17
C ASP B 89 -4.75 -31.61 14.42
N ASN B 90 -5.04 -31.00 15.56
CA ASN B 90 -6.40 -30.58 15.86
C ASN B 90 -6.89 -29.54 14.86
N PHE B 91 -6.01 -28.60 14.50
CA PHE B 91 -6.38 -27.59 13.51
C PHE B 91 -6.68 -28.23 12.16
N PHE B 92 -5.86 -29.19 11.76
CA PHE B 92 -6.09 -29.88 10.49
C PHE B 92 -7.42 -30.64 10.50
N ARG B 93 -7.73 -31.32 11.61
CA ARG B 93 -8.94 -32.13 11.65
C ARG B 93 -10.20 -31.27 11.60
N LYS B 94 -10.22 -30.15 12.34
CA LYS B 94 -11.45 -29.37 12.44
C LYS B 94 -11.74 -28.60 11.15
N TYR B 95 -10.72 -27.93 10.61
CA TYR B 95 -10.91 -27.10 9.42
C TYR B 95 -10.45 -27.87 8.18
N ARG B 96 -11.24 -28.89 7.83
CA ARG B 96 -10.91 -29.79 6.73
C ARG B 96 -11.16 -29.17 5.36
N PRO B 97 -12.27 -28.45 5.13
CA PRO B 97 -12.44 -27.79 3.82
C PRO B 97 -11.32 -26.82 3.49
N ALA B 98 -10.81 -26.09 4.48
CA ALA B 98 -9.70 -25.18 4.23
C ALA B 98 -8.47 -25.93 3.77
N MET B 99 -8.20 -27.10 4.36
CA MET B 99 -7.04 -27.88 3.94
C MET B 99 -7.26 -28.55 2.59
N GLU B 100 -8.51 -28.89 2.26
CA GLU B 100 -8.78 -29.34 0.90
C GLU B 100 -8.50 -28.25 -0.12
N LYS B 101 -8.88 -27.01 0.19
CA LYS B 101 -8.54 -25.89 -0.68
C LYS B 101 -7.04 -25.67 -0.75
N LEU B 102 -6.34 -25.88 0.38
CA LEU B 102 -4.88 -25.83 0.36
C LEU B 102 -4.30 -26.88 -0.57
N LYS B 103 -4.85 -28.10 -0.53
CA LYS B 103 -4.38 -29.16 -1.40
C LYS B 103 -4.62 -28.80 -2.87
N TYR B 104 -5.78 -28.24 -3.18
CA TYR B 104 -6.06 -27.82 -4.55
C TYR B 104 -5.10 -26.73 -4.99
N TRP B 105 -4.82 -25.76 -4.11
CA TRP B 105 -3.87 -24.70 -4.45
C TRP B 105 -2.48 -25.27 -4.69
N ILE B 106 -2.06 -26.24 -3.87
CA ILE B 106 -0.75 -26.84 -4.03
C ILE B 106 -0.67 -27.60 -5.36
N LEU B 107 -1.69 -28.39 -5.67
CA LEU B 107 -1.64 -29.22 -6.87
C LEU B 107 -1.81 -28.41 -8.14
N VAL B 108 -2.73 -27.44 -8.12
CA VAL B 108 -3.11 -26.75 -9.35
C VAL B 108 -2.46 -25.37 -9.44
N LYS B 109 -2.74 -24.51 -8.45
CA LYS B 109 -2.35 -23.11 -8.57
C LYS B 109 -0.89 -22.86 -8.20
N LEU B 110 -0.31 -23.69 -7.33
CA LEU B 110 1.10 -23.50 -6.97
C LEU B 110 2.03 -23.65 -8.17
N PRO B 111 1.94 -24.69 -9.00
CA PRO B 111 2.86 -24.78 -10.16
C PRO B 111 2.67 -23.68 -11.18
N LYS B 112 1.52 -23.00 -11.19
CA LYS B 112 1.27 -21.95 -12.16
C LYS B 112 1.69 -20.57 -11.69
N LEU B 113 2.14 -20.42 -10.44
CA LEU B 113 2.61 -19.14 -9.97
C LEU B 113 3.86 -18.72 -10.74
N LYS B 114 3.90 -17.46 -11.15
CA LYS B 114 5.01 -16.92 -11.92
C LYS B 114 5.89 -16.07 -11.02
N TYR B 115 7.21 -16.19 -11.20
CA TYR B 115 8.12 -15.44 -10.37
C TYR B 115 8.13 -13.95 -10.70
N ALA B 116 7.48 -13.54 -11.79
CA ALA B 116 7.37 -12.12 -12.09
C ALA B 116 6.54 -11.38 -11.05
N GLU B 117 5.72 -12.10 -10.27
CA GLU B 117 4.99 -11.47 -9.18
C GLU B 117 5.91 -10.99 -8.06
N LEU B 118 7.15 -11.49 -8.02
CA LEU B 118 8.13 -10.95 -7.08
C LEU B 118 8.48 -9.50 -7.41
N SER B 119 8.32 -9.11 -8.68
CA SER B 119 8.57 -7.74 -9.08
C SER B 119 7.58 -6.77 -8.46
N LYS B 120 6.42 -7.24 -8.05
CA LYS B 120 5.40 -6.41 -7.42
C LYS B 120 5.65 -6.21 -5.93
N GLY B 121 6.70 -6.81 -5.37
CA GLY B 121 7.01 -6.64 -3.97
C GLY B 121 7.62 -5.29 -3.69
N ARG B 122 7.93 -5.07 -2.42
CA ARG B 122 8.46 -3.80 -1.97
C ARG B 122 9.98 -3.81 -2.03
N GLN B 123 10.61 -2.77 -1.48
CA GLN B 123 12.03 -2.53 -1.70
C GLN B 123 12.87 -3.69 -1.16
N THR B 124 13.92 -4.04 -1.91
CA THR B 124 14.74 -5.21 -1.62
C THR B 124 16.21 -4.81 -1.60
N TYR B 125 16.94 -5.34 -0.63
CA TYR B 125 18.39 -5.15 -0.60
C TYR B 125 19.06 -5.99 -1.68
N SER B 126 19.98 -5.38 -2.42
CA SER B 126 20.67 -6.05 -3.51
C SER B 126 22.00 -6.58 -3.00
N PHE B 127 22.24 -7.88 -3.24
CA PHE B 127 23.49 -8.50 -2.84
C PHE B 127 24.60 -8.30 -3.87
N ILE B 128 24.30 -7.65 -4.98
CA ILE B 128 25.30 -7.39 -6.03
C ILE B 128 25.83 -5.97 -5.95
N HIS B 129 24.94 -4.98 -5.90
CA HIS B 129 25.34 -3.58 -5.74
C HIS B 129 25.49 -3.17 -4.29
N LYS B 130 25.16 -4.05 -3.34
CA LYS B 130 25.29 -3.78 -1.91
C LYS B 130 24.51 -2.53 -1.51
N ARG B 131 23.30 -2.41 -2.03
CA ARG B 131 22.44 -1.26 -1.72
C ARG B 131 20.99 -1.68 -1.86
N ASN B 132 20.11 -0.90 -1.26
CA ASN B 132 18.68 -1.14 -1.42
C ASN B 132 18.23 -0.73 -2.81
N LEU B 133 17.47 -1.60 -3.47
CA LEU B 133 17.04 -1.38 -4.84
C LEU B 133 15.56 -1.71 -4.97
N PRO B 134 14.88 -1.12 -5.95
CA PRO B 134 13.47 -1.48 -6.19
C PRO B 134 13.33 -2.94 -6.60
N ALA B 135 12.17 -3.50 -6.27
CA ALA B 135 11.96 -4.93 -6.52
C ALA B 135 12.18 -5.36 -7.96
N PRO B 136 11.71 -4.63 -8.99
CA PRO B 136 12.00 -5.09 -10.36
C PRO B 136 13.49 -5.18 -10.67
N ILE B 137 14.28 -4.22 -10.20
CA ILE B 137 15.72 -4.25 -10.47
C ILE B 137 16.37 -5.43 -9.77
N ALA B 138 16.01 -5.67 -8.51
CA ALA B 138 16.56 -6.80 -7.78
C ALA B 138 16.18 -8.12 -8.43
N LEU B 139 14.92 -8.25 -8.86
CA LEU B 139 14.49 -9.47 -9.54
C LEU B 139 15.27 -9.68 -10.83
N GLU B 140 15.44 -8.63 -11.63
CA GLU B 140 16.15 -8.76 -12.89
C GLU B 140 17.60 -9.17 -12.66
N GLU B 141 18.29 -8.51 -11.73
CA GLU B 141 19.68 -8.85 -11.49
C GLU B 141 19.83 -10.25 -10.91
N THR B 142 18.91 -10.65 -10.03
CA THR B 142 18.96 -12.00 -9.48
C THR B 142 18.76 -13.05 -10.56
N VAL B 143 17.80 -12.82 -11.46
CA VAL B 143 17.55 -13.79 -12.52
C VAL B 143 18.74 -13.87 -13.47
N GLU B 144 19.35 -12.73 -13.80
CA GLU B 144 20.54 -12.76 -14.66
C GLU B 144 21.69 -13.48 -13.97
N PHE B 145 21.87 -13.25 -12.66
CA PHE B 145 22.91 -13.95 -11.91
C PHE B 145 22.67 -15.46 -11.93
N LEU B 146 21.42 -15.88 -11.73
CA LEU B 146 21.09 -17.30 -11.77
C LEU B 146 21.37 -17.89 -13.14
N GLU B 147 20.97 -17.20 -14.20
CA GLU B 147 21.20 -17.73 -15.55
C GLU B 147 22.69 -17.80 -15.87
N GLN B 148 23.47 -16.81 -15.41
CA GLN B 148 24.90 -16.85 -15.64
C GLN B 148 25.54 -18.03 -14.89
N ASN B 149 25.08 -18.31 -13.68
CA ASN B 149 25.73 -19.34 -12.88
C ASN B 149 25.17 -20.74 -13.10
N LEU B 150 24.08 -20.88 -13.83
CA LEU B 150 23.48 -22.19 -14.04
C LEU B 150 23.52 -22.68 -15.48
N ARG B 151 24.01 -21.88 -16.43
CA ARG B 151 24.12 -22.30 -17.82
C ARG B 151 22.77 -22.72 -18.40
N ARG B 152 21.70 -22.06 -17.96
CA ARG B 152 20.37 -22.38 -18.46
C ARG B 152 19.48 -21.16 -18.25
N LYS B 153 18.31 -21.20 -18.89
CA LYS B 153 17.31 -20.14 -18.79
C LYS B 153 16.30 -20.51 -17.71
N ILE B 154 15.98 -19.56 -16.84
CA ILE B 154 15.05 -19.79 -15.75
C ILE B 154 13.63 -19.72 -16.28
N GLY B 155 12.83 -20.73 -15.95
CA GLY B 155 11.44 -20.77 -16.38
C GLY B 155 10.62 -19.68 -15.74
N PRO B 156 9.50 -19.32 -16.39
CA PRO B 156 8.67 -18.22 -15.86
C PRO B 156 8.00 -18.53 -14.54
N THR B 157 7.88 -19.81 -14.16
CA THR B 157 7.16 -20.17 -12.95
C THR B 157 8.01 -19.90 -11.71
N LEU B 158 7.32 -19.71 -10.59
CA LEU B 158 8.00 -19.48 -9.32
C LEU B 158 8.79 -20.71 -8.88
N LEU B 159 8.25 -21.91 -9.17
CA LEU B 159 8.96 -23.14 -8.82
C LEU B 159 10.29 -23.23 -9.55
N SER B 160 10.33 -22.82 -10.81
CA SER B 160 11.59 -22.81 -11.55
C SER B 160 12.59 -21.87 -10.91
N TYR B 161 12.13 -20.69 -10.46
CA TYR B 161 13.01 -19.75 -9.80
C TYR B 161 13.57 -20.32 -8.49
N CYS B 162 12.70 -20.97 -7.70
CA CYS B 162 13.15 -21.56 -6.45
C CYS B 162 14.13 -22.72 -6.70
N GLN B 163 13.87 -23.52 -7.73
CA GLN B 163 14.79 -24.58 -8.09
C GLN B 163 16.14 -24.02 -8.53
N ALA B 164 16.11 -22.89 -9.26
CA ALA B 164 17.35 -22.23 -9.64
C ALA B 164 18.11 -21.75 -8.42
N ILE B 165 17.41 -21.20 -7.43
CA ILE B 165 18.07 -20.76 -6.19
C ILE B 165 18.72 -21.96 -5.50
N ALA B 166 17.97 -23.06 -5.38
CA ALA B 166 18.50 -24.25 -4.73
C ALA B 166 19.72 -24.79 -5.49
N ASP B 167 19.68 -24.76 -6.81
CA ASP B 167 20.79 -25.26 -7.61
C ASP B 167 22.03 -24.36 -7.46
N VAL B 168 21.84 -23.04 -7.49
CA VAL B 168 22.98 -22.14 -7.40
C VAL B 168 23.57 -22.15 -5.99
N MET B 169 22.78 -22.51 -4.98
CA MET B 169 23.32 -22.62 -3.64
C MET B 169 24.32 -23.76 -3.49
N GLU B 170 24.40 -24.66 -4.48
CA GLU B 170 25.24 -25.85 -4.39
C GLU B 170 26.57 -25.69 -5.11
N LEU B 171 26.83 -24.53 -5.70
CA LEU B 171 28.08 -24.30 -6.40
C LEU B 171 29.16 -23.79 -5.44
N ASP B 172 30.37 -24.30 -5.61
CA ASP B 172 31.50 -23.80 -4.82
C ASP B 172 31.75 -22.33 -5.12
N GLU B 173 31.62 -21.93 -6.39
CA GLU B 173 31.94 -20.60 -6.85
C GLU B 173 30.81 -20.06 -7.71
N THR B 174 30.43 -18.81 -7.47
CA THR B 174 29.48 -18.09 -8.31
C THR B 174 30.02 -16.70 -8.63
N THR B 175 29.71 -16.21 -9.82
CA THR B 175 30.15 -14.91 -10.29
C THR B 175 28.95 -14.16 -10.87
N TYR B 176 29.14 -12.87 -11.12
CA TYR B 176 28.10 -12.03 -11.70
C TYR B 176 28.48 -11.39 -13.03
N GLU B 177 29.76 -11.05 -13.24
CA GLU B 177 30.24 -10.48 -14.49
C GLU B 177 29.58 -9.14 -14.84
N THR B 209 33.30 -3.29 -17.43
CA THR B 209 32.80 -4.61 -17.02
C THR B 209 33.41 -5.02 -15.67
N TYR B 210 32.56 -5.11 -14.65
CA TYR B 210 32.99 -5.50 -13.32
C TYR B 210 32.58 -6.94 -13.06
N THR B 211 33.45 -7.68 -12.35
CA THR B 211 33.21 -9.09 -12.03
C THR B 211 33.08 -9.22 -10.52
N ILE B 212 31.86 -9.46 -10.05
CA ILE B 212 31.61 -9.64 -8.62
C ILE B 212 31.72 -11.12 -8.31
N LYS B 213 32.65 -11.47 -7.42
CA LYS B 213 33.01 -12.85 -7.13
C LYS B 213 32.47 -13.23 -5.76
N PHE B 214 31.77 -14.36 -5.69
CA PHE B 214 31.18 -14.84 -4.45
C PHE B 214 31.79 -16.19 -4.06
N SER B 215 31.24 -16.76 -2.99
CA SER B 215 31.52 -18.13 -2.57
C SER B 215 30.22 -18.71 -2.06
N ARG B 216 30.24 -20.01 -1.73
CA ARG B 216 29.05 -20.60 -1.14
C ARG B 216 28.72 -19.96 0.20
N GLU B 217 29.75 -19.69 1.01
CA GLU B 217 29.51 -19.08 2.32
C GLU B 217 29.05 -17.64 2.17
N GLU B 218 29.63 -16.88 1.23
CA GLU B 218 29.23 -15.49 1.05
C GLU B 218 27.81 -15.41 0.48
N LEU B 219 27.51 -16.22 -0.53
CA LEU B 219 26.15 -16.25 -1.07
C LEU B 219 25.16 -16.72 -0.01
N TRP B 220 25.57 -17.68 0.83
CA TRP B 220 24.73 -18.11 1.94
C TRP B 220 24.46 -16.96 2.90
N ASP B 221 25.49 -16.19 3.24
CA ASP B 221 25.30 -15.05 4.14
C ASP B 221 24.36 -14.01 3.55
N GLN B 222 24.49 -13.75 2.24
CA GLN B 222 23.57 -12.82 1.60
C GLN B 222 22.15 -13.37 1.60
N MET B 223 22.00 -14.68 1.44
CA MET B 223 20.68 -15.30 1.50
C MET B 223 20.08 -15.19 2.89
N ARG B 224 20.89 -15.36 3.94
CA ARG B 224 20.40 -15.28 5.31
C ARG B 224 20.04 -13.86 5.70
N THR B 225 20.80 -12.89 5.20
CA THR B 225 20.80 -11.54 5.77
C THR B 225 19.42 -10.90 5.68
N LEU B 226 19.00 -10.30 6.79
CA LEU B 226 17.79 -9.50 6.85
C LEU B 226 18.18 -8.04 6.95
N ASN B 227 17.61 -7.21 6.07
CA ASN B 227 17.87 -5.78 6.09
C ASN B 227 16.80 -5.10 6.92
N THR B 228 17.23 -4.34 7.93
CA THR B 228 16.32 -3.71 8.88
C THR B 228 16.22 -2.22 8.60
N MET B 229 15.06 -1.65 8.94
CA MET B 229 14.84 -0.22 8.77
C MET B 229 13.73 0.20 9.72
N TRP B 230 13.67 1.51 9.99
CA TRP B 230 12.60 2.05 10.80
C TRP B 230 11.26 1.89 10.10
N LYS B 231 10.21 1.67 10.89
CA LYS B 231 8.85 1.63 10.38
C LYS B 231 8.27 3.04 10.45
N HIS B 232 8.15 3.69 9.31
CA HIS B 232 7.77 5.09 9.23
C HIS B 232 6.26 5.26 9.26
N LEU B 233 5.82 6.45 9.66
CA LEU B 233 4.41 6.85 9.64
C LEU B 233 3.54 5.89 10.44
N GLU B 234 4.05 5.46 11.59
CA GLU B 234 3.32 4.56 12.48
C GLU B 234 2.75 5.36 13.64
N ARG B 235 1.45 5.16 13.91
CA ARG B 235 0.74 5.93 14.91
C ARG B 235 0.29 5.02 16.06
N GLY B 236 0.13 5.63 17.23
CA GLY B 236 -0.36 4.92 18.39
C GLY B 236 0.69 4.27 19.25
N ARG B 237 1.96 4.63 19.09
CA ARG B 237 3.03 4.04 19.88
C ARG B 237 3.97 5.13 20.38
N LEU B 238 4.42 4.98 21.62
CA LEU B 238 5.41 5.88 22.18
C LEU B 238 6.81 5.61 21.63
N ASN B 239 7.13 4.35 21.37
CA ASN B 239 8.45 3.94 20.92
C ASN B 239 8.40 3.48 19.47
N ARG B 240 9.42 3.83 18.71
CA ARG B 240 9.50 3.45 17.31
C ARG B 240 9.91 1.98 17.17
N ARG B 241 9.43 1.35 16.10
CA ARG B 241 9.73 -0.05 15.81
C ARG B 241 10.53 -0.16 14.52
N THR B 242 11.13 -1.33 14.33
CA THR B 242 11.89 -1.66 13.13
C THR B 242 11.27 -2.86 12.45
N ILE B 243 11.47 -2.94 11.13
CA ILE B 243 10.99 -4.07 10.33
C ILE B 243 12.15 -4.59 9.49
N ALA B 244 12.04 -5.85 9.08
CA ALA B 244 13.10 -6.53 8.36
C ALA B 244 12.64 -6.95 6.98
N THR B 245 13.55 -6.94 6.02
CA THR B 245 13.25 -7.35 4.65
C THR B 245 14.10 -8.55 4.27
N PRO B 246 13.52 -9.56 3.64
CA PRO B 246 14.31 -10.70 3.18
C PRO B 246 15.06 -10.39 1.90
N SER B 247 16.06 -11.22 1.63
CA SER B 247 16.80 -11.10 0.37
C SER B 247 15.96 -11.66 -0.78
N MET B 248 16.25 -11.18 -1.99
CA MET B 248 15.53 -11.67 -3.16
C MET B 248 15.76 -13.15 -3.41
N LEU B 249 16.87 -13.70 -2.92
CA LEU B 249 17.14 -15.13 -3.07
C LEU B 249 16.15 -16.00 -2.31
N ILE B 250 15.51 -15.47 -1.27
CA ILE B 250 14.57 -16.24 -0.46
C ILE B 250 13.13 -15.78 -0.60
N ARG B 251 12.89 -14.65 -1.29
CA ARG B 251 11.54 -14.12 -1.38
C ARG B 251 10.62 -15.03 -2.17
N GLY B 252 11.14 -15.85 -3.08
CA GLY B 252 10.28 -16.80 -3.78
C GLY B 252 9.69 -17.84 -2.85
N PHE B 253 10.55 -18.43 -2.01
CA PHE B 253 10.07 -19.38 -1.00
C PHE B 253 9.15 -18.70 -0.01
N VAL B 254 9.49 -17.47 0.41
CA VAL B 254 8.63 -16.74 1.33
C VAL B 254 7.26 -16.49 0.73
N LYS B 255 7.23 -16.12 -0.56
CA LYS B 255 5.94 -15.91 -1.22
C LYS B 255 5.15 -17.20 -1.32
N ILE B 256 5.82 -18.32 -1.59
CA ILE B 256 5.10 -19.59 -1.64
C ILE B 256 4.44 -19.90 -0.31
N VAL B 257 5.21 -19.80 0.78
CA VAL B 257 4.65 -20.16 2.09
C VAL B 257 3.58 -19.16 2.52
N GLU B 258 3.78 -17.87 2.21
CA GLU B 258 2.78 -16.88 2.58
C GLU B 258 1.50 -17.02 1.76
N ASP B 259 1.61 -17.40 0.48
CA ASP B 259 0.42 -17.65 -0.32
C ASP B 259 -0.34 -18.85 0.19
N ALA B 260 0.38 -19.91 0.60
CA ALA B 260 -0.31 -21.05 1.20
C ALA B 260 -1.00 -20.65 2.50
N ALA B 261 -0.32 -19.85 3.33
CA ALA B 261 -0.91 -19.39 4.59
C ALA B 261 -2.15 -18.55 4.32
N LYS B 262 -2.10 -17.67 3.33
CA LYS B 262 -3.26 -16.87 2.97
C LYS B 262 -4.40 -17.75 2.46
N GLU B 263 -4.07 -18.78 1.68
CA GLU B 263 -5.09 -19.71 1.21
C GLU B 263 -5.80 -20.39 2.36
N ILE B 264 -5.06 -20.79 3.40
CA ILE B 264 -5.70 -21.36 4.58
C ILE B 264 -6.51 -20.31 5.33
N LEU B 265 -5.92 -19.14 5.56
CA LEU B 265 -6.55 -18.15 6.42
C LEU B 265 -7.82 -17.59 5.80
N GLU B 266 -7.92 -17.59 4.47
CA GLU B 266 -9.14 -17.14 3.81
C GLU B 266 -10.30 -18.10 4.00
N ASN B 267 -10.06 -19.29 4.56
CA ASN B 267 -11.09 -20.31 4.66
C ASN B 267 -11.25 -20.83 6.09
N VAL B 268 -10.83 -20.06 7.10
CA VAL B 268 -11.02 -20.45 8.49
C VAL B 268 -11.76 -19.33 9.22
N PRO B 269 -12.70 -19.66 10.11
CA PRO B 269 -13.48 -18.63 10.79
C PRO B 269 -12.74 -17.90 11.89
N THR B 270 -11.55 -18.35 12.29
CA THR B 270 -10.81 -17.71 13.36
C THR B 270 -9.78 -16.71 12.86
N SER B 271 -9.65 -16.54 11.55
CA SER B 271 -8.74 -15.55 11.00
C SER B 271 -9.44 -14.21 10.87
N GLY B 272 -8.66 -13.14 10.95
CA GLY B 272 -9.19 -11.80 10.81
C GLY B 272 -9.20 -11.33 9.38
N VAL B 273 -9.94 -12.03 8.52
CA VAL B 273 -10.05 -11.68 7.10
C VAL B 273 -11.38 -12.21 6.59
N PRO B 274 -12.13 -11.43 5.79
CA PRO B 274 -13.40 -11.91 5.24
C PRO B 274 -13.24 -12.51 3.85
N GLU B 279 -16.56 -7.83 9.32
CA GLU B 279 -17.37 -8.95 8.88
C GLU B 279 -17.46 -10.02 9.96
N LYS B 280 -16.31 -10.57 10.33
CA LYS B 280 -16.27 -11.57 11.39
C LYS B 280 -16.64 -10.97 12.74
N LEU B 281 -16.08 -9.80 13.05
CA LEU B 281 -16.43 -9.12 14.30
C LEU B 281 -17.91 -8.75 14.33
N ALA B 282 -18.44 -8.28 13.20
CA ALA B 282 -19.87 -7.97 13.12
C ALA B 282 -20.71 -9.23 13.27
N LYS B 283 -20.26 -10.34 12.68
CA LYS B 283 -21.00 -11.59 12.81
C LYS B 283 -21.05 -12.06 14.25
N LEU B 284 -19.92 -11.97 14.97
CA LEU B 284 -19.92 -12.35 16.38
C LEU B 284 -20.72 -11.37 17.23
N ALA B 285 -20.70 -10.09 16.88
CA ALA B 285 -21.48 -9.10 17.62
C ALA B 285 -22.97 -9.35 17.47
N SER B 286 -23.42 -9.70 16.26
CA SER B 286 -24.83 -9.94 16.02
C SER B 286 -25.28 -11.34 16.42
N LYS B 287 -24.36 -12.18 16.89
CA LYS B 287 -24.69 -13.55 17.28
C LYS B 287 -25.32 -13.53 18.67
N GLN B 288 -26.62 -13.80 18.74
CA GLN B 288 -27.31 -13.91 20.02
C GLN B 288 -27.06 -15.29 20.61
N THR B 289 -26.50 -15.33 21.82
CA THR B 289 -26.06 -16.60 22.40
C THR B 289 -27.21 -17.34 23.07
N PHE B 290 -27.74 -16.77 24.15
CA PHE B 290 -28.74 -17.44 24.99
C PHE B 290 -29.49 -16.36 25.76
N HIS B 291 -30.25 -16.80 26.77
CA HIS B 291 -30.97 -15.89 27.66
C HIS B 291 -30.45 -15.90 29.09
N THR B 292 -29.74 -16.94 29.51
CA THR B 292 -29.15 -16.99 30.84
C THR B 292 -27.69 -17.42 30.86
N ALA B 293 -27.09 -17.67 29.71
CA ALA B 293 -25.69 -18.09 29.67
C ALA B 293 -24.77 -16.95 30.06
N VAL B 294 -23.63 -17.29 30.65
CA VAL B 294 -22.63 -16.32 31.06
C VAL B 294 -21.72 -16.10 29.85
N THR B 295 -21.91 -14.97 29.17
CA THR B 295 -21.23 -14.67 27.92
C THR B 295 -20.31 -13.47 28.10
N GLY B 296 -19.03 -13.65 27.73
CA GLY B 296 -18.04 -12.61 27.91
C GLY B 296 -17.31 -12.32 26.61
N GLU B 297 -16.59 -11.20 26.61
CA GLU B 297 -15.91 -10.72 25.42
C GLU B 297 -14.53 -10.21 25.83
N LEU B 298 -13.49 -10.84 25.30
CA LEU B 298 -12.11 -10.50 25.63
C LEU B 298 -11.48 -9.78 24.44
N SER B 299 -10.96 -8.58 24.71
CA SER B 299 -10.25 -7.79 23.71
C SER B 299 -8.84 -7.56 24.20
N GLY B 300 -7.85 -7.85 23.36
CA GLY B 300 -6.48 -7.68 23.78
C GLY B 300 -5.50 -7.73 22.62
N ASP B 301 -4.31 -7.22 22.88
CA ASP B 301 -3.18 -7.29 21.96
C ASP B 301 -2.20 -8.33 22.46
N GLN B 302 -1.16 -8.58 21.67
CA GLN B 302 -0.13 -9.53 22.04
C GLN B 302 1.16 -8.77 22.32
N GLU B 303 1.76 -8.98 23.48
CA GLU B 303 3.01 -8.30 23.79
C GLU B 303 4.17 -9.01 23.11
N LYS B 304 5.01 -8.23 22.42
CA LYS B 304 6.25 -8.73 21.83
C LYS B 304 5.98 -9.96 20.97
N PHE B 305 4.98 -9.82 20.10
CA PHE B 305 4.49 -10.96 19.31
C PHE B 305 5.60 -11.56 18.46
N ASN B 306 6.36 -10.73 17.76
CA ASN B 306 7.40 -11.21 16.88
C ASN B 306 8.71 -11.51 17.59
N GLU B 307 8.84 -11.10 18.85
CA GLU B 307 10.06 -11.34 19.63
C GLU B 307 10.01 -12.62 20.44
N CYS B 308 8.90 -13.36 20.39
CA CYS B 308 8.77 -14.60 21.15
C CYS B 308 8.42 -15.78 20.26
N LEU B 309 8.55 -15.64 18.95
CA LEU B 309 8.16 -16.67 17.99
C LEU B 309 9.41 -17.32 17.42
N ASP B 310 9.35 -18.64 17.25
CA ASP B 310 10.48 -19.38 16.71
C ASP B 310 10.09 -20.02 15.39
N PRO B 311 10.88 -19.83 14.33
CA PRO B 311 10.50 -20.39 13.02
C PRO B 311 10.35 -21.90 13.01
N ASP B 312 11.03 -22.62 13.91
CA ASP B 312 10.93 -24.07 13.93
C ASP B 312 9.51 -24.53 14.28
N ALA B 313 8.81 -23.76 15.12
CA ALA B 313 7.42 -24.10 15.41
C ALA B 313 6.56 -24.02 14.15
N MET B 314 6.77 -22.98 13.34
CA MET B 314 6.05 -22.89 12.07
C MET B 314 6.46 -23.98 11.11
N ARG B 315 7.74 -24.38 11.11
CA ARG B 315 8.15 -25.54 10.34
C ARG B 315 7.36 -26.78 10.74
N LEU B 316 7.26 -27.02 12.04
CA LEU B 316 6.56 -28.20 12.52
C LEU B 316 5.08 -28.14 12.14
N MET B 317 4.45 -26.97 12.30
CA MET B 317 3.04 -26.84 11.96
C MET B 317 2.82 -27.09 10.47
N TRP B 318 3.65 -26.49 9.62
CA TRP B 318 3.52 -26.68 8.18
C TRP B 318 3.77 -28.12 7.78
N THR B 319 4.77 -28.76 8.40
CA THR B 319 5.07 -30.15 8.09
C THR B 319 3.91 -31.05 8.47
N VAL B 320 3.29 -30.80 9.63
CA VAL B 320 2.12 -31.57 10.03
C VAL B 320 0.99 -31.38 9.02
N PHE B 321 0.76 -30.12 8.60
CA PHE B 321 -0.30 -29.84 7.64
C PHE B 321 -0.06 -30.61 6.34
N LEU B 322 1.14 -30.50 5.78
CA LEU B 322 1.43 -31.14 4.51
C LEU B 322 1.42 -32.66 4.64
N ARG B 323 1.93 -33.20 5.74
CA ARG B 323 1.96 -34.64 5.93
C ARG B 323 0.57 -35.22 6.03
N LYS B 324 -0.33 -34.56 6.76
CA LYS B 324 -1.71 -35.04 6.81
C LYS B 324 -2.47 -34.74 5.53
N LEU B 325 -1.98 -33.81 4.71
CA LEU B 325 -2.56 -33.61 3.38
C LEU B 325 -2.15 -34.67 2.39
N GLY B 326 -1.09 -35.43 2.67
CA GLY B 326 -0.58 -36.38 1.71
C GLY B 326 0.34 -35.79 0.68
N CYS B 327 0.89 -34.60 0.92
CA CYS B 327 1.77 -33.96 -0.04
C CYS B 327 3.09 -34.73 -0.15
N PRO B 328 3.75 -34.65 -1.30
CA PRO B 328 5.04 -35.32 -1.46
C PRO B 328 6.12 -34.66 -0.62
N ASP B 329 7.28 -35.32 -0.57
CA ASP B 329 8.39 -34.83 0.24
C ASP B 329 8.97 -33.52 -0.30
N TRP B 330 8.92 -33.32 -1.62
CA TRP B 330 9.46 -32.08 -2.17
C TRP B 330 8.61 -30.87 -1.79
N ILE B 331 7.30 -31.05 -1.62
CA ILE B 331 6.47 -29.99 -1.08
C ILE B 331 6.93 -29.64 0.34
N MET B 332 7.20 -30.66 1.15
CA MET B 332 7.66 -30.43 2.52
C MET B 332 8.97 -29.67 2.53
N GLU B 333 9.91 -30.09 1.67
CA GLU B 333 11.20 -29.41 1.60
C GLU B 333 11.05 -27.96 1.17
N LEU B 334 10.18 -27.72 0.18
CA LEU B 334 9.93 -26.37 -0.29
C LEU B 334 9.36 -25.49 0.82
N PHE B 335 8.43 -26.03 1.60
CA PHE B 335 7.84 -25.25 2.69
C PHE B 335 8.79 -25.06 3.86
N ASN B 336 9.74 -25.98 4.05
CA ASN B 336 10.64 -25.90 5.18
C ASN B 336 11.90 -25.06 4.92
N ILE B 337 12.30 -24.90 3.65
CA ILE B 337 13.46 -24.06 3.35
C ILE B 337 13.34 -22.64 3.91
N PRO B 338 12.22 -21.92 3.74
CA PRO B 338 12.19 -20.52 4.20
C PRO B 338 12.47 -20.36 5.68
N PHE B 339 11.79 -21.15 6.51
CA PHE B 339 11.94 -20.98 7.95
C PHE B 339 13.32 -21.46 8.42
N MET B 340 13.91 -22.44 7.73
CA MET B 340 15.26 -22.86 8.08
C MET B 340 16.29 -21.78 7.72
N VAL B 341 16.07 -21.07 6.61
CA VAL B 341 16.92 -19.94 6.30
C VAL B 341 16.73 -18.83 7.35
N PHE B 342 15.49 -18.66 7.81
CA PHE B 342 15.23 -17.66 8.84
C PHE B 342 15.86 -18.02 10.17
N LYS B 343 15.95 -19.32 10.48
CA LYS B 343 16.65 -19.74 11.69
C LYS B 343 18.11 -19.34 11.67
N SER B 344 18.67 -19.09 10.50
CA SER B 344 20.05 -18.68 10.34
C SER B 344 20.17 -17.19 10.00
N LYS B 345 19.19 -16.39 10.40
CA LYS B 345 19.14 -15.01 9.95
C LYS B 345 20.34 -14.21 10.44
N LEU B 346 20.70 -13.20 9.66
CA LEU B 346 21.82 -12.30 9.92
C LEU B 346 21.34 -10.86 9.89
N ALA B 347 20.30 -10.56 10.67
CA ALA B 347 19.69 -9.24 10.69
C ALA B 347 20.74 -8.15 10.87
N ASP B 348 20.69 -7.15 9.99
CA ASP B 348 21.64 -6.04 10.05
C ASP B 348 21.34 -5.17 11.27
N MET B 349 22.37 -4.90 12.06
CA MET B 349 22.20 -4.12 13.30
C MET B 349 22.46 -2.63 13.08
N GLY B 350 21.78 -2.06 12.09
CA GLY B 350 21.71 -0.63 11.90
C GLY B 350 23.05 0.03 11.65
N GLU B 351 23.16 1.29 12.11
CA GLU B 351 24.33 2.12 11.88
C GLU B 351 25.32 2.11 13.04
N GLY B 352 24.91 1.67 14.21
CA GLY B 352 25.79 1.61 15.36
C GLY B 352 25.13 2.20 16.59
N LEU B 353 25.72 1.90 17.75
CA LEU B 353 25.21 2.38 19.02
C LEU B 353 25.77 3.76 19.31
N VAL B 354 24.94 4.62 19.91
CA VAL B 354 25.32 6.00 20.16
C VAL B 354 26.13 6.07 21.45
N TYR B 355 27.32 6.69 21.37
CA TYR B 355 28.20 6.86 22.51
C TYR B 355 28.56 8.33 22.64
N THR B 356 28.67 8.80 23.88
CA THR B 356 29.00 10.19 24.15
C THR B 356 30.20 10.28 25.09
N LYS B 357 31.21 11.05 24.70
CA LYS B 357 32.35 11.32 25.57
C LYS B 357 32.05 12.47 26.52
N GLY B 358 31.94 13.67 25.96
CA GLY B 358 31.44 14.83 26.68
C GLY B 358 30.17 15.32 26.01
N LYS B 359 30.25 16.46 25.33
CA LYS B 359 29.19 16.85 24.41
C LYS B 359 29.30 16.16 23.06
N LEU B 360 30.40 15.43 22.82
CA LEU B 360 30.58 14.72 21.56
C LEU B 360 29.63 13.52 21.48
N THR B 361 29.38 13.08 20.25
CA THR B 361 28.55 11.93 19.97
C THR B 361 29.25 11.07 18.92
N ASP B 362 29.30 9.76 19.15
CA ASP B 362 29.93 8.83 18.23
C ASP B 362 28.99 7.67 17.98
N ARG B 363 29.21 7.01 16.84
CA ARG B 363 28.38 5.89 16.39
C ARG B 363 29.28 4.67 16.31
N LYS B 364 29.11 3.74 17.26
CA LYS B 364 30.02 2.61 17.33
C LYS B 364 29.28 1.29 17.20
N PRO B 365 29.86 0.30 16.55
CA PRO B 365 29.21 -1.00 16.42
C PRO B 365 29.18 -1.76 17.74
N LEU B 366 28.26 -2.72 17.81
CA LEU B 366 28.18 -3.58 18.99
C LEU B 366 29.46 -4.39 19.12
N GLY B 367 29.99 -4.46 20.34
CA GLY B 367 31.19 -5.21 20.64
C GLY B 367 32.46 -4.39 20.71
N GLU B 368 32.44 -3.18 20.14
CA GLU B 368 33.64 -2.34 20.21
C GLU B 368 33.88 -1.84 21.64
N MET B 369 32.85 -1.41 22.32
CA MET B 369 32.93 -0.97 23.70
C MET B 369 31.74 -1.52 24.47
N PRO B 370 31.84 -1.61 25.80
CA PRO B 370 30.75 -2.21 26.58
C PRO B 370 29.44 -1.45 26.43
N SER B 371 28.34 -2.21 26.47
CA SER B 371 27.00 -1.66 26.38
C SER B 371 26.05 -2.60 27.12
N GLU B 372 24.75 -2.37 26.96
CA GLU B 372 23.76 -3.24 27.57
C GLU B 372 23.46 -4.48 26.73
N PHE B 373 24.12 -4.64 25.59
CA PHE B 373 23.94 -5.79 24.71
C PHE B 373 25.23 -6.60 24.60
N ASP B 374 26.06 -6.56 25.65
CA ASP B 374 27.35 -7.24 25.60
C ASP B 374 27.22 -8.75 25.51
N ASP B 375 26.06 -9.30 25.87
CA ASP B 375 25.88 -10.75 25.77
C ASP B 375 25.87 -11.21 24.32
N LEU B 376 25.42 -10.37 23.40
CA LEU B 376 25.29 -10.72 21.99
C LEU B 376 26.56 -10.45 21.19
N VAL B 377 27.65 -10.07 21.84
CA VAL B 377 28.87 -9.71 21.12
C VAL B 377 29.39 -10.92 20.34
N ARG B 378 29.27 -12.12 20.90
CA ARG B 378 29.75 -13.33 20.24
C ARG B 378 28.98 -13.66 18.97
N ASN B 379 27.82 -13.05 18.75
CA ASN B 379 26.99 -13.33 17.58
C ASN B 379 27.21 -12.33 16.45
N VAL B 380 28.18 -11.44 16.56
CA VAL B 380 28.39 -10.40 15.57
C VAL B 380 29.15 -10.98 14.39
N VAL B 381 28.59 -10.85 13.19
CA VAL B 381 29.21 -11.31 11.95
C VAL B 381 29.30 -10.08 11.05
N GLY B 382 30.46 -9.45 11.01
CA GLY B 382 30.59 -8.21 10.25
C GLY B 382 29.72 -7.13 10.87
N ASN B 383 28.86 -6.52 10.05
CA ASN B 383 27.89 -5.55 10.54
C ASN B 383 26.54 -6.19 10.82
N SER B 384 26.43 -7.51 10.67
CA SER B 384 25.22 -8.25 11.00
C SER B 384 25.44 -9.08 12.25
N ILE B 385 24.33 -9.47 12.86
CA ILE B 385 24.36 -10.27 14.09
C ILE B 385 23.46 -11.47 13.90
N SER B 386 23.96 -12.65 14.26
CA SER B 386 23.19 -13.88 14.12
C SER B 386 22.29 -14.08 15.34
N CYS B 387 21.08 -14.57 15.11
CA CYS B 387 20.13 -14.80 16.19
C CYS B 387 19.14 -15.88 15.76
N ARG B 388 19.24 -17.05 16.39
CA ARG B 388 18.37 -18.17 16.03
C ARG B 388 16.96 -18.01 16.56
N LEU B 389 16.80 -17.40 17.73
CA LEU B 389 15.48 -17.24 18.33
C LEU B 389 14.87 -15.91 17.95
N GLY B 390 13.55 -15.86 17.97
CA GLY B 390 12.82 -14.63 17.70
C GLY B 390 12.62 -14.39 16.22
N MET B 391 11.70 -13.49 15.92
CA MET B 391 11.41 -13.08 14.54
C MET B 391 11.42 -11.56 14.44
N PHE B 392 11.02 -11.05 13.27
CA PHE B 392 10.95 -9.62 13.04
C PHE B 392 9.60 -9.29 12.41
N MET B 393 9.13 -8.07 12.66
CA MET B 393 7.84 -7.65 12.15
C MET B 393 7.91 -7.43 10.64
N GLY B 394 6.83 -7.78 9.94
CA GLY B 394 6.77 -7.60 8.51
C GLY B 394 7.45 -8.69 7.71
N MET B 395 7.62 -9.88 8.29
CA MET B 395 8.31 -10.98 7.62
C MET B 395 7.38 -12.16 7.34
N TYR B 396 6.73 -12.72 8.38
CA TYR B 396 5.74 -13.78 8.21
C TYR B 396 4.51 -13.35 9.00
N ASN B 397 3.66 -12.54 8.36
CA ASN B 397 2.48 -12.03 9.05
C ASN B 397 1.39 -13.09 9.12
N LEU B 398 1.26 -13.92 8.09
CA LEU B 398 0.18 -14.88 8.00
C LEU B 398 0.52 -16.21 8.67
N THR B 399 1.77 -16.65 8.58
CA THR B 399 2.17 -17.88 9.25
C THR B 399 2.11 -17.73 10.77
N SER B 400 2.45 -16.55 11.28
CA SER B 400 2.31 -16.28 12.70
C SER B 400 0.85 -16.36 13.14
N THR B 401 -0.05 -15.79 12.32
CA THR B 401 -1.48 -15.88 12.62
C THR B 401 -1.94 -17.33 12.61
N LEU B 402 -1.45 -18.12 11.66
CA LEU B 402 -1.79 -19.53 11.61
C LEU B 402 -1.30 -20.27 12.86
N LEU B 403 -0.09 -19.95 13.31
CA LEU B 403 0.42 -20.56 14.54
C LEU B 403 -0.46 -20.22 15.73
N ALA B 404 -0.87 -18.95 15.83
CA ALA B 404 -1.79 -18.57 16.90
C ALA B 404 -3.10 -19.34 16.80
N LEU B 405 -3.62 -19.51 15.58
CA LEU B 405 -4.92 -20.16 15.43
C LEU B 405 -4.85 -21.64 15.73
N ILE B 406 -3.73 -22.31 15.40
CA ILE B 406 -3.59 -23.69 15.83
C ILE B 406 -3.43 -23.76 17.33
N SER B 407 -2.82 -22.74 17.94
CA SER B 407 -2.76 -22.68 19.40
C SER B 407 -4.15 -22.58 20.00
N ILE B 408 -5.08 -21.93 19.29
CA ILE B 408 -6.45 -21.80 19.78
C ILE B 408 -7.13 -23.16 19.88
N GLU B 409 -6.81 -24.08 18.97
CA GLU B 409 -7.57 -25.31 18.81
C GLU B 409 -7.34 -26.24 19.99
N ARG B 410 -8.27 -26.23 20.95
CA ARG B 410 -8.23 -27.11 22.10
C ARG B 410 -9.63 -27.66 22.34
N GLU B 411 -9.75 -28.55 23.32
CA GLU B 411 -11.05 -29.06 23.73
C GLU B 411 -11.71 -28.17 24.77
N GLU B 412 -10.94 -27.50 25.62
CA GLU B 412 -11.50 -26.62 26.63
C GLU B 412 -11.98 -25.30 26.02
N LEU B 413 -11.32 -24.83 24.95
CA LEU B 413 -11.62 -23.52 24.38
C LEU B 413 -12.79 -23.63 23.41
N THR B 414 -13.99 -23.67 23.97
CA THR B 414 -15.21 -23.68 23.17
C THR B 414 -15.75 -22.26 22.97
N GLY B 415 -14.88 -21.35 22.53
CA GLY B 415 -15.27 -19.97 22.32
C GLY B 415 -14.85 -19.48 20.95
N SER B 416 -15.49 -18.40 20.52
CA SER B 416 -15.26 -17.81 19.20
C SER B 416 -14.04 -16.89 19.28
N HIS B 417 -13.00 -17.25 18.53
CA HIS B 417 -11.76 -16.49 18.49
C HIS B 417 -11.57 -15.89 17.10
N VAL B 418 -11.16 -14.64 17.04
CA VAL B 418 -10.77 -13.98 15.80
C VAL B 418 -9.46 -13.26 16.07
N GLU B 419 -8.48 -13.44 15.18
CA GLU B 419 -7.17 -12.86 15.41
C GLU B 419 -6.51 -12.47 14.10
N SER B 420 -5.83 -11.32 14.12
CA SER B 420 -5.02 -10.84 13.01
C SER B 420 -3.65 -10.49 13.56
N SER B 421 -2.66 -11.35 13.31
CA SER B 421 -1.30 -11.16 13.82
C SER B 421 -1.29 -11.07 15.34
N ASP B 422 -0.95 -9.89 15.87
CA ASP B 422 -0.86 -9.68 17.31
C ASP B 422 -2.13 -9.11 17.93
N ASP B 423 -3.19 -8.93 17.14
CA ASP B 423 -4.45 -8.40 17.61
C ASP B 423 -5.51 -9.48 17.54
N PHE B 424 -6.26 -9.65 18.63
CA PHE B 424 -7.27 -10.70 18.70
C PHE B 424 -8.48 -10.22 19.48
N ILE B 425 -9.59 -10.90 19.28
CA ILE B 425 -10.77 -10.75 20.11
C ILE B 425 -11.36 -12.14 20.33
N HIS B 426 -11.80 -12.41 21.56
CA HIS B 426 -12.33 -13.72 21.90
C HIS B 426 -13.68 -13.56 22.60
N PHE B 427 -14.61 -14.42 22.24
CA PHE B 427 -15.94 -14.43 22.83
C PHE B 427 -16.15 -15.75 23.56
N PHE B 428 -16.52 -15.67 24.83
CA PHE B 428 -16.75 -16.84 25.66
C PHE B 428 -18.25 -17.01 25.89
N ASN B 429 -18.77 -18.19 25.62
CA ASN B 429 -20.16 -18.53 25.85
C ASN B 429 -20.18 -19.71 26.81
N CYS B 430 -20.15 -19.40 28.11
CA CYS B 430 -20.07 -20.39 29.16
C CYS B 430 -21.37 -20.37 29.97
N LYS B 431 -21.45 -21.27 30.95
CA LYS B 431 -22.58 -21.32 31.87
C LYS B 431 -22.20 -20.92 33.29
N THR B 432 -20.94 -20.59 33.53
CA THR B 432 -20.46 -20.30 34.88
C THR B 432 -19.28 -19.35 34.78
N HIS B 433 -19.22 -18.39 35.71
CA HIS B 433 -18.12 -17.42 35.71
C HIS B 433 -16.77 -18.08 35.92
N GLU B 434 -16.70 -19.05 36.83
CA GLU B 434 -15.44 -19.77 37.03
C GLU B 434 -15.05 -20.57 35.79
N GLU B 435 -16.04 -21.14 35.09
CA GLU B 435 -15.74 -21.82 33.83
C GLU B 435 -15.16 -20.86 32.80
N MET B 436 -15.74 -19.66 32.70
CA MET B 436 -15.23 -18.65 31.79
C MET B 436 -13.81 -18.24 32.17
N PHE B 437 -13.56 -18.07 33.46
CA PHE B 437 -12.22 -17.67 33.91
C PHE B 437 -11.20 -18.75 33.60
N LYS B 438 -11.56 -20.02 33.83
CA LYS B 438 -10.66 -21.11 33.50
C LYS B 438 -10.41 -21.18 31.99
N GLN B 439 -11.44 -20.93 31.19
CA GLN B 439 -11.24 -20.91 29.73
C GLN B 439 -10.31 -19.78 29.31
N ALA B 440 -10.46 -18.60 29.91
CA ALA B 440 -9.55 -17.50 29.59
C ALA B 440 -8.12 -17.82 29.98
N GLU B 441 -7.93 -18.41 31.16
CA GLU B 441 -6.58 -18.80 31.58
C GLU B 441 -6.01 -19.87 30.65
N THR B 442 -6.83 -20.84 30.24
CA THR B 442 -6.40 -21.86 29.31
C THR B 442 -6.02 -21.25 27.97
N LEU B 443 -6.76 -20.24 27.53
CA LEU B 443 -6.41 -19.52 26.31
C LEU B 443 -5.04 -18.88 26.44
N ARG B 444 -4.79 -18.21 27.56
CA ARG B 444 -3.48 -17.58 27.77
C ARG B 444 -2.37 -18.62 27.76
N LEU B 445 -2.58 -19.74 28.45
CA LEU B 445 -1.55 -20.77 28.55
C LEU B 445 -1.30 -21.46 27.21
N THR B 446 -2.35 -21.74 26.45
CA THR B 446 -2.17 -22.41 25.17
C THR B 446 -1.56 -21.48 24.14
N LEU B 447 -1.82 -20.17 24.24
CA LEU B 447 -1.03 -19.22 23.44
C LEU B 447 0.42 -19.27 23.85
N LYS B 448 0.68 -19.40 25.16
CA LYS B 448 2.06 -19.48 25.65
C LYS B 448 2.76 -20.76 25.22
N LEU B 449 2.02 -21.80 24.84
CA LEU B 449 2.65 -23.07 24.50
C LEU B 449 3.56 -22.97 23.29
N VAL B 450 3.26 -22.05 22.37
CA VAL B 450 4.10 -21.82 21.20
C VAL B 450 4.82 -20.49 21.26
N GLY B 451 4.63 -19.72 22.32
CA GLY B 451 5.34 -18.46 22.49
C GLY B 451 4.60 -17.26 21.92
N ILE B 452 3.35 -17.08 22.29
CA ILE B 452 2.54 -15.96 21.79
C ILE B 452 2.43 -14.85 22.83
N ASN B 453 2.12 -15.20 24.08
CA ASN B 453 2.30 -14.31 25.23
C ASN B 453 1.48 -13.01 25.10
N MET B 454 0.16 -13.14 25.22
CA MET B 454 -0.67 -11.94 25.19
C MET B 454 -0.35 -11.02 26.35
N SER B 455 -0.43 -9.72 26.10
CA SER B 455 -0.06 -8.72 27.09
C SER B 455 -1.12 -8.64 28.19
N PRO B 456 -0.77 -8.87 29.46
CA PRO B 456 -1.79 -8.78 30.51
C PRO B 456 -2.40 -7.40 30.66
N SER B 457 -1.61 -6.34 30.46
CA SER B 457 -2.11 -4.99 30.65
C SER B 457 -2.95 -4.48 29.49
N LYS B 458 -2.89 -5.15 28.34
CA LYS B 458 -3.65 -4.75 27.17
C LYS B 458 -4.85 -5.65 26.90
N CYS B 459 -5.01 -6.73 27.66
CA CYS B 459 -6.12 -7.66 27.48
C CYS B 459 -7.17 -7.36 28.54
N ILE B 460 -8.40 -7.10 28.10
CA ILE B 460 -9.51 -6.75 28.98
C ILE B 460 -10.69 -7.64 28.65
N LEU B 461 -11.25 -8.28 29.67
CA LEU B 461 -12.40 -9.17 29.51
C LEU B 461 -13.61 -8.53 30.17
N ILE B 462 -14.69 -8.39 29.41
CA ILE B 462 -15.95 -7.83 29.90
C ILE B 462 -16.86 -8.99 30.26
N SER B 463 -17.34 -9.01 31.51
CA SER B 463 -18.08 -10.17 31.99
C SER B 463 -19.37 -10.41 31.21
N PRO B 464 -20.22 -9.41 30.96
CA PRO B 464 -21.27 -9.59 29.94
C PRO B 464 -20.78 -9.13 28.57
N ALA B 465 -20.91 -9.99 27.57
CA ALA B 465 -20.43 -9.65 26.24
C ALA B 465 -21.29 -8.56 25.61
N GLY B 466 -20.66 -7.74 24.78
CA GLY B 466 -21.37 -6.66 24.10
C GLY B 466 -20.56 -5.40 23.92
N ILE B 467 -19.39 -5.32 24.54
CA ILE B 467 -18.48 -4.19 24.39
C ILE B 467 -17.08 -4.73 24.17
N GLY B 468 -16.40 -4.22 23.16
CA GLY B 468 -15.05 -4.67 22.87
C GLY B 468 -14.46 -3.90 21.72
N GLU B 469 -13.22 -4.26 21.38
CA GLU B 469 -12.50 -3.61 20.30
C GLU B 469 -11.55 -4.63 19.67
N PHE B 470 -11.42 -4.55 18.34
CA PHE B 470 -10.57 -5.49 17.62
C PHE B 470 -10.23 -4.89 16.26
N ASN B 471 -8.93 -4.71 16.00
CA ASN B 471 -8.44 -4.25 14.70
C ASN B 471 -9.09 -2.94 14.29
N SER B 472 -9.12 -1.99 15.22
CA SER B 472 -9.64 -0.64 15.02
C SER B 472 -11.14 -0.62 14.75
N LYS B 473 -11.86 -1.70 15.06
CA LYS B 473 -13.31 -1.71 15.04
C LYS B 473 -13.81 -1.74 16.49
N PHE B 474 -14.73 -0.84 16.80
CA PHE B 474 -15.25 -0.69 18.16
C PHE B 474 -16.67 -1.23 18.19
N HIS B 475 -16.91 -2.20 19.07
CA HIS B 475 -18.18 -2.92 19.13
C HIS B 475 -18.96 -2.49 20.38
N HIS B 476 -20.23 -2.15 20.18
CA HIS B 476 -21.14 -1.85 21.30
C HIS B 476 -22.51 -2.39 20.95
N ARG B 477 -22.92 -3.45 21.66
CA ARG B 477 -24.22 -4.10 21.49
C ARG B 477 -24.35 -4.53 20.02
N ASP B 478 -25.43 -4.20 19.33
CA ASP B 478 -25.63 -4.62 17.95
C ASP B 478 -25.09 -3.58 16.97
N PHE B 479 -23.84 -3.18 17.17
CA PHE B 479 -23.23 -2.18 16.31
C PHE B 479 -21.71 -2.32 16.37
N VAL B 480 -21.08 -2.45 15.21
CA VAL B 480 -19.63 -2.46 15.09
C VAL B 480 -19.24 -1.24 14.27
N GLY B 481 -18.46 -0.35 14.86
CA GLY B 481 -18.08 0.87 14.18
C GLY B 481 -16.64 0.88 13.72
N ASN B 482 -16.42 0.92 12.41
CA ASN B 482 -15.07 1.00 11.88
C ASN B 482 -14.57 2.41 12.08
N VAL B 483 -13.46 2.56 12.80
CA VAL B 483 -12.82 3.84 13.03
C VAL B 483 -11.45 3.78 12.39
N ALA B 484 -11.19 4.68 11.45
CA ALA B 484 -9.95 4.65 10.70
C ALA B 484 -8.76 4.97 11.60
N THR B 485 -7.65 4.28 11.36
CA THR B 485 -6.40 4.66 12.02
C THR B 485 -5.85 5.96 11.44
N GLU B 486 -6.11 6.21 10.16
CA GLU B 486 -5.68 7.42 9.49
C GLU B 486 -6.88 8.08 8.82
N LEU B 487 -7.03 9.38 9.06
CA LEU B 487 -8.07 10.14 8.39
C LEU B 487 -7.71 10.27 6.90
N PRO B 488 -8.71 10.31 6.02
CA PRO B 488 -8.42 10.52 4.60
C PRO B 488 -7.64 11.80 4.37
N ALA B 489 -6.70 11.75 3.41
CA ALA B 489 -5.78 12.85 3.21
C ALA B 489 -6.49 14.12 2.79
N LEU B 490 -7.60 14.00 2.04
CA LEU B 490 -8.36 15.15 1.55
C LEU B 490 -7.49 16.10 0.76
N VAL B 491 -6.51 15.55 0.05
CA VAL B 491 -5.58 16.34 -0.77
C VAL B 491 -5.42 15.60 -2.09
N PRO B 492 -5.27 16.29 -3.22
CA PRO B 492 -5.04 15.59 -4.48
C PRO B 492 -3.77 14.76 -4.46
N ASN B 493 -3.82 13.59 -5.09
CA ASN B 493 -2.72 12.64 -5.05
C ASN B 493 -1.47 13.15 -5.76
N GLY B 494 -1.60 14.09 -6.69
CA GLY B 494 -0.46 14.68 -7.34
C GLY B 494 -0.12 14.14 -8.71
N THR B 495 -1.01 13.38 -9.33
CA THR B 495 -0.75 12.87 -10.68
C THR B 495 -1.20 13.88 -11.75
N ASN B 496 -2.48 14.21 -11.76
CA ASN B 496 -3.05 15.18 -12.69
C ASN B 496 -4.50 15.42 -12.28
N PRO B 497 -5.08 16.57 -12.67
CA PRO B 497 -6.35 16.99 -12.05
C PRO B 497 -7.48 15.98 -12.16
N MET B 498 -7.65 15.32 -13.31
CA MET B 498 -8.78 14.40 -13.48
C MET B 498 -8.62 13.18 -12.59
N THR B 499 -7.44 12.53 -12.64
CA THR B 499 -7.20 11.38 -11.78
C THR B 499 -7.22 11.78 -10.31
N ASP B 500 -6.63 12.93 -9.97
CA ASP B 500 -6.62 13.35 -8.57
C ASP B 500 -8.04 13.55 -8.05
N LEU B 501 -8.90 14.20 -8.83
CA LEU B 501 -10.29 14.35 -8.43
C LEU B 501 -10.97 13.00 -8.29
N ALA B 502 -10.73 12.10 -9.26
CA ALA B 502 -11.38 10.79 -9.22
C ALA B 502 -10.99 10.01 -7.97
N MET B 503 -9.68 9.93 -7.68
CA MET B 503 -9.24 9.18 -6.50
C MET B 503 -9.62 9.86 -5.19
N GLY B 504 -9.62 11.20 -5.14
CA GLY B 504 -10.09 11.85 -3.93
C GLY B 504 -11.54 11.56 -3.64
N LEU B 505 -12.39 11.65 -4.66
CA LEU B 505 -13.79 11.32 -4.48
C LEU B 505 -13.96 9.84 -4.12
N ASN B 506 -13.16 8.96 -4.73
CA ASN B 506 -13.23 7.54 -4.41
C ASN B 506 -12.83 7.26 -2.97
N VAL B 507 -11.79 7.95 -2.48
CA VAL B 507 -11.36 7.77 -1.10
C VAL B 507 -12.45 8.23 -0.14
N ILE B 508 -13.06 9.39 -0.42
CA ILE B 508 -14.15 9.86 0.44
C ILE B 508 -15.32 8.88 0.40
N LYS B 509 -15.65 8.35 -0.78
CA LYS B 509 -16.75 7.41 -0.90
C LYS B 509 -16.46 6.12 -0.15
N HIS B 510 -15.21 5.62 -0.22
CA HIS B 510 -14.85 4.43 0.53
C HIS B 510 -14.94 4.67 2.03
N SER B 511 -14.49 5.85 2.49
CA SER B 511 -14.61 6.19 3.90
C SER B 511 -16.08 6.22 4.32
N VAL B 512 -16.96 6.71 3.46
CA VAL B 512 -18.38 6.69 3.75
C VAL B 512 -18.89 5.26 3.81
N ASN B 513 -18.44 4.40 2.89
CA ASN B 513 -18.94 3.02 2.85
C ASN B 513 -18.51 2.23 4.07
N THR B 514 -17.28 2.44 4.55
CA THR B 514 -16.84 1.75 5.75
C THR B 514 -17.54 2.23 7.01
N GLY B 515 -18.31 3.33 6.92
CA GLY B 515 -18.96 3.90 8.07
C GLY B 515 -18.15 4.94 8.81
N GLN B 516 -16.87 5.13 8.42
CA GLN B 516 -16.04 6.14 9.06
C GLN B 516 -16.55 7.55 8.79
N MET B 517 -17.30 7.75 7.73
CA MET B 517 -17.89 9.05 7.39
C MET B 517 -19.37 8.88 7.11
N ASN B 518 -20.12 9.95 7.36
CA ASN B 518 -21.55 9.96 7.07
C ASN B 518 -21.89 11.16 6.19
N LEU B 519 -23.18 11.47 6.06
CA LEU B 519 -23.64 12.56 5.21
C LEU B 519 -22.85 13.85 5.46
N CYS B 520 -22.92 14.36 6.70
CA CYS B 520 -22.27 15.61 7.02
C CYS B 520 -20.76 15.50 6.90
N THR B 521 -20.18 14.44 7.47
CA THR B 521 -18.74 14.26 7.39
C THR B 521 -18.27 14.09 5.95
N GLY B 522 -19.01 13.32 5.16
CA GLY B 522 -18.65 13.14 3.76
C GLY B 522 -18.68 14.44 2.99
N ALA B 523 -19.75 15.23 3.17
CA ALA B 523 -19.86 16.50 2.45
C ALA B 523 -18.80 17.50 2.91
N LEU B 524 -18.51 17.55 4.21
CA LEU B 524 -17.47 18.44 4.69
C LEU B 524 -16.10 18.04 4.16
N ALA B 525 -15.83 16.72 4.11
CA ALA B 525 -14.59 16.25 3.52
C ALA B 525 -14.52 16.61 2.05
N MET B 526 -15.64 16.51 1.33
CA MET B 526 -15.66 16.90 -0.07
C MET B 526 -15.35 18.38 -0.23
N ARG B 527 -15.91 19.24 0.62
CA ARG B 527 -15.65 20.67 0.50
C ARG B 527 -14.19 21.00 0.82
N ILE B 528 -13.63 20.36 1.86
CA ILE B 528 -12.22 20.57 2.19
C ILE B 528 -11.33 20.10 1.06
N PHE B 529 -11.63 18.91 0.51
CA PHE B 529 -10.86 18.38 -0.61
C PHE B 529 -10.99 19.27 -1.83
N ASN B 530 -12.17 19.82 -2.09
CA ASN B 530 -12.36 20.70 -3.23
C ASN B 530 -11.52 21.96 -3.08
N HIS B 531 -11.48 22.55 -1.88
CA HIS B 531 -10.66 23.72 -1.67
C HIS B 531 -9.18 23.39 -1.88
N ALA B 532 -8.71 22.27 -1.30
CA ALA B 532 -7.31 21.90 -1.46
C ALA B 532 -6.97 21.59 -2.92
N TYR B 533 -7.89 20.92 -3.62
CA TYR B 533 -7.71 20.59 -5.02
C TYR B 533 -7.62 21.82 -5.89
N LYS B 534 -8.50 22.80 -5.65
CA LYS B 534 -8.42 24.05 -6.40
C LYS B 534 -7.14 24.81 -6.09
N TYR B 535 -6.73 24.83 -4.82
CA TYR B 535 -5.49 25.53 -4.47
C TYR B 535 -4.28 24.90 -5.14
N ALA B 536 -4.21 23.56 -5.13
CA ALA B 536 -3.03 22.87 -5.66
C ALA B 536 -2.88 23.05 -7.16
N TYR B 537 -3.96 23.37 -7.88
CA TYR B 537 -3.94 23.50 -9.33
C TYR B 537 -4.15 24.93 -9.79
N MET B 538 -3.74 25.90 -8.97
CA MET B 538 -3.77 27.32 -9.33
C MET B 538 -5.17 27.81 -9.68
N ALA B 539 -6.20 27.20 -9.10
CA ALA B 539 -7.57 27.56 -9.41
C ALA B 539 -8.18 28.55 -8.43
N LEU B 540 -7.42 29.02 -7.44
CA LEU B 540 -7.91 29.93 -6.43
C LEU B 540 -7.16 31.24 -6.47
N GLY B 541 -7.87 32.34 -6.18
CA GLY B 541 -7.25 33.64 -6.16
C GLY B 541 -6.79 34.08 -7.54
N VAL B 542 -5.69 34.84 -7.56
CA VAL B 542 -5.10 35.34 -8.79
C VAL B 542 -3.75 34.65 -8.95
N THR B 543 -3.64 33.81 -9.97
CA THR B 543 -2.42 33.09 -10.30
C THR B 543 -2.13 33.26 -11.78
N ARG B 544 -1.02 32.69 -12.24
CA ARG B 544 -0.68 32.74 -13.65
C ARG B 544 -1.72 32.01 -14.49
N ARG B 545 -2.21 30.88 -13.98
CA ARG B 545 -3.21 30.09 -14.71
C ARG B 545 -4.53 30.85 -14.86
N THR B 546 -5.03 31.42 -13.75
CA THR B 546 -6.26 32.18 -13.80
C THR B 546 -6.10 33.43 -14.65
N ARG B 547 -4.94 34.09 -14.54
CA ARG B 547 -4.69 35.27 -15.37
C ARG B 547 -4.68 34.92 -16.85
N PHE B 548 -4.04 33.81 -17.21
CA PHE B 548 -4.00 33.39 -18.60
C PHE B 548 -5.40 33.06 -19.11
N MET B 549 -6.21 32.39 -18.28
CA MET B 549 -7.58 32.09 -18.70
C MET B 549 -8.42 33.34 -18.83
N GLU B 550 -8.19 34.34 -17.99
CA GLU B 550 -8.98 35.57 -18.05
C GLU B 550 -8.60 36.41 -19.27
N GLU B 551 -7.30 36.56 -19.53
CA GLU B 551 -6.86 37.39 -20.65
C GLU B 551 -7.31 36.82 -21.98
N ASN B 552 -7.25 35.49 -22.13
CA ASN B 552 -7.61 34.83 -23.38
C ASN B 552 -9.10 34.49 -23.45
N ALA B 553 -9.90 34.95 -22.48
CA ALA B 553 -11.34 34.71 -22.47
C ALA B 553 -11.66 33.22 -22.46
N ILE B 554 -10.86 32.44 -21.73
CA ILE B 554 -11.11 31.02 -21.55
C ILE B 554 -11.94 30.87 -20.28
N THR B 555 -13.24 30.64 -20.45
CA THR B 555 -14.12 30.52 -19.30
C THR B 555 -13.80 29.24 -18.51
N PRO B 556 -13.87 29.28 -17.19
CA PRO B 556 -13.64 28.07 -16.39
C PRO B 556 -14.81 27.10 -16.55
N LEU B 557 -14.53 25.93 -17.14
CA LEU B 557 -15.56 24.93 -17.37
C LEU B 557 -15.38 23.67 -16.52
N LEU B 558 -14.21 23.45 -15.95
CA LEU B 558 -13.95 22.30 -15.09
C LEU B 558 -13.61 22.78 -13.69
N THR B 559 -13.75 21.85 -12.72
CA THR B 559 -13.50 22.19 -11.32
C THR B 559 -12.06 22.62 -11.11
N ASN B 560 -11.11 21.93 -11.75
CA ASN B 560 -9.71 22.30 -11.62
C ASN B 560 -9.38 23.62 -12.29
N GLN B 561 -10.28 24.15 -13.12
CA GLN B 561 -10.10 25.44 -13.76
C GLN B 561 -10.68 26.59 -12.95
N GLY B 562 -11.29 26.30 -11.80
CA GLY B 562 -11.91 27.32 -10.98
C GLY B 562 -13.41 27.43 -11.11
N ALA B 563 -14.05 26.55 -11.88
CA ALA B 563 -15.49 26.57 -11.98
C ALA B 563 -16.12 26.04 -10.70
N SER B 564 -17.42 26.30 -10.55
CA SER B 564 -18.14 25.80 -9.39
C SER B 564 -18.13 24.27 -9.40
N PRO B 565 -18.01 23.64 -8.24
CA PRO B 565 -17.95 22.17 -8.21
C PRO B 565 -19.24 21.55 -8.70
N VAL B 566 -19.12 20.56 -9.59
CA VAL B 566 -20.28 19.87 -10.12
C VAL B 566 -20.64 18.64 -9.29
N HIS B 567 -19.70 18.11 -8.52
CA HIS B 567 -19.93 16.90 -7.75
C HIS B 567 -20.69 17.22 -6.46
N SER B 568 -21.73 16.46 -6.20
CA SER B 568 -22.45 16.51 -4.94
C SER B 568 -22.11 15.26 -4.12
N PHE B 569 -22.72 15.13 -2.96
CA PHE B 569 -22.48 13.96 -2.14
C PHE B 569 -22.98 12.69 -2.83
N SER B 570 -24.13 12.77 -3.50
CA SER B 570 -24.68 11.62 -4.20
C SER B 570 -23.97 11.33 -5.52
N THR B 571 -23.13 12.25 -6.00
CA THR B 571 -22.45 12.08 -7.28
C THR B 571 -20.94 11.93 -7.12
N MET B 572 -20.49 11.36 -6.00
CA MET B 572 -19.06 11.13 -5.83
C MET B 572 -18.53 10.12 -6.83
N HIS B 573 -19.39 9.22 -7.31
CA HIS B 573 -18.98 8.15 -8.21
C HIS B 573 -19.00 8.54 -9.69
N LEU B 574 -19.44 9.76 -10.01
CA LEU B 574 -19.56 10.17 -11.40
C LEU B 574 -18.32 10.95 -11.84
N ASP B 575 -17.98 10.79 -13.12
CA ASP B 575 -16.84 11.47 -13.71
C ASP B 575 -17.14 12.96 -13.89
N GLU B 576 -16.08 13.77 -13.95
CA GLU B 576 -16.27 15.21 -14.10
C GLU B 576 -16.67 15.59 -15.52
N VAL B 577 -16.07 14.97 -16.53
CA VAL B 577 -16.40 15.31 -17.91
C VAL B 577 -17.84 14.97 -18.21
N ALA B 578 -18.28 13.77 -17.83
CA ALA B 578 -19.70 13.49 -17.76
C ALA B 578 -20.29 14.24 -16.57
N LEU B 579 -21.63 14.27 -16.53
CA LEU B 579 -22.37 15.01 -15.50
C LEU B 579 -22.24 16.52 -15.73
N ARG B 580 -21.37 16.92 -16.65
CA ARG B 580 -21.30 18.29 -17.13
C ARG B 580 -21.87 18.44 -18.53
N ARG B 581 -21.58 17.48 -19.40
CA ARG B 581 -22.29 17.39 -20.68
C ARG B 581 -23.77 17.12 -20.47
N HIS B 582 -24.10 16.24 -19.51
CA HIS B 582 -25.49 15.93 -19.24
C HIS B 582 -26.24 17.14 -18.72
N LEU B 583 -25.62 17.92 -17.84
CA LEU B 583 -26.25 19.09 -17.25
C LEU B 583 -26.14 20.33 -18.13
N GLY B 584 -25.47 20.24 -19.27
CA GLY B 584 -25.32 21.36 -20.17
C GLY B 584 -24.15 22.27 -19.87
N LEU B 585 -23.36 21.98 -18.83
CA LEU B 585 -22.22 22.81 -18.50
C LEU B 585 -21.05 22.63 -19.46
N LEU B 586 -21.06 21.58 -20.27
CA LEU B 586 -20.02 21.33 -21.27
C LEU B 586 -20.71 21.06 -22.59
N ASP B 587 -20.45 21.89 -23.60
CA ASP B 587 -21.07 21.73 -24.90
C ASP B 587 -20.26 20.77 -25.77
N GLU B 588 -20.85 20.40 -26.91
CA GLU B 588 -20.22 19.40 -27.78
C GLU B 588 -18.90 19.90 -28.36
N GLU B 589 -18.79 21.20 -28.61
CA GLU B 589 -17.57 21.74 -29.21
C GLU B 589 -16.37 21.52 -28.31
N THR B 590 -16.47 21.96 -27.05
CA THR B 590 -15.35 21.77 -26.13
C THR B 590 -15.16 20.31 -25.77
N LEU B 591 -16.23 19.50 -25.83
CA LEU B 591 -16.08 18.06 -25.60
C LEU B 591 -15.22 17.43 -26.68
N ARG B 592 -15.52 17.72 -27.95
CA ARG B 592 -14.69 17.22 -29.04
C ARG B 592 -13.30 17.81 -28.98
N ARG B 593 -13.15 19.02 -28.44
CA ARG B 593 -11.85 19.67 -28.39
C ARG B 593 -10.95 19.09 -27.29
N ILE B 594 -11.51 18.70 -26.15
CA ILE B 594 -10.70 18.25 -25.03
C ILE B 594 -10.56 16.73 -25.03
N LEU B 595 -11.54 16.03 -25.60
CA LEU B 595 -11.52 14.58 -25.66
C LEU B 595 -10.86 14.05 -26.92
N ASN B 596 -10.31 14.93 -27.75
CA ASN B 596 -9.64 14.50 -28.97
C ASN B 596 -8.41 13.68 -28.61
N PRO B 597 -8.31 12.43 -29.05
CA PRO B 597 -7.15 11.60 -28.70
C PRO B 597 -5.84 12.13 -29.26
N ASN B 598 -5.88 13.00 -30.28
CA ASN B 598 -4.68 13.55 -30.88
C ASN B 598 -4.12 14.74 -30.11
N ASN B 599 -4.59 14.98 -28.88
CA ASN B 599 -4.05 16.08 -28.10
C ASN B 599 -2.59 15.80 -27.75
N PRO B 600 -1.74 16.83 -27.74
CA PRO B 600 -0.32 16.61 -27.42
C PRO B 600 -0.07 16.14 -25.99
N VAL B 601 -1.02 16.38 -25.08
CA VAL B 601 -0.89 15.96 -23.69
C VAL B 601 -1.96 14.93 -23.39
N THR B 602 -1.53 13.79 -22.86
CA THR B 602 -2.46 12.69 -22.56
C THR B 602 -1.80 11.67 -21.64
N GLU B 622 -10.80 2.70 -8.26
CA GLU B 622 -10.19 2.63 -9.59
C GLU B 622 -10.34 3.97 -10.31
N ASP B 623 -9.32 4.33 -11.09
CA ASP B 623 -9.31 5.61 -11.81
C ASP B 623 -10.22 5.48 -13.03
N TYR B 624 -11.50 5.77 -12.82
CA TYR B 624 -12.49 5.75 -13.90
C TYR B 624 -12.67 7.15 -14.48
N SER B 625 -11.56 7.73 -14.92
CA SER B 625 -11.56 9.06 -15.52
C SER B 625 -11.24 8.95 -17.00
N VAL B 626 -12.10 9.55 -17.83
CA VAL B 626 -11.96 9.46 -19.27
C VAL B 626 -10.70 10.19 -19.71
N PRO B 627 -10.00 9.71 -20.73
CA PRO B 627 -8.81 10.43 -21.21
C PRO B 627 -9.18 11.82 -21.70
N SER B 628 -8.32 12.78 -21.40
CA SER B 628 -8.57 14.17 -21.73
C SER B 628 -7.25 14.90 -21.85
N CYS B 629 -7.32 16.15 -22.31
CA CYS B 629 -6.13 17.00 -22.33
C CYS B 629 -5.67 17.39 -20.94
N PHE B 630 -6.51 17.20 -19.92
CA PHE B 630 -6.14 17.49 -18.55
C PHE B 630 -5.56 16.30 -17.81
N LYS B 631 -5.51 15.13 -18.45
CA LYS B 631 -4.84 13.97 -17.88
C LYS B 631 -3.40 13.93 -18.42
N TYR B 632 -2.58 14.83 -17.89
CA TYR B 632 -1.21 14.96 -18.35
C TYR B 632 -0.26 14.31 -17.35
N THR B 633 1.03 14.45 -17.63
CA THR B 633 2.10 13.91 -16.78
C THR B 633 3.01 15.06 -16.38
N LEU B 634 3.33 15.14 -15.09
CA LEU B 634 4.21 16.20 -14.61
C LEU B 634 5.67 15.89 -14.91
N SER B 635 6.19 14.80 -14.35
CA SER B 635 7.57 14.41 -14.57
C SER B 635 7.80 12.94 -14.23
N HIS B 645 23.45 4.24 -9.62
CA HIS B 645 22.54 4.38 -10.75
C HIS B 645 23.30 4.76 -12.02
N LYS B 646 24.53 4.26 -12.13
CA LYS B 646 25.35 4.56 -13.30
C LYS B 646 24.85 3.78 -14.51
N ALA B 647 24.85 2.44 -14.41
CA ALA B 647 24.42 1.58 -15.50
C ALA B 647 22.96 1.15 -15.34
N LEU B 648 22.18 1.84 -14.52
CA LEU B 648 20.78 1.54 -14.33
C LEU B 648 19.85 2.40 -15.17
N LEU B 649 20.21 3.67 -15.43
CA LEU B 649 19.35 4.52 -16.23
C LEU B 649 19.33 4.09 -17.69
N ASN B 650 20.50 3.76 -18.25
CA ASN B 650 20.55 3.31 -19.63
C ASN B 650 19.81 1.98 -19.79
N LYS B 651 20.00 1.06 -18.84
CA LYS B 651 19.27 -0.20 -18.87
C LYS B 651 17.76 0.04 -18.76
N GLU B 652 17.37 1.00 -17.92
CA GLU B 652 15.95 1.32 -17.77
C GLU B 652 15.37 1.86 -19.08
N GLU B 653 16.11 2.72 -19.78
CA GLU B 653 15.57 3.28 -21.02
C GLU B 653 15.56 2.24 -22.14
N ARG B 654 16.55 1.34 -22.19
CA ARG B 654 16.48 0.23 -23.14
C ARG B 654 15.27 -0.65 -22.87
N TYR B 655 15.03 -0.97 -21.59
CA TYR B 655 13.86 -1.78 -21.26
C TYR B 655 12.57 -1.05 -21.59
N GLN B 656 12.54 0.27 -21.40
CA GLN B 656 11.36 1.05 -21.76
C GLN B 656 11.10 1.01 -23.26
N ARG B 657 12.16 1.10 -24.07
CA ARG B 657 12.00 0.99 -25.52
C ARG B 657 11.49 -0.41 -25.91
N VAL B 658 12.05 -1.46 -25.28
CA VAL B 658 11.61 -2.81 -25.57
C VAL B 658 10.15 -3.00 -25.17
N THR B 659 9.73 -2.35 -24.07
CA THR B 659 8.32 -2.35 -23.71
C THR B 659 7.49 -1.60 -24.73
N SER B 660 8.02 -0.50 -25.26
CA SER B 660 7.26 0.33 -26.19
C SER B 660 7.01 -0.38 -27.51
N ILE B 661 7.99 -1.16 -28.00
CA ILE B 661 7.75 -1.93 -29.21
C ILE B 661 6.68 -2.99 -28.98
N ILE B 662 6.62 -3.57 -27.78
CA ILE B 662 5.49 -4.40 -27.38
C ILE B 662 4.34 -3.46 -27.03
N ASN B 663 3.14 -4.02 -26.83
CA ASN B 663 1.89 -3.28 -26.63
C ASN B 663 1.42 -2.66 -27.93
N LYS B 664 2.22 -2.76 -28.98
CA LYS B 664 1.81 -2.40 -30.33
C LYS B 664 1.78 -3.60 -31.25
N LEU B 665 2.83 -4.42 -31.24
CA LEU B 665 2.82 -5.69 -31.95
C LEU B 665 2.04 -6.76 -31.20
N PHE B 666 1.85 -6.60 -29.89
CA PHE B 666 1.15 -7.57 -29.05
C PHE B 666 0.03 -6.87 -28.31
N PRO B 667 -1.14 -6.71 -28.93
CA PRO B 667 -2.27 -6.12 -28.22
C PRO B 667 -2.72 -6.93 -27.01
N GLU B 668 -2.45 -8.24 -26.99
CA GLU B 668 -2.99 -9.10 -25.95
C GLU B 668 -2.25 -9.02 -24.63
N VAL B 669 -1.02 -8.51 -24.61
CA VAL B 669 -0.32 -8.35 -23.33
C VAL B 669 -0.95 -7.25 -22.48
N LEU B 670 -1.79 -6.41 -23.08
CA LEU B 670 -2.57 -5.45 -22.30
C LEU B 670 -3.74 -6.10 -21.58
N ILE B 671 -4.13 -7.30 -22.01
CA ILE B 671 -5.23 -8.02 -21.40
C ILE B 671 -4.75 -9.14 -20.50
N GLN B 672 -3.77 -9.92 -20.95
CA GLN B 672 -3.23 -11.04 -20.20
C GLN B 672 -1.72 -10.89 -20.04
N GLU B 673 -1.12 -11.89 -19.39
CA GLU B 673 0.33 -11.92 -19.21
C GLU B 673 1.01 -12.24 -20.53
N ALA B 674 2.35 -12.13 -20.52
CA ALA B 674 3.11 -12.28 -21.76
C ALA B 674 2.98 -13.68 -22.32
N SER B 675 3.24 -14.71 -21.50
CA SER B 675 3.25 -16.09 -21.95
C SER B 675 4.14 -16.24 -23.19
N ALA B 676 3.70 -17.05 -24.16
CA ALA B 676 4.38 -17.15 -25.45
C ALA B 676 5.83 -17.55 -25.29
N PRO B 677 6.12 -18.81 -25.01
CA PRO B 677 7.50 -19.21 -24.69
C PRO B 677 8.46 -18.88 -25.82
N GLY B 678 9.65 -18.45 -25.43
CA GLY B 678 10.65 -17.95 -26.35
C GLY B 678 11.20 -16.61 -25.89
N THR B 679 12.22 -16.17 -26.61
CA THR B 679 12.85 -14.89 -26.29
C THR B 679 12.17 -13.74 -27.04
N VAL B 680 12.50 -12.53 -26.63
CA VAL B 680 11.82 -11.34 -27.15
C VAL B 680 12.16 -11.12 -28.63
N ARG B 681 13.43 -11.36 -29.00
CA ARG B 681 13.88 -11.04 -30.35
C ARG B 681 13.05 -11.77 -31.41
N GLU B 682 13.10 -13.11 -31.41
CA GLU B 682 12.39 -13.88 -32.42
C GLU B 682 10.88 -13.84 -32.24
N SER B 683 10.37 -13.63 -31.02
CA SER B 683 8.93 -13.46 -30.86
C SER B 683 8.45 -12.21 -31.58
N LEU B 684 9.15 -11.08 -31.36
CA LEU B 684 8.84 -9.86 -32.09
C LEU B 684 9.04 -10.06 -33.59
N LYS B 685 10.12 -10.75 -33.97
CA LYS B 685 10.39 -11.03 -35.38
C LYS B 685 9.21 -11.72 -36.05
N ARG B 686 8.72 -12.80 -35.43
CA ARG B 686 7.69 -13.58 -36.09
C ARG B 686 6.34 -12.85 -36.04
N ARG B 687 6.07 -12.13 -34.95
CA ARG B 687 4.81 -11.37 -34.91
C ARG B 687 4.80 -10.27 -35.96
N LEU B 688 5.94 -9.59 -36.16
CA LEU B 688 6.03 -8.59 -37.20
C LEU B 688 5.89 -9.22 -38.58
N GLU B 689 6.51 -10.39 -38.79
CA GLU B 689 6.33 -11.09 -40.06
C GLU B 689 4.85 -11.42 -40.30
N LEU B 690 4.16 -11.88 -39.26
CA LEU B 690 2.75 -12.23 -39.40
C LEU B 690 1.89 -11.01 -39.71
N VAL B 691 2.13 -9.89 -39.01
CA VAL B 691 1.31 -8.72 -39.25
C VAL B 691 1.59 -8.13 -40.63
N VAL B 692 2.81 -8.26 -41.13
CA VAL B 692 3.09 -7.83 -42.50
C VAL B 692 2.41 -8.77 -43.50
N GLU B 693 2.47 -10.08 -43.24
CA GLU B 693 1.91 -11.05 -44.17
C GLU B 693 0.39 -10.94 -44.24
N ARG B 694 -0.26 -10.55 -43.14
CA ARG B 694 -1.71 -10.45 -43.10
C ARG B 694 -2.16 -8.98 -43.16
N SER B 695 -1.47 -8.19 -43.97
CA SER B 695 -1.77 -6.77 -44.13
C SER B 695 -2.53 -6.49 -45.43
N ASP B 696 -3.03 -7.53 -46.10
CA ASP B 696 -3.77 -7.44 -47.36
C ASP B 696 -3.14 -6.46 -48.35
N LEU B 697 -1.82 -6.46 -48.45
CA LEU B 697 -1.11 -5.61 -49.39
C LEU B 697 -0.61 -6.43 -50.57
N ASP B 698 0.06 -5.76 -51.50
CA ASP B 698 0.62 -6.44 -52.65
C ASP B 698 1.79 -7.32 -52.24
N GLU B 699 2.01 -8.39 -53.02
CA GLU B 699 3.08 -9.33 -52.70
C GLU B 699 4.45 -8.66 -52.80
N GLU B 700 4.65 -7.80 -53.80
CA GLU B 700 5.94 -7.12 -53.95
C GLU B 700 6.23 -6.22 -52.75
N ARG B 701 5.23 -5.47 -52.29
CA ARG B 701 5.43 -4.62 -51.12
C ARG B 701 5.71 -5.45 -49.87
N LYS B 702 5.01 -6.58 -49.72
CA LYS B 702 5.24 -7.45 -48.57
C LYS B 702 6.66 -7.99 -48.58
N LYS B 703 7.13 -8.45 -49.74
CA LYS B 703 8.49 -8.96 -49.85
C LYS B 703 9.51 -7.87 -49.57
N ARG B 704 9.27 -6.67 -50.09
CA ARG B 704 10.17 -5.55 -49.82
C ARG B 704 10.24 -5.24 -48.33
N ILE B 705 9.09 -5.26 -47.66
CA ILE B 705 9.06 -4.96 -46.23
C ILE B 705 9.82 -6.04 -45.45
N LEU B 706 9.54 -7.32 -45.74
CA LEU B 706 10.21 -8.39 -45.02
C LEU B 706 11.70 -8.44 -45.32
N SER B 707 12.13 -7.93 -46.48
CA SER B 707 13.56 -7.89 -46.77
C SER B 707 14.31 -6.97 -45.84
N ARG B 708 13.63 -5.97 -45.26
CA ARG B 708 14.24 -5.02 -44.35
C ARG B 708 14.11 -5.42 -42.88
N ILE B 709 13.47 -6.55 -42.59
CA ILE B 709 13.25 -6.98 -41.21
C ILE B 709 14.44 -7.88 -40.84
N PHE B 710 15.44 -7.27 -40.22
CA PHE B 710 16.60 -8.02 -39.75
C PHE B 710 17.33 -7.26 -38.63
N GLU C 10 2.94 -0.01 -46.66
CA GLU C 10 2.13 0.92 -45.87
C GLU C 10 3.01 1.62 -44.83
N CYS C 11 2.61 2.85 -44.46
CA CYS C 11 3.41 3.63 -43.53
C CYS C 11 3.47 2.98 -42.16
N THR C 12 2.36 2.42 -41.68
CA THR C 12 2.34 1.82 -40.35
C THR C 12 3.29 0.63 -40.26
N LEU C 13 3.31 -0.22 -41.28
CA LEU C 13 4.22 -1.36 -41.28
C LEU C 13 5.68 -0.92 -41.32
N ARG C 14 5.99 0.08 -42.15
CA ARG C 14 7.36 0.56 -42.23
C ARG C 14 7.81 1.19 -40.92
N ALA C 15 6.91 1.93 -40.26
CA ALA C 15 7.25 2.51 -38.96
C ALA C 15 7.52 1.43 -37.93
N LEU C 16 6.72 0.36 -37.92
CA LEU C 16 6.93 -0.72 -36.98
C LEU C 16 8.25 -1.44 -37.23
N VAL C 17 8.59 -1.66 -38.50
CA VAL C 17 9.83 -2.36 -38.84
C VAL C 17 11.03 -1.54 -38.39
N GLU C 18 11.03 -0.24 -38.69
CA GLU C 18 12.17 0.60 -38.33
C GLU C 18 12.37 0.66 -36.82
N GLU C 19 11.28 0.74 -36.06
CA GLU C 19 11.40 0.73 -34.61
C GLU C 19 11.91 -0.62 -34.11
N TYR C 20 11.49 -1.71 -34.75
CA TYR C 20 11.97 -3.04 -34.37
C TYR C 20 13.47 -3.17 -34.60
N ASN C 21 13.96 -2.69 -35.74
CA ASN C 21 15.40 -2.72 -36.00
C ASN C 21 16.15 -1.83 -35.02
N GLY C 22 15.54 -0.71 -34.63
CA GLY C 22 16.17 0.14 -33.62
C GLY C 22 16.30 -0.55 -32.28
N ALA C 23 15.27 -1.30 -31.89
CA ALA C 23 15.33 -2.04 -30.63
C ALA C 23 16.42 -3.11 -30.67
N CYS C 24 16.53 -3.82 -31.81
CA CYS C 24 17.56 -4.86 -31.93
C CYS C 24 18.96 -4.27 -31.85
N LYS C 25 19.16 -3.08 -32.42
CA LYS C 25 20.49 -2.50 -32.48
C LYS C 25 20.88 -1.86 -31.15
N GLU C 26 20.04 -0.97 -30.63
CA GLU C 26 20.38 -0.23 -29.42
C GLU C 26 20.27 -1.04 -28.14
N ALA C 27 19.40 -2.05 -28.11
CA ALA C 27 19.19 -2.88 -26.92
C ALA C 27 19.27 -4.36 -27.30
N PRO C 28 20.46 -4.85 -27.62
CA PRO C 28 20.59 -6.27 -27.99
C PRO C 28 20.36 -7.21 -26.81
N LYS C 29 20.98 -6.89 -25.67
CA LYS C 29 20.85 -7.75 -24.50
C LYS C 29 19.41 -7.79 -23.98
N GLU C 30 18.73 -6.64 -23.98
CA GLU C 30 17.34 -6.61 -23.56
C GLU C 30 16.44 -7.40 -24.52
N MET C 31 16.80 -7.45 -25.80
CA MET C 31 16.03 -8.22 -26.77
C MET C 31 16.32 -9.71 -26.70
N SER C 32 17.41 -10.10 -26.05
CA SER C 32 17.74 -11.51 -25.88
C SER C 32 17.09 -12.14 -24.67
N LYS C 33 16.36 -11.36 -23.88
CA LYS C 33 15.65 -11.89 -22.72
C LYS C 33 14.45 -12.71 -23.18
N GLN C 34 13.94 -13.54 -22.27
CA GLN C 34 12.73 -14.30 -22.54
C GLN C 34 11.54 -13.36 -22.70
N PHE C 35 10.60 -13.76 -23.57
CA PHE C 35 9.41 -12.95 -23.77
C PHE C 35 8.54 -12.92 -22.52
N THR C 36 8.57 -13.99 -21.72
CA THR C 36 7.83 -13.99 -20.47
C THR C 36 8.41 -13.00 -19.45
N ASP C 37 9.66 -12.58 -19.64
CA ASP C 37 10.26 -11.58 -18.76
C ASP C 37 9.60 -10.21 -18.89
N TYR C 38 8.78 -10.00 -19.93
CA TYR C 38 8.08 -8.74 -20.09
C TYR C 38 7.24 -8.41 -18.86
N ASN C 39 6.69 -9.44 -18.21
CA ASN C 39 5.90 -9.21 -17.00
C ASN C 39 6.74 -8.65 -15.87
N THR C 40 8.06 -8.73 -15.96
CA THR C 40 8.96 -8.19 -14.95
C THR C 40 9.46 -6.79 -15.29
N PHE C 41 10.02 -6.60 -16.49
CA PHE C 41 10.56 -5.30 -16.86
C PHE C 41 9.51 -4.36 -17.44
N LYS C 42 8.24 -4.77 -17.45
CA LYS C 42 7.16 -3.82 -17.75
C LYS C 42 7.13 -2.69 -16.73
N ARG C 43 7.58 -2.96 -15.51
CA ARG C 43 7.61 -1.98 -14.43
C ARG C 43 9.03 -1.72 -13.93
N TYR C 44 10.02 -1.91 -14.81
CA TYR C 44 11.42 -1.72 -14.47
C TYR C 44 11.71 -0.23 -14.40
N THR C 45 11.59 0.33 -13.20
CA THR C 45 11.80 1.75 -12.97
C THR C 45 12.95 1.96 -11.99
N THR C 46 13.91 2.80 -12.37
CA THR C 46 15.01 3.14 -11.48
C THR C 46 14.55 4.04 -10.34
N SER C 47 13.57 4.90 -10.59
CA SER C 47 13.12 5.85 -9.58
C SER C 47 12.50 5.12 -8.40
N LYS C 48 12.86 5.56 -7.19
CA LYS C 48 12.33 4.97 -5.98
C LYS C 48 10.89 5.42 -5.75
N LYS C 49 10.08 4.51 -5.20
CA LYS C 49 8.69 4.82 -4.89
C LYS C 49 8.61 6.01 -3.93
N ASP C 50 7.73 6.95 -4.25
CA ASP C 50 7.52 8.14 -3.42
C ASP C 50 6.38 7.84 -2.44
N HIS C 51 6.71 7.83 -1.14
CA HIS C 51 5.70 7.56 -0.13
C HIS C 51 4.69 8.70 -0.02
N ALA C 52 5.09 9.91 -0.38
CA ALA C 52 4.22 11.08 -0.31
C ALA C 52 4.26 11.82 -1.63
N PRO C 53 3.56 11.30 -2.65
CA PRO C 53 3.50 12.01 -3.94
C PRO C 53 2.57 13.20 -3.91
N GLN C 54 1.55 13.17 -3.03
CA GLN C 54 0.67 14.32 -2.89
C GLN C 54 1.38 15.52 -2.29
N MET C 55 2.54 15.31 -1.69
CA MET C 55 3.29 16.34 -1.00
C MET C 55 4.21 17.12 -1.94
N ARG C 56 4.35 16.68 -3.19
CA ARG C 56 5.12 17.39 -4.20
C ARG C 56 4.27 18.11 -5.22
N LEU C 57 2.94 17.94 -5.17
CA LEU C 57 2.08 18.48 -6.22
C LEU C 57 2.14 20.00 -6.27
N VAL C 58 2.18 20.65 -5.11
CA VAL C 58 2.17 22.11 -5.08
C VAL C 58 3.40 22.67 -5.78
N TYR C 59 4.56 22.10 -5.50
CA TYR C 59 5.79 22.54 -6.17
C TYR C 59 5.78 22.16 -7.65
N SER C 60 5.34 20.93 -7.97
CA SER C 60 5.40 20.46 -9.35
C SER C 60 4.53 21.31 -10.28
N VAL C 61 3.34 21.69 -9.81
CA VAL C 61 2.45 22.50 -10.63
C VAL C 61 3.05 23.88 -10.86
N ARG C 62 3.76 24.42 -9.88
CA ARG C 62 4.27 25.78 -9.93
C ARG C 62 5.69 25.87 -10.49
N LYS C 63 6.27 24.76 -10.94
CA LYS C 63 7.54 24.82 -11.64
C LYS C 63 7.35 25.45 -13.02
N PRO C 64 8.41 25.97 -13.62
CA PRO C 64 8.34 26.34 -15.04
C PRO C 64 8.30 25.07 -15.89
N TRP C 65 7.40 25.06 -16.87
CA TRP C 65 7.16 23.92 -17.76
C TRP C 65 6.78 22.68 -16.94
N PRO C 66 5.62 22.68 -16.28
CA PRO C 66 5.26 21.52 -15.46
C PRO C 66 4.92 20.28 -16.25
N ILE C 67 4.36 20.44 -17.45
CA ILE C 67 3.73 19.35 -18.19
C ILE C 67 4.66 18.90 -19.31
N SER C 68 4.82 17.58 -19.44
CA SER C 68 5.57 17.01 -20.55
C SER C 68 4.62 16.64 -21.68
N MET C 69 4.92 17.10 -22.88
CA MET C 69 4.05 16.92 -24.03
C MET C 69 4.82 16.28 -25.18
N THR C 70 4.09 15.56 -26.02
CA THR C 70 4.67 15.09 -27.28
C THR C 70 4.81 16.27 -28.24
N PRO C 71 5.92 16.35 -28.98
CA PRO C 71 6.11 17.48 -29.89
C PRO C 71 4.98 17.58 -30.90
N SER C 72 4.53 18.81 -31.15
CA SER C 72 3.43 19.06 -32.07
C SER C 72 3.48 20.50 -32.53
N LYS C 73 2.75 20.79 -33.60
CA LYS C 73 2.68 22.12 -34.17
C LYS C 73 1.35 22.81 -33.94
N GLU C 74 0.34 22.09 -33.44
CA GLU C 74 -0.98 22.67 -33.22
C GLU C 74 -1.02 23.61 -32.03
N ILE C 75 0.00 23.62 -31.19
CA ILE C 75 0.09 24.51 -30.03
C ILE C 75 1.16 25.57 -30.33
N PRO C 76 0.81 26.85 -30.39
CA PRO C 76 1.80 27.87 -30.70
C PRO C 76 2.90 27.93 -29.64
N LEU C 77 4.11 28.29 -30.08
CA LEU C 77 5.22 28.44 -29.16
C LEU C 77 4.96 29.58 -28.19
N VAL C 78 4.44 30.71 -28.69
CA VAL C 78 4.08 31.86 -27.86
C VAL C 78 2.67 32.28 -28.25
N PHE C 79 1.78 32.35 -27.27
CA PHE C 79 0.39 32.72 -27.49
C PHE C 79 0.06 33.94 -26.63
N ASN C 80 -0.07 35.09 -27.27
CA ASN C 80 -0.43 36.35 -26.62
C ASN C 80 0.53 36.60 -25.45
N GLY C 81 1.81 36.75 -25.80
CA GLY C 81 2.83 37.06 -24.83
C GLY C 81 3.17 35.96 -23.85
N THR C 82 2.57 34.79 -24.00
CA THR C 82 2.77 33.67 -23.07
C THR C 82 3.45 32.53 -23.82
N LYS C 83 4.60 32.10 -23.32
CA LYS C 83 5.34 31.00 -23.93
C LYS C 83 4.73 29.68 -23.46
N LEU C 84 4.19 28.91 -24.40
CA LEU C 84 3.45 27.71 -24.06
C LEU C 84 4.32 26.46 -23.99
N LYS C 85 5.40 26.40 -24.74
CA LYS C 85 6.24 25.22 -24.79
C LYS C 85 7.71 25.62 -24.68
N ASP C 86 8.53 24.67 -24.23
CA ASP C 86 9.95 24.90 -24.04
C ASP C 86 10.76 24.79 -25.32
N THR C 87 10.13 24.32 -26.41
CA THR C 87 10.76 24.07 -27.72
C THR C 87 12.24 23.67 -27.64
N ARG C 96 11.79 14.84 -24.05
CA ARG C 96 10.84 15.48 -24.95
C ARG C 96 10.69 16.97 -24.64
N THR C 97 9.72 17.61 -25.28
CA THR C 97 9.42 19.00 -25.01
C THR C 97 8.44 19.12 -23.84
N ARG C 98 8.55 20.21 -23.11
CA ARG C 98 7.76 20.45 -21.91
C ARG C 98 6.78 21.59 -22.14
N ALA C 99 5.58 21.45 -21.59
CA ALA C 99 4.49 22.38 -21.81
C ALA C 99 4.23 23.22 -20.58
N ASN C 100 3.69 24.41 -20.80
CA ASN C 100 3.26 25.27 -19.71
C ASN C 100 2.02 24.68 -19.04
N ILE C 101 1.79 25.09 -17.79
CA ILE C 101 0.65 24.59 -17.04
C ILE C 101 -0.67 25.02 -17.67
N VAL C 102 -0.67 26.13 -18.42
CA VAL C 102 -1.88 26.62 -19.06
C VAL C 102 -2.15 25.98 -20.41
N VAL C 103 -1.28 25.07 -20.85
CA VAL C 103 -1.49 24.43 -22.16
C VAL C 103 -2.81 23.67 -22.24
N PRO C 104 -3.18 22.84 -21.26
CA PRO C 104 -4.52 22.23 -21.32
C PRO C 104 -5.64 23.23 -21.35
N ASP C 105 -5.47 24.38 -20.69
CA ASP C 105 -6.48 25.43 -20.75
C ASP C 105 -6.60 26.00 -22.16
N TYR C 106 -5.46 26.19 -22.85
CA TYR C 106 -5.50 26.65 -24.23
C TYR C 106 -6.16 25.62 -25.14
N TRP C 107 -5.83 24.34 -24.94
CA TRP C 107 -6.39 23.29 -25.78
C TRP C 107 -7.91 23.19 -25.64
N SER C 108 -8.46 23.62 -24.51
CA SER C 108 -9.90 23.58 -24.31
C SER C 108 -10.65 24.65 -25.11
N LYS C 109 -9.94 25.59 -25.72
CA LYS C 109 -10.56 26.67 -26.48
C LYS C 109 -10.10 26.73 -27.93
N TYR C 110 -8.81 26.55 -28.19
CA TYR C 110 -8.25 26.63 -29.54
C TYR C 110 -7.53 25.36 -29.93
N GLY C 111 -8.10 24.21 -29.58
CA GLY C 111 -7.52 22.93 -29.91
C GLY C 111 -8.17 22.28 -31.12
N SER C 112 -7.57 21.18 -31.56
CA SER C 112 -8.10 20.41 -32.69
C SER C 112 -9.20 19.48 -32.20
N GLN C 113 -10.30 19.45 -32.93
CA GLN C 113 -11.47 18.68 -32.52
C GLN C 113 -11.44 17.28 -33.15
N THR C 114 -12.23 16.39 -32.56
CA THR C 114 -12.36 15.01 -33.02
C THR C 114 -13.81 14.75 -33.39
N SER C 115 -14.08 13.53 -33.85
CA SER C 115 -15.43 13.17 -34.26
C SER C 115 -16.31 12.99 -33.03
N LEU C 116 -17.62 13.17 -33.24
CA LEU C 116 -18.59 12.94 -32.17
C LEU C 116 -18.65 11.47 -31.79
N GLU C 117 -18.42 10.57 -32.73
CA GLU C 117 -18.41 9.14 -32.42
C GLU C 117 -17.28 8.80 -31.45
N VAL C 118 -16.11 9.41 -31.63
CA VAL C 118 -15.01 9.17 -30.72
C VAL C 118 -15.34 9.69 -29.32
N VAL C 119 -15.99 10.86 -29.24
CA VAL C 119 -16.39 11.40 -27.95
C VAL C 119 -17.38 10.47 -27.27
N ASN C 120 -18.37 9.97 -28.02
CA ASN C 120 -19.37 9.08 -27.43
C ASN C 120 -18.73 7.80 -26.93
N ALA C 121 -17.79 7.23 -27.69
CA ALA C 121 -17.12 6.01 -27.25
C ALA C 121 -16.25 6.26 -26.03
N ILE C 122 -15.54 7.40 -26.00
CA ILE C 122 -14.68 7.71 -24.86
C ILE C 122 -15.52 7.91 -23.60
N LEU C 123 -16.63 8.63 -23.72
CA LEU C 123 -17.51 8.86 -22.57
C LEU C 123 -18.41 7.67 -22.27
N TYR C 124 -18.36 6.62 -23.07
CA TYR C 124 -19.13 5.42 -22.78
C TYR C 124 -18.63 4.79 -21.48
N ALA C 125 -19.56 4.12 -20.78
CA ALA C 125 -19.33 3.50 -19.48
C ALA C 125 -19.20 4.55 -18.38
N GLU C 126 -19.14 5.82 -18.77
CA GLU C 126 -19.22 6.95 -17.85
C GLU C 126 -20.48 7.77 -18.06
N ASP C 127 -20.88 7.96 -19.31
CA ASP C 127 -22.17 8.57 -19.60
C ASP C 127 -23.31 7.66 -19.12
N LEU C 128 -23.11 6.34 -19.18
CA LEU C 128 -24.12 5.41 -18.70
C LEU C 128 -24.39 5.58 -17.22
N LYS C 129 -23.34 5.78 -16.42
CA LYS C 129 -23.53 5.98 -14.99
C LYS C 129 -24.31 7.25 -14.71
N VAL C 130 -24.05 8.32 -15.47
CA VAL C 130 -24.79 9.56 -15.29
C VAL C 130 -26.25 9.37 -15.67
N GLN C 131 -26.52 8.66 -16.77
CA GLN C 131 -27.91 8.41 -17.16
C GLN C 131 -28.63 7.60 -16.10
N ARG C 132 -27.98 6.58 -15.55
CA ARG C 132 -28.62 5.75 -14.52
C ARG C 132 -28.95 6.57 -13.29
N PHE C 133 -28.07 7.52 -12.91
CA PHE C 133 -28.36 8.37 -11.77
C PHE C 133 -29.59 9.23 -12.00
N PHE C 134 -29.70 9.82 -13.18
CA PHE C 134 -30.76 10.78 -13.46
C PHE C 134 -32.03 10.13 -14.01
N SER C 135 -31.99 8.85 -14.37
CA SER C 135 -33.17 8.16 -14.87
C SER C 135 -33.92 7.44 -13.77
N THR C 136 -33.47 7.52 -12.53
CA THR C 136 -34.13 6.87 -11.41
C THR C 136 -34.75 7.90 -10.49
N GLU C 137 -35.89 7.56 -9.90
CA GLU C 137 -36.59 8.44 -8.99
C GLU C 137 -36.35 8.01 -7.55
N TRP C 138 -36.26 9.02 -6.67
CA TRP C 138 -35.89 8.81 -5.28
C TRP C 138 -37.12 8.92 -4.39
N GLY C 139 -37.27 7.96 -3.48
CA GLY C 139 -38.31 8.05 -2.47
C GLY C 139 -37.90 8.96 -1.33
N GLU C 140 -38.81 9.13 -0.39
CA GLU C 140 -38.54 9.96 0.77
C GLU C 140 -37.49 9.31 1.66
N ILE C 141 -36.62 10.14 2.23
CA ILE C 141 -35.61 9.64 3.17
C ILE C 141 -36.31 9.23 4.47
N ARG C 142 -35.97 8.05 4.97
CA ARG C 142 -36.50 7.55 6.23
C ARG C 142 -35.37 7.48 7.25
N TYR C 143 -35.57 8.09 8.41
CA TYR C 143 -34.60 8.09 9.49
C TYR C 143 -35.04 7.11 10.57
N GLY C 144 -34.12 6.27 11.01
CA GLY C 144 -34.44 5.30 12.05
C GLY C 144 -33.20 4.55 12.46
N ARG C 145 -33.36 3.74 13.52
CA ARG C 145 -32.29 2.87 13.99
C ARG C 145 -32.16 1.70 13.02
N MET C 146 -31.16 1.78 12.14
CA MET C 146 -30.96 0.80 11.09
C MET C 146 -29.48 0.44 11.03
N LEU C 147 -29.20 -0.85 10.83
CA LEU C 147 -27.85 -1.36 10.99
C LEU C 147 -27.25 -1.72 9.64
N PRO C 148 -26.30 -0.94 9.12
CA PRO C 148 -25.66 -1.30 7.85
C PRO C 148 -24.68 -2.46 8.01
N PHE C 149 -25.04 -3.62 7.48
CA PHE C 149 -24.14 -4.76 7.46
C PHE C 149 -23.60 -4.95 6.05
N ARG C 150 -22.29 -5.08 5.92
CA ARG C 150 -21.62 -5.06 4.63
C ARG C 150 -21.43 -6.47 4.11
N LYS C 151 -21.80 -6.69 2.85
CA LYS C 151 -21.57 -7.93 2.13
C LYS C 151 -20.91 -7.60 0.80
N PRO C 152 -20.20 -8.56 0.21
CA PRO C 152 -19.60 -8.32 -1.11
C PRO C 152 -20.64 -8.48 -2.21
N VAL C 153 -20.85 -7.43 -2.99
CA VAL C 153 -21.80 -7.43 -4.09
C VAL C 153 -21.16 -6.77 -5.31
N GLN C 154 -21.75 -7.02 -6.47
CA GLN C 154 -21.28 -6.40 -7.70
C GLN C 154 -21.47 -4.90 -7.65
N ALA C 155 -20.36 -4.15 -7.70
CA ALA C 155 -20.41 -2.71 -7.47
C ALA C 155 -21.15 -1.98 -8.60
N CYS C 156 -20.82 -2.30 -9.84
CA CYS C 156 -21.33 -1.54 -10.97
C CYS C 156 -22.11 -2.42 -11.93
N PRO C 157 -23.21 -1.93 -12.49
CA PRO C 157 -23.93 -2.69 -13.52
C PRO C 157 -23.06 -2.86 -14.76
N THR C 158 -23.29 -3.97 -15.46
CA THR C 158 -22.55 -4.30 -16.66
C THR C 158 -23.51 -4.52 -17.81
N ILE C 159 -23.00 -4.34 -19.03
CA ILE C 159 -23.81 -4.53 -20.23
C ILE C 159 -24.29 -5.98 -20.33
N GLU C 160 -23.39 -6.93 -20.07
CA GLU C 160 -23.73 -8.34 -20.03
C GLU C 160 -23.10 -8.98 -18.80
N GLU C 161 -23.79 -9.96 -18.24
CA GLU C 161 -23.25 -10.69 -17.09
C GLU C 161 -22.12 -11.60 -17.56
N VAL C 162 -20.91 -11.36 -17.03
CA VAL C 162 -19.71 -12.04 -17.47
C VAL C 162 -19.07 -12.72 -16.27
N ASN C 163 -18.80 -14.02 -16.40
CA ASN C 163 -18.11 -14.75 -15.35
C ASN C 163 -16.67 -14.23 -15.23
N PRO C 164 -16.20 -13.92 -14.02
CA PRO C 164 -14.78 -13.60 -13.86
C PRO C 164 -13.90 -14.74 -14.32
N ALA C 165 -12.66 -14.39 -14.68
CA ALA C 165 -11.66 -15.29 -15.28
C ALA C 165 -12.03 -15.59 -16.73
N SER C 166 -13.20 -15.13 -17.17
CA SER C 166 -13.54 -15.10 -18.58
C SER C 166 -13.57 -13.68 -19.12
N ILE C 167 -13.40 -12.68 -18.27
CA ILE C 167 -13.27 -11.29 -18.75
C ILE C 167 -12.09 -11.12 -19.70
N PRO C 168 -10.87 -11.59 -19.38
CA PRO C 168 -9.78 -11.43 -20.34
C PRO C 168 -10.03 -12.11 -21.68
N HIS C 169 -10.72 -13.25 -21.68
CA HIS C 169 -10.99 -13.95 -22.93
C HIS C 169 -12.03 -13.21 -23.76
N THR C 170 -13.01 -12.58 -23.09
CA THR C 170 -13.96 -11.73 -23.81
C THR C 170 -13.26 -10.53 -24.42
N LEU C 171 -12.29 -9.96 -23.71
CA LEU C 171 -11.56 -8.80 -24.23
C LEU C 171 -10.75 -9.17 -25.46
N LEU C 172 -10.17 -10.37 -25.47
CA LEU C 172 -9.34 -10.78 -26.61
C LEU C 172 -10.15 -10.83 -27.89
N GLN C 173 -11.38 -11.36 -27.82
CA GLN C 173 -12.22 -11.45 -29.01
C GLN C 173 -12.54 -10.06 -29.56
N VAL C 174 -12.75 -9.09 -28.67
CA VAL C 174 -13.13 -7.74 -29.12
C VAL C 174 -11.94 -7.04 -29.78
N PHE C 175 -10.76 -7.14 -29.19
CA PHE C 175 -9.62 -6.34 -29.59
C PHE C 175 -8.68 -7.05 -30.55
N CYS C 176 -8.22 -8.25 -30.20
CA CYS C 176 -7.29 -9.01 -31.03
C CYS C 176 -7.79 -10.45 -31.18
N PRO C 177 -8.91 -10.64 -31.90
CA PRO C 177 -9.43 -12.00 -32.08
C PRO C 177 -8.51 -12.89 -32.89
N GLN C 178 -7.60 -12.32 -33.68
CA GLN C 178 -6.68 -13.13 -34.46
C GLN C 178 -5.57 -13.73 -33.60
N TYR C 179 -5.19 -13.05 -32.52
CA TYR C 179 -4.13 -13.52 -31.63
C TYR C 179 -4.73 -14.25 -30.42
N THR C 180 -5.41 -15.36 -30.69
CA THR C 180 -6.05 -16.10 -29.61
C THR C 180 -6.18 -17.56 -30.03
N THR C 181 -6.44 -18.41 -29.04
CA THR C 181 -6.59 -19.85 -29.24
C THR C 181 -8.06 -20.22 -29.33
N LEU C 182 -8.30 -21.50 -29.66
CA LEU C 182 -9.67 -21.99 -29.72
C LEU C 182 -10.30 -22.06 -28.33
N ASP C 183 -9.53 -22.49 -27.33
CA ASP C 183 -10.07 -22.59 -25.97
C ASP C 183 -10.35 -21.22 -25.38
N SER C 184 -9.46 -20.24 -25.63
CA SER C 184 -9.73 -18.88 -25.21
C SER C 184 -10.94 -18.31 -25.93
N LYS C 185 -11.08 -18.63 -27.23
CA LYS C 185 -12.28 -18.28 -27.96
C LYS C 185 -13.51 -18.95 -27.36
N ARG C 186 -13.38 -20.22 -26.96
CA ARG C 186 -14.52 -20.94 -26.41
C ARG C 186 -14.96 -20.37 -25.08
N LYS C 187 -14.02 -20.06 -24.19
CA LYS C 187 -14.34 -19.54 -22.87
C LYS C 187 -14.44 -18.01 -22.85
N ALA C 188 -15.18 -17.47 -23.82
CA ALA C 188 -15.42 -16.04 -23.93
C ALA C 188 -16.90 -15.79 -24.07
N HIS C 189 -17.40 -14.76 -23.40
CA HIS C 189 -18.83 -14.45 -23.43
C HIS C 189 -19.20 -13.86 -24.77
N MET C 190 -19.91 -14.64 -25.59
CA MET C 190 -20.45 -14.15 -26.85
C MET C 190 -21.77 -13.45 -26.59
N GLY C 191 -22.00 -12.36 -27.31
CA GLY C 191 -23.12 -11.49 -27.01
C GLY C 191 -22.61 -10.22 -26.34
N ALA C 192 -21.64 -10.38 -25.45
CA ALA C 192 -20.93 -9.23 -24.90
C ALA C 192 -19.82 -8.78 -25.83
N VAL C 193 -19.28 -9.69 -26.65
CA VAL C 193 -18.27 -9.31 -27.62
C VAL C 193 -18.85 -8.39 -28.68
N GLU C 194 -20.05 -8.72 -29.17
CA GLU C 194 -20.65 -7.92 -30.25
C GLU C 194 -21.15 -6.56 -29.73
N LYS C 195 -21.65 -6.51 -28.50
CA LYS C 195 -21.97 -5.21 -27.91
C LYS C 195 -20.71 -4.37 -27.72
N LEU C 196 -19.65 -4.98 -27.19
CA LEU C 196 -18.41 -4.25 -26.98
C LEU C 196 -17.79 -3.81 -28.29
N LYS C 197 -17.82 -4.67 -29.31
CA LYS C 197 -17.20 -4.32 -30.59
C LYS C 197 -17.92 -3.15 -31.24
N ARG C 198 -19.25 -3.12 -31.16
CA ARG C 198 -20.01 -2.04 -31.79
C ARG C 198 -19.74 -0.69 -31.12
N VAL C 199 -19.71 -0.66 -29.78
CA VAL C 199 -19.55 0.61 -29.09
C VAL C 199 -18.11 1.07 -29.01
N MET C 200 -17.14 0.15 -29.06
CA MET C 200 -15.73 0.50 -28.98
C MET C 200 -15.10 0.70 -30.35
N GLU C 201 -15.86 0.49 -31.43
CA GLU C 201 -15.29 0.50 -32.77
C GLU C 201 -14.55 1.79 -33.11
N PRO C 202 -15.08 2.99 -32.85
CA PRO C 202 -14.34 4.20 -33.23
C PRO C 202 -13.02 4.40 -32.51
N ILE C 203 -12.80 3.70 -31.39
CA ILE C 203 -11.59 3.89 -30.60
C ILE C 203 -10.73 2.64 -30.53
N CYS C 204 -11.09 1.59 -31.29
CA CYS C 204 -10.22 0.42 -31.42
C CYS C 204 -9.23 0.69 -32.55
N LYS C 205 -8.16 1.40 -32.20
CA LYS C 205 -7.11 1.75 -33.14
C LYS C 205 -5.76 1.60 -32.45
N VAL C 206 -4.69 1.93 -33.18
CA VAL C 206 -3.35 1.82 -32.62
C VAL C 206 -3.17 2.81 -31.47
N GLN C 207 -3.78 3.99 -31.57
CA GLN C 207 -3.79 4.93 -30.48
C GLN C 207 -5.03 4.72 -29.62
N THR C 208 -4.91 5.04 -28.33
CA THR C 208 -5.97 4.84 -27.34
C THR C 208 -6.43 3.39 -27.28
N GLN C 209 -5.53 2.46 -27.61
CA GLN C 209 -5.84 1.05 -27.46
C GLN C 209 -5.87 0.65 -25.99
N GLU C 210 -4.91 1.15 -25.20
CA GLU C 210 -4.92 0.87 -23.76
C GLU C 210 -6.10 1.54 -23.07
N SER C 211 -6.52 2.70 -23.55
CA SER C 211 -7.72 3.33 -23.00
C SER C 211 -8.96 2.52 -23.32
N ALA C 212 -9.13 2.14 -24.60
CA ALA C 212 -10.32 1.40 -25.01
C ALA C 212 -10.45 0.09 -24.25
N VAL C 213 -9.34 -0.54 -23.90
CA VAL C 213 -9.39 -1.74 -23.07
C VAL C 213 -9.92 -1.41 -21.69
N HIS C 214 -9.53 -0.26 -21.14
CA HIS C 214 -9.98 0.13 -19.80
C HIS C 214 -11.48 0.33 -19.75
N ILE C 215 -12.04 1.04 -20.73
CA ILE C 215 -13.50 1.17 -20.80
C ILE C 215 -14.15 -0.18 -21.06
N ALA C 216 -13.50 -1.02 -21.88
CA ALA C 216 -14.04 -2.35 -22.15
C ALA C 216 -14.09 -3.19 -20.88
N ARG C 217 -13.04 -3.12 -20.05
CA ARG C 217 -13.05 -3.86 -18.79
C ARG C 217 -14.19 -3.39 -17.89
N SER C 218 -14.28 -2.08 -17.65
CA SER C 218 -15.28 -1.54 -16.74
C SER C 218 -16.70 -1.83 -17.21
N LEU C 219 -16.89 -2.08 -18.50
CA LEU C 219 -18.23 -2.36 -19.02
C LEU C 219 -18.69 -3.77 -18.70
N ILE C 220 -17.77 -4.69 -18.41
CA ILE C 220 -18.13 -6.08 -18.14
C ILE C 220 -17.44 -6.57 -16.87
N ASP C 221 -16.86 -5.66 -16.09
CA ASP C 221 -16.18 -6.04 -14.86
C ASP C 221 -17.22 -6.28 -13.77
N SER C 222 -17.21 -7.47 -13.19
CA SER C 222 -18.15 -7.85 -12.14
C SER C 222 -17.44 -8.02 -10.80
N ASN C 223 -16.48 -7.14 -10.52
CA ASN C 223 -15.76 -7.21 -9.26
C ASN C 223 -16.71 -6.92 -8.09
N LYS C 224 -16.45 -7.58 -6.96
CA LYS C 224 -17.27 -7.44 -5.78
C LYS C 224 -16.57 -6.57 -4.75
N LYS C 225 -17.33 -5.65 -4.16
CA LYS C 225 -16.83 -4.76 -3.12
C LYS C 225 -17.72 -4.86 -1.89
N TRP C 226 -17.14 -4.52 -0.74
CA TRP C 226 -17.86 -4.54 0.53
C TRP C 226 -18.57 -3.21 0.69
N LEU C 227 -19.90 -3.22 0.66
CA LEU C 227 -20.70 -2.02 0.68
C LEU C 227 -21.76 -2.11 1.75
N PRO C 228 -22.16 -0.98 2.34
CA PRO C 228 -23.22 -1.01 3.34
C PRO C 228 -24.55 -1.44 2.73
N THR C 229 -25.27 -2.29 3.46
CA THR C 229 -26.54 -2.83 3.00
C THR C 229 -27.57 -2.75 4.11
N VAL C 230 -28.73 -2.17 3.80
CA VAL C 230 -29.93 -2.36 4.60
C VAL C 230 -30.82 -3.43 4.01
N VAL C 231 -31.01 -3.39 2.68
CA VAL C 231 -31.58 -4.49 1.93
C VAL C 231 -30.52 -4.95 0.93
N ASP C 232 -30.76 -6.11 0.32
CA ASP C 232 -29.82 -6.64 -0.65
C ASP C 232 -29.72 -5.70 -1.84
N HIS C 233 -28.48 -5.35 -2.22
CA HIS C 233 -28.24 -4.43 -3.32
C HIS C 233 -28.21 -5.16 -4.65
N THR C 234 -29.03 -4.67 -5.59
CA THR C 234 -28.82 -4.98 -6.99
C THR C 234 -27.60 -4.23 -7.49
N PRO C 235 -27.04 -4.64 -8.63
CA PRO C 235 -25.90 -3.89 -9.18
C PRO C 235 -26.22 -2.42 -9.42
N ARG C 236 -27.47 -2.10 -9.72
CA ARG C 236 -27.85 -0.70 -9.92
C ARG C 236 -27.69 0.11 -8.64
N THR C 237 -28.13 -0.43 -7.52
CA THR C 237 -28.10 0.29 -6.25
C THR C 237 -26.78 0.15 -5.51
N ALA C 238 -25.90 -0.76 -5.95
CA ALA C 238 -24.62 -0.92 -5.28
C ALA C 238 -23.67 0.24 -5.60
N GLU C 239 -23.71 0.75 -6.82
CA GLU C 239 -22.87 1.89 -7.18
C GLU C 239 -23.30 3.18 -6.50
N MET C 240 -24.49 3.18 -5.87
CA MET C 240 -24.99 4.37 -5.18
C MET C 240 -25.15 4.12 -3.68
N ALA C 241 -24.58 3.05 -3.15
CA ALA C 241 -24.74 2.71 -1.74
C ALA C 241 -24.10 3.73 -0.80
N HIS C 242 -23.26 4.63 -1.32
CA HIS C 242 -22.64 5.62 -0.46
C HIS C 242 -23.65 6.63 0.09
N PHE C 243 -24.82 6.76 -0.54
CA PHE C 243 -25.84 7.65 -0.02
C PHE C 243 -27.23 7.01 0.11
N LEU C 244 -27.41 5.78 -0.38
CA LEU C 244 -28.71 5.12 -0.21
C LEU C 244 -28.97 4.74 1.24
N CYS C 245 -27.93 4.29 1.95
CA CYS C 245 -28.10 3.78 3.31
C CYS C 245 -26.97 4.29 4.19
N SER C 246 -27.26 4.34 5.49
CA SER C 246 -26.28 4.68 6.51
C SER C 246 -26.81 4.18 7.85
N LYS C 247 -26.12 4.53 8.92
CA LYS C 247 -26.52 4.09 10.26
C LYS C 247 -27.85 4.69 10.69
N TYR C 248 -28.23 5.85 10.14
CA TYR C 248 -29.40 6.57 10.61
C TYR C 248 -30.45 6.84 9.55
N HIS C 249 -30.18 6.55 8.28
CA HIS C 249 -31.12 6.88 7.22
C HIS C 249 -31.12 5.78 6.16
N TYR C 250 -32.24 5.68 5.46
CA TYR C 250 -32.39 4.77 4.32
C TYR C 250 -33.20 5.47 3.24
N VAL C 251 -32.77 5.31 2.00
CA VAL C 251 -33.42 5.91 0.84
C VAL C 251 -34.00 4.79 -0.02
N HIS C 252 -35.26 4.93 -0.41
CA HIS C 252 -35.94 3.93 -1.22
C HIS C 252 -35.85 4.31 -2.68
N THR C 253 -35.42 3.37 -3.52
CA THR C 253 -35.29 3.57 -4.96
C THR C 253 -36.38 2.77 -5.66
N ASN C 254 -37.11 3.43 -6.55
CA ASN C 254 -38.16 2.77 -7.31
C ASN C 254 -37.65 2.28 -8.66
PG ATP D 1 22.70 21.66 24.18
O1G ATP D 1 23.86 22.09 23.35
O2G ATP D 1 22.45 22.57 25.38
O3G ATP D 1 22.79 20.21 24.64
PB ATP D 1 20.69 22.56 22.14
O1B ATP D 1 21.17 22.10 20.82
O2B ATP D 1 19.18 22.51 22.33
O3B ATP D 1 21.34 21.73 23.33
PA ATP D 1 22.53 24.86 22.47
O1A ATP D 1 23.49 24.30 21.50
O2A ATP D 1 23.03 24.90 23.92
O3A ATP D 1 21.16 24.04 22.46
O5' ATP D 1 22.08 26.31 22.05
C5' ATP D 1 21.88 27.34 23.03
C4' ATP D 1 21.16 28.49 22.38
O4' ATP D 1 21.74 28.76 21.08
C3' ATP D 1 19.68 28.26 22.09
O3' ATP D 1 18.88 28.55 23.23
C2' ATP D 1 19.43 29.23 20.94
O2' ATP D 1 19.23 30.56 21.40
C1' ATP D 1 20.73 29.11 20.15
N9 ATP D 1 20.70 28.10 19.11
C8 ATP D 1 21.25 26.84 19.15
N7 ATP D 1 21.05 26.14 18.06
C5 ATP D 1 20.34 26.99 17.23
C6 ATP D 1 19.82 26.85 15.94
N6 ATP D 1 19.96 25.74 15.20
N1 ATP D 1 19.15 27.89 15.41
C2 ATP D 1 19.01 29.00 16.13
N3 ATP D 1 19.44 29.26 17.37
C4 ATP D 1 20.11 28.20 17.87
#